data_6TTF
#
_entry.id   6TTF
#
_cell.length_a   1.00
_cell.length_b   1.00
_cell.length_c   1.00
_cell.angle_alpha   90.00
_cell.angle_beta   90.00
_cell.angle_gamma   90.00
#
_symmetry.space_group_name_H-M   'P 1'
#
loop_
_entity.id
_entity.type
_entity.pdbx_description
1 polymer 'Pyruvate kinase PKM'
2 non-polymer 5-hydroxynaphthalene-1-sulfonamide
3 non-polymer 1,6-di-O-phosphono-beta-D-fructofuranose
4 water water
#
_entity_poly.entity_id   1
_entity_poly.type   'polypeptide(L)'
_entity_poly.pdbx_seq_one_letter_code
;MGSSHHHHHHSSGLVPRGSKPHSEAGTAFIQTQQLHAAMADTFLEHMCRLDIDSPPITARNTGIICTIGPASRSVETLKE
MIKSGMNVARLNFSHGTHEYHAETIKNVRTATESFASDPILYRPVAVALDTKGPEIRTGLIKGSGTAEVELKKGATLKIT
LDNAYMEKCDENILWLDYKNICKVVEVGSKIYVDDGLISLQVKQKGADFLVTEVENGGSLGSKKGVNLPGAAVDLPAVSE
KDIQDLKFGVEQDVDMVFASFIRKASDVHEVRKVLGEKGKNIKIISKIENHEGVRRFDEILEASDGIMVARGDLGIEIPA
EKVFLAQKMMIGRCNRAGKPVICATQMLESMIKKPRPTRAEGSDVANAVLDGADCIMLSGETAKGDYPLEAVRMQHLIAR
EAEAAIYHLQLFEELRRLAPITSDPTEATAVGAVEASFKCCSGAIIVLTKSGRSAHQVARYRPRAPIIAVTRNPQTARQA
HLYRGIFPVLCKDPVQEAWAEDVDLRVNFAMNVGKARGFFKKGDVVIVLTGWRPGSGFTNTMRVVPVP
;
_entity_poly.pdbx_strand_id   A,B,C,D
#
# COMPACT_ATOMS: atom_id res chain seq x y z
N LEU A 35 -24.42 -4.36 -2.37
CA LEU A 35 -24.97 -3.47 -1.30
C LEU A 35 -24.26 -2.10 -1.37
N HIS A 36 -23.53 -1.74 -0.31
CA HIS A 36 -22.73 -0.51 -0.24
C HIS A 36 -21.54 -0.63 -1.20
N ALA A 37 -21.30 0.42 -2.00
CA ALA A 37 -20.27 0.44 -3.07
C ALA A 37 -18.85 0.41 -2.48
N ALA A 38 -17.87 -0.01 -3.29
CA ALA A 38 -16.47 -0.18 -2.86
C ALA A 38 -15.86 1.18 -2.49
N MET A 39 -15.25 1.22 -1.30
CA MET A 39 -14.65 2.42 -0.74
C MET A 39 -13.36 2.78 -1.49
N ALA A 40 -12.88 4.00 -1.28
CA ALA A 40 -11.81 4.61 -2.08
C ALA A 40 -10.49 3.86 -1.88
N ASP A 41 -9.68 3.91 -2.93
CA ASP A 41 -8.41 3.19 -2.95
C ASP A 41 -7.29 3.88 -2.17
N THR A 42 -7.49 5.16 -1.84
CA THR A 42 -6.48 5.95 -1.14
C THR A 42 -7.17 6.88 -0.14
N PHE A 43 -6.38 7.38 0.82
CA PHE A 43 -6.91 8.28 1.86
C PHE A 43 -7.23 9.65 1.28
N LEU A 44 -6.52 10.09 0.25
CA LEU A 44 -6.95 11.32 -0.35
C LEU A 44 -8.23 11.08 -1.14
N GLU A 45 -8.30 9.99 -1.91
CA GLU A 45 -9.53 9.68 -2.65
C GLU A 45 -10.72 9.56 -1.67
N HIS A 46 -10.45 8.97 -0.51
CA HIS A 46 -11.44 8.69 0.53
C HIS A 46 -12.09 10.01 0.99
N MET A 47 -11.26 10.88 1.56
CA MET A 47 -11.60 12.22 1.97
C MET A 47 -12.52 12.84 0.93
N CYS A 48 -12.10 12.87 -0.35
CA CYS A 48 -12.78 13.67 -1.40
C CYS A 48 -14.23 13.21 -1.62
N ARG A 49 -14.52 12.00 -1.18
CA ARG A 49 -15.76 11.37 -1.50
C ARG A 49 -16.77 11.60 -0.37
N LEU A 50 -16.37 12.22 0.74
CA LEU A 50 -17.25 12.36 1.90
C LEU A 50 -18.46 13.21 1.52
N ASP A 51 -19.63 12.56 1.50
CA ASP A 51 -20.89 13.22 1.21
C ASP A 51 -21.45 13.72 2.53
N ILE A 52 -22.20 14.82 2.49
CA ILE A 52 -22.84 15.37 3.70
C ILE A 52 -24.37 15.17 3.62
N ASP A 53 -24.81 14.50 2.56
CA ASP A 53 -26.21 14.17 2.32
C ASP A 53 -26.48 12.70 2.64
N SER A 54 -25.44 12.00 3.10
CA SER A 54 -25.45 10.57 3.40
C SER A 54 -25.75 10.35 4.89
N PRO A 55 -26.96 9.85 5.25
CA PRO A 55 -27.28 9.73 6.69
C PRO A 55 -26.46 8.60 7.35
N PRO A 56 -26.04 8.79 8.62
CA PRO A 56 -25.29 7.74 9.33
C PRO A 56 -26.17 6.68 10.01
N ILE A 57 -25.55 5.52 10.28
CA ILE A 57 -26.04 4.39 11.12
C ILE A 57 -26.72 4.96 12.38
N THR A 58 -27.68 4.24 12.97
CA THR A 58 -28.37 4.68 14.21
C THR A 58 -27.45 4.47 15.43
N ALA A 59 -26.48 3.58 15.29
CA ALA A 59 -25.55 3.24 16.38
C ALA A 59 -24.58 4.40 16.63
N ARG A 60 -24.00 4.45 17.82
CA ARG A 60 -22.95 5.42 18.12
C ARG A 60 -21.84 4.71 18.93
N ASN A 61 -20.63 4.70 18.39
CA ASN A 61 -19.57 3.78 18.85
C ASN A 61 -18.68 4.37 19.94
N THR A 62 -18.73 5.65 20.25
CA THR A 62 -17.80 6.11 21.27
C THR A 62 -18.56 6.56 22.51
N GLY A 63 -18.21 6.04 23.67
CA GLY A 63 -19.00 6.35 24.87
C GLY A 63 -18.95 7.82 25.26
N ILE A 64 -19.89 8.22 26.14
CA ILE A 64 -19.94 9.59 26.71
C ILE A 64 -20.03 9.53 28.23
N ILE A 65 -18.96 10.10 28.78
CA ILE A 65 -18.69 10.32 30.19
C ILE A 65 -19.12 11.76 30.55
N CYS A 66 -20.09 11.89 31.45
CA CYS A 66 -20.43 13.18 32.02
C CYS A 66 -19.78 13.30 33.39
N THR A 67 -19.42 14.51 33.78
CA THR A 67 -19.04 14.73 35.15
C THR A 67 -20.25 15.29 35.88
N ILE A 68 -20.50 14.79 37.10
CA ILE A 68 -21.71 15.14 37.86
C ILE A 68 -21.35 16.23 38.88
N GLY A 69 -22.10 17.32 38.83
CA GLY A 69 -21.91 18.41 39.73
C GLY A 69 -23.25 18.97 40.16
N PRO A 70 -23.28 20.25 40.56
CA PRO A 70 -24.52 20.94 40.94
C PRO A 70 -25.62 20.92 39.86
N ALA A 71 -25.23 21.14 38.62
CA ALA A 71 -26.17 21.33 37.50
C ALA A 71 -26.86 20.01 37.09
N SER A 72 -26.50 18.89 37.74
CA SER A 72 -26.84 17.55 37.21
C SER A 72 -26.71 16.47 38.30
N ARG A 73 -27.04 16.80 39.55
CA ARG A 73 -27.09 15.82 40.63
C ARG A 73 -28.53 15.38 40.89
N SER A 74 -29.50 16.15 40.39
CA SER A 74 -30.92 15.88 40.59
C SER A 74 -31.31 14.62 39.83
N VAL A 75 -32.33 13.91 40.31
CA VAL A 75 -32.68 12.61 39.72
C VAL A 75 -33.49 12.86 38.43
N GLU A 76 -34.11 14.03 38.30
CA GLU A 76 -34.84 14.33 37.07
C GLU A 76 -33.84 14.59 35.93
N THR A 77 -32.78 15.31 36.24
CA THR A 77 -31.75 15.71 35.26
C THR A 77 -31.00 14.47 34.75
N LEU A 78 -30.57 13.63 35.69
CA LEU A 78 -29.84 12.40 35.44
C LEU A 78 -30.66 11.42 34.60
N LYS A 79 -31.92 11.18 34.96
CA LYS A 79 -32.84 10.40 34.12
C LYS A 79 -32.77 10.93 32.69
N GLU A 80 -32.89 12.26 32.53
CA GLU A 80 -33.02 12.91 31.22
C GLU A 80 -31.71 12.83 30.43
N MET A 81 -30.60 12.92 31.16
CA MET A 81 -29.23 12.73 30.64
C MET A 81 -29.08 11.29 30.11
N ILE A 82 -29.39 10.30 30.94
CA ILE A 82 -29.23 8.90 30.53
C ILE A 82 -29.90 8.71 29.17
N LYS A 83 -31.08 9.32 28.99
CA LYS A 83 -31.84 9.28 27.72
C LYS A 83 -31.00 9.87 26.56
N SER A 84 -30.28 10.95 26.84
CA SER A 84 -29.53 11.69 25.80
C SER A 84 -28.30 10.90 25.31
N GLY A 85 -27.72 10.07 26.18
CA GLY A 85 -26.56 9.25 25.82
C GLY A 85 -25.39 9.42 26.78
N MET A 86 -25.63 9.23 28.07
CA MET A 86 -24.56 9.19 29.08
C MET A 86 -24.36 7.74 29.58
N ASN A 87 -23.12 7.32 29.75
CA ASN A 87 -22.79 5.90 29.91
C ASN A 87 -21.83 5.72 31.09
N VAL A 88 -21.18 6.79 31.52
CA VAL A 88 -20.24 6.84 32.67
C VAL A 88 -20.58 8.14 33.41
N ALA A 89 -21.02 8.04 34.66
CA ALA A 89 -21.14 9.23 35.49
C ALA A 89 -19.79 9.42 36.16
N ARG A 90 -19.10 10.55 36.02
CA ARG A 90 -17.78 10.67 36.70
C ARG A 90 -17.84 11.65 37.89
N LEU A 91 -17.60 11.11 39.06
CA LEU A 91 -17.57 11.83 40.31
C LEU A 91 -16.15 12.37 40.53
N ASN A 92 -16.07 13.64 40.92
CA ASN A 92 -14.82 14.37 40.98
C ASN A 92 -14.40 14.53 42.44
N PHE A 93 -13.40 13.79 42.89
CA PHE A 93 -13.13 13.71 44.32
C PHE A 93 -12.15 14.81 44.78
N SER A 94 -12.06 15.89 44.01
CA SER A 94 -11.39 17.12 44.43
C SER A 94 -12.17 17.77 45.59
N HIS A 95 -13.34 18.33 45.28
CA HIS A 95 -14.15 19.12 46.21
C HIS A 95 -15.29 18.25 46.76
N GLY A 96 -15.86 18.66 47.90
CA GLY A 96 -17.00 17.96 48.51
C GLY A 96 -16.56 16.85 49.45
N THR A 97 -17.43 16.49 50.39
CA THR A 97 -17.15 15.49 51.44
C THR A 97 -17.63 14.10 50.99
N HIS A 98 -17.27 13.06 51.76
CA HIS A 98 -17.65 11.65 51.49
C HIS A 98 -19.18 11.47 51.52
N GLU A 99 -19.85 12.21 52.39
CA GLU A 99 -21.30 12.13 52.52
C GLU A 99 -21.96 12.74 51.27
N TYR A 100 -21.34 13.78 50.72
CA TYR A 100 -21.91 14.53 49.60
C TYR A 100 -21.87 13.67 48.33
N HIS A 101 -20.78 12.94 48.16
CA HIS A 101 -20.62 12.08 46.97
C HIS A 101 -21.61 10.90 47.02
N ALA A 102 -21.77 10.31 48.21
CA ALA A 102 -22.63 9.15 48.37
C ALA A 102 -24.06 9.49 47.90
N GLU A 103 -24.54 10.71 48.21
CA GLU A 103 -25.87 11.18 47.77
C GLU A 103 -25.93 11.28 46.23
N THR A 104 -24.80 11.56 45.61
CA THR A 104 -24.68 11.65 44.17
C THR A 104 -24.76 10.23 43.59
N ILE A 105 -23.99 9.28 44.13
CA ILE A 105 -24.04 7.90 43.60
C ILE A 105 -25.46 7.34 43.75
N LYS A 106 -26.01 7.44 44.97
CA LYS A 106 -27.41 7.08 45.27
C LYS A 106 -28.37 7.61 44.19
N ASN A 107 -28.13 8.82 43.71
CA ASN A 107 -28.92 9.41 42.66
C ASN A 107 -28.62 8.73 41.33
N VAL A 108 -27.41 8.87 40.80
CA VAL A 108 -27.01 8.17 39.54
C VAL A 108 -27.68 6.79 39.44
N ARG A 109 -27.63 5.99 40.52
CA ARG A 109 -28.24 4.63 40.58
C ARG A 109 -29.77 4.67 40.55
N THR A 110 -30.39 5.59 41.27
CA THR A 110 -31.85 5.68 41.28
C THR A 110 -32.34 5.88 39.85
N ALA A 111 -31.69 6.80 39.12
CA ALA A 111 -32.06 7.09 37.72
C ALA A 111 -31.69 5.90 36.84
N THR A 112 -30.45 5.40 36.91
CA THR A 112 -30.05 4.19 36.12
C THR A 112 -31.19 3.16 36.23
N GLU A 113 -31.68 2.94 37.47
CA GLU A 113 -32.60 1.83 37.83
C GLU A 113 -34.07 2.16 37.59
N SER A 114 -34.38 3.42 37.26
CA SER A 114 -35.74 3.79 36.85
C SER A 114 -36.14 2.95 35.63
N PHE A 115 -35.28 2.95 34.60
CA PHE A 115 -35.59 2.37 33.29
C PHE A 115 -35.47 0.83 33.29
N ALA A 116 -35.20 0.21 34.43
CA ALA A 116 -34.90 -1.23 34.42
C ALA A 116 -36.17 -2.07 34.56
N SER A 117 -37.36 -1.45 34.49
CA SER A 117 -38.64 -2.17 34.39
C SER A 117 -38.73 -2.93 33.06
N ASP A 118 -38.43 -2.22 31.96
CA ASP A 118 -38.42 -2.75 30.57
C ASP A 118 -37.03 -3.26 30.19
N PRO A 119 -36.81 -4.59 30.29
CA PRO A 119 -35.46 -5.15 30.29
C PRO A 119 -34.74 -4.95 28.95
N ILE A 120 -35.51 -4.74 27.88
CA ILE A 120 -34.98 -4.52 26.52
C ILE A 120 -34.36 -3.13 26.44
N LEU A 121 -35.03 -2.11 26.99
CA LEU A 121 -34.62 -0.71 26.73
C LEU A 121 -33.69 -0.12 27.84
N TYR A 122 -33.29 -0.97 28.78
CA TYR A 122 -32.48 -0.60 29.93
C TYR A 122 -31.03 -0.36 29.50
N ARG A 123 -30.56 0.89 29.52
CA ARG A 123 -29.12 1.11 29.34
C ARG A 123 -28.46 1.01 30.73
N PRO A 124 -27.37 0.22 30.90
CA PRO A 124 -26.57 0.28 32.14
C PRO A 124 -25.61 1.49 32.17
N VAL A 125 -25.16 1.93 33.35
CA VAL A 125 -24.43 3.21 33.48
C VAL A 125 -23.30 3.08 34.51
N ALA A 126 -22.05 3.13 34.04
CA ALA A 126 -20.83 3.10 34.92
C ALA A 126 -20.74 4.34 35.82
N VAL A 127 -20.10 4.13 36.98
CA VAL A 127 -19.66 5.21 37.87
C VAL A 127 -18.13 5.15 37.93
N ALA A 128 -17.53 6.28 38.24
CA ALA A 128 -16.09 6.43 38.13
C ALA A 128 -15.65 7.54 39.07
N LEU A 129 -14.50 7.32 39.63
CA LEU A 129 -14.06 8.07 40.73
C LEU A 129 -12.76 8.72 40.28
N ASP A 130 -12.72 10.04 40.34
CA ASP A 130 -11.55 10.79 39.91
C ASP A 130 -10.77 11.28 41.13
N THR A 131 -9.83 10.44 41.58
CA THR A 131 -8.92 10.74 42.73
C THR A 131 -8.23 12.10 42.54
N LYS A 132 -8.14 12.86 43.63
CA LYS A 132 -7.66 14.24 43.63
C LYS A 132 -6.20 14.32 43.16
N GLY A 133 -5.38 13.37 43.61
CA GLY A 133 -3.97 13.25 43.23
C GLY A 133 -3.07 14.04 44.15
N PRO A 134 -1.74 13.95 43.94
CA PRO A 134 -0.70 14.77 44.58
C PRO A 134 -0.79 16.24 44.12
N GLU A 135 -0.31 17.14 44.97
CA GLU A 135 -0.18 18.56 44.59
C GLU A 135 1.05 19.18 45.29
N ILE A 136 1.45 20.32 44.74
CA ILE A 136 2.29 21.31 45.43
C ILE A 136 1.41 22.56 45.55
N ARG A 137 1.56 23.30 46.65
CA ARG A 137 0.64 24.37 46.99
C ARG A 137 1.37 25.56 47.65
N THR A 138 0.78 26.72 47.45
CA THR A 138 1.24 28.00 48.00
C THR A 138 0.56 28.21 49.36
N GLY A 139 1.23 28.96 50.24
CA GLY A 139 0.68 29.30 51.56
C GLY A 139 -0.21 30.53 51.51
N LEU A 140 -0.71 30.94 52.67
CA LEU A 140 -1.59 32.11 52.83
C LEU A 140 -0.74 33.39 52.65
N ILE A 141 -1.14 34.23 51.69
CA ILE A 141 -0.38 35.46 51.34
C ILE A 141 -0.78 36.60 52.29
N LYS A 142 0.27 37.22 52.88
CA LYS A 142 0.21 38.37 53.81
C LYS A 142 -0.53 38.01 55.12
N GLY A 143 -0.79 36.72 55.33
CA GLY A 143 -1.48 36.23 56.53
C GLY A 143 -2.99 36.12 56.36
N SER A 144 -3.49 36.69 55.26
CA SER A 144 -4.92 36.84 55.01
C SER A 144 -5.50 35.56 54.39
N GLY A 145 -6.83 35.49 54.30
CA GLY A 145 -7.52 34.39 53.64
C GLY A 145 -7.49 34.53 52.12
N THR A 146 -7.71 35.75 51.62
CA THR A 146 -7.77 36.04 50.16
C THR A 146 -7.14 37.42 49.87
N ALA A 147 -5.81 37.44 49.72
CA ALA A 147 -5.04 38.68 49.47
C ALA A 147 -4.32 38.60 48.11
N GLU A 148 -3.91 39.75 47.57
CA GLU A 148 -3.29 39.83 46.23
C GLU A 148 -1.88 40.44 46.32
N VAL A 149 -0.96 39.90 45.52
CA VAL A 149 0.45 40.35 45.41
C VAL A 149 0.79 40.44 43.92
N GLU A 150 1.39 41.57 43.50
CA GLU A 150 1.82 41.77 42.11
C GLU A 150 3.28 41.31 41.93
N LEU A 151 3.48 40.35 41.03
CA LEU A 151 4.83 39.92 40.63
C LEU A 151 5.15 40.51 39.25
N LYS A 152 6.25 41.26 39.18
CA LYS A 152 6.65 41.97 37.96
C LYS A 152 7.42 41.01 37.03
N LYS A 153 7.91 41.54 35.90
CA LYS A 153 8.49 40.73 34.82
C LYS A 153 10.02 40.81 34.86
N GLY A 154 10.60 40.45 36.00
CA GLY A 154 12.06 40.48 36.22
C GLY A 154 12.42 40.41 37.70
N ALA A 155 11.41 40.57 38.58
CA ALA A 155 11.55 40.61 40.04
C ALA A 155 12.06 39.26 40.59
N THR A 156 12.81 39.34 41.69
CA THR A 156 13.53 38.18 42.27
C THR A 156 12.76 37.63 43.47
N LEU A 157 12.69 36.30 43.53
CA LEU A 157 11.94 35.58 44.55
C LEU A 157 12.82 34.50 45.19
N LYS A 158 12.90 34.52 46.52
CA LYS A 158 13.37 33.36 47.29
C LYS A 158 12.16 32.48 47.61
N ILE A 159 12.36 31.17 47.51
CA ILE A 159 11.33 30.19 47.84
C ILE A 159 11.84 29.35 49.02
N THR A 160 11.18 29.54 50.15
CA THR A 160 11.60 28.96 51.43
C THR A 160 10.65 27.83 51.81
N LEU A 161 11.21 26.76 52.34
CA LEU A 161 10.45 25.56 52.69
C LEU A 161 10.25 25.50 54.22
N ASP A 162 10.68 26.55 54.92
CA ASP A 162 10.48 26.72 56.36
C ASP A 162 9.03 27.11 56.66
N ASN A 163 8.42 26.43 57.63
CA ASN A 163 6.98 26.55 57.91
C ASN A 163 6.66 27.85 58.66
N ALA A 164 7.67 28.71 58.82
CA ALA A 164 7.51 30.01 59.49
C ALA A 164 6.92 31.04 58.52
N TYR A 165 7.26 30.93 57.24
CA TYR A 165 6.95 31.96 56.24
C TYR A 165 5.54 31.77 55.65
N MET A 166 4.97 30.58 55.78
CA MET A 166 3.55 30.33 55.48
C MET A 166 2.70 31.07 56.52
N GLU A 167 1.58 31.67 56.07
CA GLU A 167 0.70 32.61 56.83
C GLU A 167 1.40 33.97 57.01
N LYS A 168 2.51 34.17 56.28
CA LYS A 168 3.23 35.46 56.19
C LYS A 168 4.00 35.52 54.86
N CYS A 169 3.43 34.88 53.82
CA CYS A 169 3.99 34.85 52.46
C CYS A 169 3.87 36.25 51.84
N ASP A 170 4.97 36.71 51.24
CA ASP A 170 5.02 38.03 50.64
C ASP A 170 5.36 37.94 49.15
N GLU A 171 5.78 39.07 48.58
CA GLU A 171 6.27 39.12 47.20
C GLU A 171 7.66 38.48 47.13
N ASN A 172 8.49 38.73 48.13
CA ASN A 172 9.90 38.33 48.12
C ASN A 172 10.06 36.86 48.52
N ILE A 173 9.30 36.40 49.50
CA ILE A 173 9.43 35.05 50.03
C ILE A 173 8.10 34.29 49.85
N LEU A 174 8.19 33.11 49.21
CA LEU A 174 7.06 32.20 49.00
C LEU A 174 7.29 30.86 49.69
N TRP A 175 6.22 30.27 50.24
CA TRP A 175 6.28 28.94 50.87
C TRP A 175 5.73 27.88 49.91
N LEU A 176 6.49 26.80 49.72
CA LEU A 176 6.04 25.63 48.94
C LEU A 176 5.72 24.45 49.86
N ASP A 177 4.53 23.90 49.63
CA ASP A 177 4.01 22.68 50.24
C ASP A 177 5.05 21.56 50.14
N TYR A 178 5.60 21.37 48.93
CA TYR A 178 6.64 20.40 48.61
C TYR A 178 7.93 20.77 49.36
N LYS A 179 8.44 19.80 50.11
CA LYS A 179 9.63 19.97 50.95
C LYS A 179 10.88 19.47 50.23
N ASN A 180 10.68 18.57 49.27
CA ASN A 180 11.78 17.84 48.67
C ASN A 180 12.16 18.46 47.31
N ILE A 181 11.80 19.74 47.10
CA ILE A 181 11.87 20.39 45.75
C ILE A 181 13.32 20.55 45.28
N CYS A 182 14.25 20.84 46.19
CA CYS A 182 15.60 21.30 45.84
C CYS A 182 16.45 20.14 45.30
N LYS A 183 16.06 18.90 45.60
CA LYS A 183 16.74 17.69 45.11
C LYS A 183 16.16 17.27 43.76
N VAL A 184 15.12 17.97 43.30
CA VAL A 184 14.37 17.65 42.08
C VAL A 184 14.64 18.76 41.03
N VAL A 185 14.33 20.00 41.39
CA VAL A 185 14.44 21.16 40.49
C VAL A 185 15.92 21.53 40.37
N GLU A 186 16.39 21.58 39.11
CA GLU A 186 17.73 22.07 38.77
C GLU A 186 17.63 23.52 38.26
N VAL A 187 18.79 24.16 38.07
CA VAL A 187 18.86 25.56 37.62
C VAL A 187 18.47 25.66 36.14
N GLY A 188 17.51 26.54 35.85
CA GLY A 188 16.95 26.68 34.50
C GLY A 188 15.51 26.18 34.42
N SER A 189 15.20 25.11 35.17
CA SER A 189 13.85 24.55 35.28
C SER A 189 12.90 25.63 35.80
N LYS A 190 11.84 25.88 35.02
CA LYS A 190 10.85 26.90 35.37
C LYS A 190 9.79 26.30 36.31
N ILE A 191 9.28 27.14 37.20
CA ILE A 191 8.13 26.81 38.04
C ILE A 191 6.92 27.60 37.49
N TYR A 192 5.82 26.89 37.21
CA TYR A 192 4.55 27.50 36.84
C TYR A 192 3.63 27.53 38.07
N VAL A 193 3.07 28.71 38.32
CA VAL A 193 2.24 28.95 39.50
C VAL A 193 0.82 29.32 39.01
N ASP A 194 -0.20 28.99 39.80
CA ASP A 194 -1.61 29.34 39.53
C ASP A 194 -2.05 28.92 38.10
N ASP A 195 -1.66 27.70 37.71
CA ASP A 195 -1.88 27.15 36.37
C ASP A 195 -1.21 27.99 35.26
N GLY A 196 0.05 28.34 35.51
CA GLY A 196 0.90 28.98 34.51
C GLY A 196 0.60 30.44 34.25
N LEU A 197 -0.21 31.10 35.10
CA LEU A 197 -0.41 32.59 35.07
C LEU A 197 0.94 33.27 35.34
N ILE A 198 1.66 32.70 36.32
CA ILE A 198 3.00 33.12 36.72
C ILE A 198 3.96 31.93 36.50
N SER A 199 4.87 32.12 35.56
CA SER A 199 6.11 31.35 35.46
C SER A 199 7.20 32.06 36.29
N LEU A 200 8.23 31.31 36.67
CA LEU A 200 9.50 31.90 37.15
C LEU A 200 10.64 30.88 36.98
N GLN A 201 11.82 31.40 36.62
CA GLN A 201 13.02 30.61 36.27
C GLN A 201 13.97 30.55 37.47
N VAL A 202 14.51 29.36 37.76
CA VAL A 202 15.38 29.14 38.93
C VAL A 202 16.82 29.56 38.57
N LYS A 203 17.37 30.46 39.39
CA LYS A 203 18.71 31.07 39.17
C LYS A 203 19.77 30.36 40.01
N GLN A 204 19.50 30.18 41.31
CA GLN A 204 20.46 29.52 42.21
C GLN A 204 19.70 28.70 43.27
N LYS A 205 20.13 27.46 43.47
CA LYS A 205 19.59 26.57 44.52
C LYS A 205 20.69 26.25 45.55
N GLY A 206 20.42 26.54 46.82
CA GLY A 206 21.41 26.40 47.88
C GLY A 206 20.90 25.69 49.12
N ALA A 207 19.97 24.74 48.93
CA ALA A 207 19.29 23.94 50.00
C ALA A 207 18.44 24.85 50.91
N ASP A 208 17.27 24.33 51.32
CA ASP A 208 16.21 25.08 52.04
C ASP A 208 15.55 26.21 51.25
N PHE A 209 16.30 26.83 50.32
CA PHE A 209 15.80 27.93 49.48
C PHE A 209 16.41 27.84 48.07
N LEU A 210 15.54 28.01 47.07
CA LEU A 210 15.96 28.33 45.69
C LEU A 210 15.49 29.74 45.32
N VAL A 211 16.33 30.46 44.57
CA VAL A 211 16.11 31.87 44.24
C VAL A 211 15.96 32.02 42.72
N THR A 212 14.93 32.78 42.33
CA THR A 212 14.37 32.74 40.97
C THR A 212 14.13 34.16 40.44
N GLU A 213 14.11 34.28 39.11
CA GLU A 213 13.67 35.50 38.42
C GLU A 213 12.33 35.23 37.72
N VAL A 214 11.35 36.09 37.99
CA VAL A 214 9.94 35.91 37.52
C VAL A 214 9.85 36.31 36.04
N GLU A 215 9.16 35.48 35.25
CA GLU A 215 9.14 35.58 33.77
C GLU A 215 7.77 36.08 33.26
N ASN A 216 6.69 35.71 33.94
CA ASN A 216 5.33 36.16 33.59
C ASN A 216 4.68 36.85 34.81
N GLY A 217 3.92 37.91 34.55
CA GLY A 217 3.40 38.74 35.62
C GLY A 217 1.91 38.53 35.88
N GLY A 218 1.46 39.04 37.03
CA GLY A 218 0.04 39.08 37.38
C GLY A 218 -0.18 38.84 38.87
N SER A 219 -1.42 39.05 39.33
CA SER A 219 -1.79 38.91 40.75
C SER A 219 -1.79 37.43 41.17
N LEU A 220 -1.26 37.19 42.37
CA LEU A 220 -1.14 35.86 42.97
C LEU A 220 -2.04 35.79 44.22
N GLY A 221 -2.53 34.59 44.56
CA GLY A 221 -3.43 34.40 45.70
C GLY A 221 -2.83 33.55 46.80
N SER A 222 -3.71 32.91 47.58
CA SER A 222 -3.33 32.00 48.66
C SER A 222 -3.88 30.59 48.38
N LYS A 223 -3.01 29.59 48.52
CA LYS A 223 -3.30 28.17 48.22
C LYS A 223 -3.66 28.03 46.74
N LYS A 224 -2.62 28.10 45.90
CA LYS A 224 -2.72 28.07 44.42
C LYS A 224 -1.59 27.18 43.85
N GLY A 225 -1.97 26.24 42.97
CA GLY A 225 -1.18 25.04 42.65
C GLY A 225 0.07 25.33 41.84
N VAL A 226 1.14 24.58 42.13
CA VAL A 226 2.47 24.78 41.49
C VAL A 226 2.80 23.57 40.59
N ASN A 227 3.15 23.87 39.35
CA ASN A 227 3.58 22.88 38.37
C ASN A 227 5.02 23.20 37.95
N LEU A 228 5.91 22.22 37.98
CA LEU A 228 7.34 22.46 37.65
C LEU A 228 7.79 21.61 36.45
N PRO A 229 7.59 22.13 35.21
CA PRO A 229 7.83 21.42 33.92
C PRO A 229 9.16 20.66 33.82
N GLY A 230 9.17 19.66 32.93
CA GLY A 230 10.35 18.88 32.53
C GLY A 230 10.98 18.09 33.67
N ALA A 231 10.27 17.93 34.79
CA ALA A 231 10.87 17.44 36.04
C ALA A 231 10.38 16.02 36.37
N ALA A 232 11.14 15.37 37.26
CA ALA A 232 10.76 14.09 37.85
C ALA A 232 10.46 14.29 39.35
N VAL A 233 9.18 14.57 39.64
CA VAL A 233 8.67 14.95 40.99
C VAL A 233 8.58 13.68 41.84
N ASP A 234 8.98 13.78 43.12
CA ASP A 234 9.10 12.65 44.08
C ASP A 234 7.90 12.36 45.01
N LEU A 235 6.87 13.21 44.96
CA LEU A 235 5.65 13.12 45.79
C LEU A 235 5.07 11.70 45.79
N PRO A 236 4.41 11.27 46.89
CA PRO A 236 3.85 9.91 46.99
C PRO A 236 2.78 9.65 45.91
N ALA A 237 2.70 8.41 45.40
CA ALA A 237 1.78 8.03 44.28
C ALA A 237 0.29 8.21 44.66
N VAL A 238 -0.07 7.66 45.81
CA VAL A 238 -1.34 7.98 46.47
C VAL A 238 -1.04 8.85 47.70
N SER A 239 -1.65 10.04 47.72
CA SER A 239 -1.62 10.91 48.89
C SER A 239 -2.36 10.26 50.08
N GLU A 240 -2.31 10.90 51.25
CA GLU A 240 -3.03 10.43 52.43
C GLU A 240 -4.55 10.47 52.19
N LYS A 241 -5.04 11.53 51.52
CA LYS A 241 -6.46 11.74 51.24
C LYS A 241 -6.98 10.64 50.30
N ASP A 242 -6.22 10.39 49.23
CA ASP A 242 -6.60 9.45 48.18
C ASP A 242 -6.56 7.98 48.59
N ILE A 243 -5.99 7.68 49.76
CA ILE A 243 -6.10 6.34 50.35
C ILE A 243 -7.51 6.16 50.93
N GLN A 244 -8.04 7.19 51.58
CA GLN A 244 -9.41 7.15 52.10
C GLN A 244 -10.42 7.11 50.94
N ASP A 245 -10.16 7.90 49.89
CA ASP A 245 -11.01 7.94 48.68
C ASP A 245 -11.14 6.60 47.92
N LEU A 246 -10.01 6.05 47.46
CA LEU A 246 -10.01 4.75 46.82
C LEU A 246 -10.72 3.77 47.74
N LYS A 247 -10.34 3.79 49.03
CA LYS A 247 -10.88 2.84 50.00
C LYS A 247 -12.38 3.07 50.18
N PHE A 248 -12.83 4.31 50.00
CA PHE A 248 -14.27 4.65 49.99
C PHE A 248 -14.97 4.07 48.75
N GLY A 249 -14.32 4.22 47.59
CA GLY A 249 -14.85 3.75 46.31
C GLY A 249 -14.98 2.24 46.17
N VAL A 250 -14.18 1.45 46.88
CA VAL A 250 -14.38 -0.01 46.87
C VAL A 250 -15.64 -0.36 47.68
N GLU A 251 -15.86 0.35 48.79
CA GLU A 251 -17.05 0.17 49.65
C GLU A 251 -18.33 0.58 48.91
N GLN A 252 -18.21 1.55 47.99
CA GLN A 252 -19.36 2.09 47.26
C GLN A 252 -19.56 1.37 45.93
N ASP A 253 -18.68 0.41 45.61
CA ASP A 253 -18.78 -0.43 44.40
C ASP A 253 -18.74 0.35 43.06
N VAL A 254 -17.82 1.30 42.95
CA VAL A 254 -17.56 2.01 41.68
C VAL A 254 -17.03 1.01 40.65
N ASP A 255 -17.11 1.39 39.37
CA ASP A 255 -16.74 0.52 38.23
C ASP A 255 -15.40 0.80 37.62
N MET A 256 -14.90 2.01 37.81
CA MET A 256 -13.49 2.23 37.51
C MET A 256 -12.99 3.41 38.33
N VAL A 257 -11.65 3.53 38.44
CA VAL A 257 -10.97 4.62 39.16
C VAL A 257 -10.11 5.41 38.18
N PHE A 258 -10.31 6.73 38.06
CA PHE A 258 -9.39 7.51 37.21
C PHE A 258 -8.20 8.04 38.04
N ALA A 259 -7.08 7.32 37.97
CA ALA A 259 -5.88 7.61 38.78
C ALA A 259 -5.23 8.89 38.27
N SER A 260 -5.12 9.88 39.14
CA SER A 260 -4.53 11.16 38.76
C SER A 260 -3.01 11.17 39.00
N PHE A 261 -2.30 11.97 38.19
CA PHE A 261 -0.83 12.24 38.26
C PHE A 261 -0.02 10.93 38.36
N ILE A 262 0.21 10.31 37.20
CA ILE A 262 0.83 9.00 37.09
C ILE A 262 2.18 9.22 36.41
N ARG A 263 3.29 8.95 37.11
CA ARG A 263 4.62 9.23 36.52
C ARG A 263 5.33 7.93 36.08
N LYS A 264 5.26 6.89 36.91
CA LYS A 264 6.00 5.61 36.71
C LYS A 264 4.99 4.46 36.64
N ALA A 265 5.41 3.28 36.23
CA ALA A 265 4.55 2.09 36.33
C ALA A 265 4.34 1.70 37.80
N SER A 266 5.21 2.17 38.70
CA SER A 266 5.14 1.80 40.11
C SER A 266 3.99 2.53 40.84
N ASP A 267 3.58 3.72 40.35
CA ASP A 267 2.40 4.47 40.88
C ASP A 267 1.05 3.77 40.60
N VAL A 268 0.90 3.32 39.37
CA VAL A 268 -0.21 2.54 38.87
C VAL A 268 -0.23 1.29 39.71
N HIS A 269 0.94 0.69 40.01
CA HIS A 269 1.03 -0.55 40.89
C HIS A 269 0.68 -0.27 42.35
N GLU A 270 0.95 0.95 42.85
CA GLU A 270 0.50 1.39 44.17
C GLU A 270 -1.04 1.44 44.27
N VAL A 271 -1.72 2.14 43.37
CA VAL A 271 -3.21 2.19 43.33
C VAL A 271 -3.75 0.75 43.37
N ARG A 272 -3.15 -0.16 42.59
CA ARG A 272 -3.66 -1.51 42.48
C ARG A 272 -3.54 -2.20 43.85
N LYS A 273 -2.51 -1.85 44.61
CA LYS A 273 -2.33 -2.43 45.94
C LYS A 273 -3.43 -1.97 46.89
N VAL A 274 -3.64 -0.66 47.00
CA VAL A 274 -4.61 -0.05 47.92
C VAL A 274 -6.02 -0.59 47.69
N LEU A 275 -6.43 -0.75 46.43
CA LEU A 275 -7.78 -1.20 46.09
C LEU A 275 -7.99 -2.59 46.69
N GLY A 276 -6.92 -3.39 46.75
CA GLY A 276 -6.95 -4.68 47.45
C GLY A 276 -7.77 -5.74 46.74
N GLU A 277 -7.74 -6.96 47.26
CA GLU A 277 -8.41 -8.09 46.60
C GLU A 277 -9.93 -7.95 46.71
N LYS A 278 -10.41 -6.99 47.51
CA LYS A 278 -11.84 -6.76 47.67
C LYS A 278 -12.37 -6.01 46.45
N GLY A 279 -11.51 -5.17 45.85
CA GLY A 279 -11.86 -4.39 44.65
C GLY A 279 -10.90 -4.67 43.51
N LYS A 280 -10.52 -5.93 43.32
CA LYS A 280 -9.52 -6.34 42.33
C LYS A 280 -10.12 -6.38 40.93
N ASN A 281 -11.37 -6.02 40.78
CA ASN A 281 -11.98 -5.98 39.46
C ASN A 281 -11.94 -4.56 38.91
N ILE A 282 -12.05 -3.61 39.83
CA ILE A 282 -12.19 -2.22 39.48
C ILE A 282 -11.08 -1.86 38.49
N LYS A 283 -11.43 -1.15 37.40
CA LYS A 283 -10.50 -0.86 36.31
C LYS A 283 -9.70 0.41 36.64
N ILE A 284 -8.36 0.38 36.55
CA ILE A 284 -7.53 1.61 36.78
C ILE A 284 -7.24 2.29 35.43
N ILE A 285 -7.64 3.55 35.30
CA ILE A 285 -7.30 4.33 34.13
C ILE A 285 -6.31 5.38 34.61
N SER A 286 -5.09 5.38 34.12
CA SER A 286 -4.12 6.38 34.59
C SER A 286 -4.38 7.71 33.85
N LYS A 287 -4.38 8.83 34.56
CA LYS A 287 -4.31 10.16 33.88
C LYS A 287 -2.83 10.47 33.57
N ILE A 288 -2.49 10.69 32.30
CA ILE A 288 -1.16 11.18 31.94
C ILE A 288 -1.25 12.70 32.00
N GLU A 289 -0.38 13.34 32.77
CA GLU A 289 -0.71 14.68 33.18
C GLU A 289 0.52 15.58 33.12
N ASN A 290 1.71 15.00 33.29
CA ASN A 290 2.96 15.75 33.41
C ASN A 290 3.92 15.34 32.28
N HIS A 291 5.06 16.03 32.18
CA HIS A 291 6.04 15.74 31.10
C HIS A 291 6.59 14.32 31.22
N GLU A 292 6.91 13.89 32.46
CA GLU A 292 7.51 12.58 32.78
C GLU A 292 6.57 11.42 32.40
N GLY A 293 5.28 11.58 32.74
CA GLY A 293 4.16 10.72 32.36
C GLY A 293 4.22 10.36 30.88
N VAL A 294 4.31 11.36 29.99
CA VAL A 294 4.46 11.16 28.52
C VAL A 294 5.76 10.40 28.23
N ARG A 295 6.85 10.83 28.85
CA ARG A 295 8.18 10.38 28.47
C ARG A 295 8.33 8.88 28.76
N ARG A 296 7.59 8.38 29.76
CA ARG A 296 7.64 6.95 30.16
C ARG A 296 6.34 6.22 29.79
N PHE A 297 5.60 6.73 28.79
CA PHE A 297 4.21 6.31 28.51
C PHE A 297 4.13 4.79 28.38
N ASP A 298 5.11 4.23 27.68
CA ASP A 298 5.08 2.86 27.22
C ASP A 298 4.99 1.79 28.31
N GLU A 299 5.54 2.09 29.49
CA GLU A 299 5.55 1.15 30.64
C GLU A 299 4.25 1.32 31.46
N ILE A 300 3.77 2.56 31.59
CA ILE A 300 2.51 2.89 32.28
C ILE A 300 1.31 2.18 31.61
N LEU A 301 1.33 2.14 30.30
CA LEU A 301 0.32 1.48 29.54
C LEU A 301 0.31 0.01 29.94
N GLU A 302 1.46 -0.65 29.89
CA GLU A 302 1.56 -2.07 30.15
C GLU A 302 1.20 -2.39 31.62
N ALA A 303 0.87 -1.37 32.40
CA ALA A 303 0.52 -1.53 33.83
C ALA A 303 -0.98 -1.25 34.08
N SER A 304 -1.63 -0.38 33.28
CA SER A 304 -3.03 0.12 33.50
C SER A 304 -4.04 -0.73 32.72
N ASP A 305 -5.31 -0.36 32.84
CA ASP A 305 -6.35 -1.07 32.13
C ASP A 305 -6.88 -0.19 31.05
N GLY A 306 -6.34 1.04 30.97
CA GLY A 306 -6.68 2.05 29.95
C GLY A 306 -6.18 3.42 30.34
N ILE A 307 -6.01 4.30 29.35
CA ILE A 307 -5.36 5.61 29.55
C ILE A 307 -6.36 6.76 29.43
N MET A 308 -6.16 7.80 30.24
CA MET A 308 -6.84 9.05 30.00
C MET A 308 -5.82 10.12 29.63
N VAL A 309 -6.07 10.74 28.46
CA VAL A 309 -5.32 11.90 28.03
C VAL A 309 -6.02 13.11 28.62
N ALA A 310 -5.38 13.71 29.61
CA ALA A 310 -6.01 14.79 30.33
C ALA A 310 -5.47 16.12 29.82
N ARG A 311 -6.03 16.59 28.70
CA ARG A 311 -5.49 17.76 28.00
C ARG A 311 -5.38 18.97 28.94
N GLY A 312 -6.31 19.08 29.90
CA GLY A 312 -6.31 20.20 30.84
C GLY A 312 -4.93 20.47 31.40
N ASP A 313 -4.51 19.58 32.28
CA ASP A 313 -3.25 19.74 33.00
C ASP A 313 -2.05 19.59 32.07
N LEU A 314 -2.15 18.70 31.09
CA LEU A 314 -1.01 18.38 30.24
C LEU A 314 -0.48 19.66 29.60
N GLY A 315 -1.39 20.60 29.34
CA GLY A 315 -1.13 21.82 28.58
C GLY A 315 -0.56 22.96 29.42
N ILE A 316 -0.26 22.69 30.68
CA ILE A 316 0.48 23.63 31.49
C ILE A 316 1.90 23.09 31.65
N GLU A 317 1.97 21.81 32.00
CA GLU A 317 3.23 21.14 32.25
C GLU A 317 4.08 21.06 30.97
N ILE A 318 3.47 21.18 29.78
CA ILE A 318 4.22 21.31 28.49
C ILE A 318 3.53 22.36 27.59
N PRO A 319 4.21 22.82 26.49
CA PRO A 319 3.75 24.00 25.72
C PRO A 319 2.47 23.68 24.93
N ALA A 320 1.49 24.58 25.02
CA ALA A 320 0.12 24.32 24.52
C ALA A 320 0.14 23.85 23.06
N GLU A 321 1.03 24.42 22.24
CA GLU A 321 1.20 24.13 20.79
C GLU A 321 1.66 22.68 20.52
N LYS A 322 2.15 21.99 21.56
CA LYS A 322 2.64 20.61 21.44
C LYS A 322 1.56 19.62 21.87
N VAL A 323 0.61 20.05 22.70
CA VAL A 323 -0.34 19.11 23.35
C VAL A 323 -0.98 18.18 22.32
N PHE A 324 -1.29 18.75 21.16
CA PHE A 324 -1.98 18.03 20.11
C PHE A 324 -1.18 16.75 19.76
N LEU A 325 0.16 16.80 19.83
CA LEU A 325 0.99 15.72 19.34
C LEU A 325 1.01 14.60 20.36
N ALA A 326 1.03 15.00 21.63
CA ALA A 326 1.00 14.06 22.73
C ALA A 326 -0.34 13.32 22.68
N GLN A 327 -1.47 14.01 22.55
CA GLN A 327 -2.72 13.29 22.33
C GLN A 327 -2.61 12.30 21.14
N LYS A 328 -2.29 12.75 19.93
CA LYS A 328 -2.23 11.82 18.77
C LYS A 328 -1.42 10.57 19.12
N MET A 329 -0.17 10.80 19.53
CA MET A 329 0.80 9.77 19.93
C MET A 329 0.12 8.73 20.84
N MET A 330 -0.46 9.22 21.93
CA MET A 330 -0.99 8.39 22.91
C MET A 330 -2.14 7.57 22.31
N ILE A 331 -3.28 8.15 21.91
CA ILE A 331 -4.36 7.35 21.23
C ILE A 331 -3.73 6.35 20.25
N GLY A 332 -2.77 6.81 19.45
CA GLY A 332 -1.98 5.92 18.59
C GLY A 332 -1.56 4.65 19.32
N ARG A 333 -0.70 4.77 20.31
CA ARG A 333 -0.07 3.63 20.94
C ARG A 333 -1.13 2.76 21.60
N CYS A 334 -2.08 3.38 22.27
CA CYS A 334 -3.25 2.71 22.87
C CYS A 334 -4.09 1.91 21.84
N ASN A 335 -4.06 2.25 20.55
CA ASN A 335 -4.84 1.47 19.62
C ASN A 335 -4.06 0.20 19.29
N ARG A 336 -2.75 0.36 19.16
CA ARG A 336 -1.87 -0.72 18.82
C ARG A 336 -1.90 -1.74 19.97
N ALA A 337 -1.88 -1.27 21.21
CA ALA A 337 -1.83 -2.12 22.40
C ALA A 337 -3.19 -2.79 22.64
N GLY A 338 -4.25 -2.22 22.10
CA GLY A 338 -5.58 -2.79 22.23
C GLY A 338 -6.33 -2.30 23.46
N LYS A 339 -5.72 -1.40 24.26
CA LYS A 339 -6.30 -0.79 25.50
C LYS A 339 -7.23 0.39 25.14
N PRO A 340 -8.20 0.75 26.01
CA PRO A 340 -9.03 1.96 25.71
C PRO A 340 -8.36 3.29 26.13
N VAL A 341 -8.58 4.33 25.33
CA VAL A 341 -8.09 5.63 25.66
C VAL A 341 -9.28 6.59 25.74
N ILE A 342 -9.63 7.03 26.95
CA ILE A 342 -10.56 8.18 27.17
C ILE A 342 -9.86 9.45 26.70
N CYS A 343 -10.62 10.45 26.31
CA CYS A 343 -10.00 11.69 25.96
C CYS A 343 -10.83 12.86 26.51
N ALA A 344 -10.18 13.83 27.12
CA ALA A 344 -10.83 14.66 28.11
C ALA A 344 -10.65 16.16 27.80
N THR A 345 -11.41 17.00 28.53
CA THR A 345 -11.08 18.42 28.92
C THR A 345 -11.19 19.45 27.77
N GLN A 346 -12.01 20.47 28.04
CA GLN A 346 -12.18 21.66 27.19
C GLN A 346 -12.83 21.31 25.86
N MET A 347 -13.43 20.13 25.81
CA MET A 347 -13.94 19.53 24.57
C MET A 347 -15.06 20.40 23.98
N LEU A 348 -16.01 20.85 24.82
CA LEU A 348 -17.16 21.70 24.39
C LEU A 348 -17.30 22.89 25.34
N GLU A 349 -16.15 23.40 25.82
CA GLU A 349 -16.02 24.44 26.88
C GLU A 349 -17.02 25.61 26.71
N SER A 350 -17.23 26.15 25.51
CA SER A 350 -18.10 27.35 25.35
C SER A 350 -19.58 27.06 25.69
N MET A 351 -19.93 25.77 25.82
CA MET A 351 -21.31 25.30 26.06
C MET A 351 -21.65 25.28 27.57
N ILE A 352 -20.83 25.96 28.37
CA ILE A 352 -21.24 26.36 29.71
C ILE A 352 -22.21 27.53 29.57
N LYS A 353 -21.86 28.48 28.71
CA LYS A 353 -22.56 29.77 28.62
C LYS A 353 -23.59 29.77 27.46
N LYS A 354 -23.23 29.32 26.25
CA LYS A 354 -24.13 29.42 25.07
C LYS A 354 -24.59 28.03 24.60
N PRO A 355 -25.88 27.88 24.17
CA PRO A 355 -26.53 26.57 23.89
C PRO A 355 -26.09 25.84 22.60
N ARG A 356 -25.11 26.41 21.89
CA ARG A 356 -24.50 25.86 20.67
C ARG A 356 -22.97 25.99 20.81
N PRO A 357 -22.21 25.03 20.26
CA PRO A 357 -20.75 25.21 20.39
C PRO A 357 -20.17 26.11 19.29
N THR A 358 -18.91 26.47 19.44
CA THR A 358 -18.12 27.08 18.34
C THR A 358 -17.65 25.97 17.39
N ARG A 359 -17.21 26.35 16.19
CA ARG A 359 -16.78 25.39 15.18
C ARG A 359 -15.62 24.54 15.71
N ALA A 360 -14.65 25.21 16.34
CA ALA A 360 -13.47 24.59 16.96
C ALA A 360 -13.87 23.44 17.92
N GLU A 361 -14.95 23.67 18.66
CA GLU A 361 -15.40 22.74 19.64
C GLU A 361 -16.01 21.53 18.92
N GLY A 362 -16.79 21.80 17.88
CA GLY A 362 -17.32 20.78 16.98
C GLY A 362 -16.21 19.91 16.41
N SER A 363 -15.28 20.53 15.66
CA SER A 363 -14.14 19.79 15.06
C SER A 363 -12.96 19.74 16.03
N ASP A 364 -13.17 19.00 17.11
CA ASP A 364 -12.14 18.65 18.09
C ASP A 364 -12.68 17.38 18.71
N VAL A 365 -14.00 17.40 18.91
CA VAL A 365 -14.73 16.23 19.23
C VAL A 365 -14.69 15.24 18.05
N ALA A 366 -15.01 15.72 16.85
CA ALA A 366 -15.01 14.86 15.65
C ALA A 366 -13.63 14.27 15.38
N ASN A 367 -12.61 14.99 15.85
CA ASN A 367 -11.24 14.76 15.47
C ASN A 367 -10.58 13.79 16.46
N ALA A 368 -11.00 13.77 17.73
CA ALA A 368 -10.65 12.69 18.67
C ALA A 368 -11.29 11.41 18.15
N VAL A 369 -12.59 11.50 17.89
CA VAL A 369 -13.33 10.35 17.45
C VAL A 369 -12.68 9.76 16.19
N LEU A 370 -12.06 10.57 15.34
CA LEU A 370 -11.44 10.06 14.10
C LEU A 370 -10.12 9.35 14.36
N ASP A 371 -9.23 9.91 15.19
CA ASP A 371 -7.97 9.23 15.58
C ASP A 371 -8.26 7.84 16.23
N GLY A 372 -9.33 7.80 17.03
CA GLY A 372 -9.74 6.59 17.67
C GLY A 372 -9.55 6.71 19.16
N ALA A 373 -9.97 7.86 19.66
CA ALA A 373 -10.38 8.00 21.03
C ALA A 373 -11.57 7.04 21.24
N ASP A 374 -11.48 6.28 22.33
CA ASP A 374 -12.45 5.27 22.75
C ASP A 374 -13.71 5.80 23.45
N CYS A 375 -13.60 6.84 24.26
CA CYS A 375 -14.78 7.59 24.70
C CYS A 375 -14.33 8.98 25.14
N ILE A 376 -15.25 9.93 25.32
CA ILE A 376 -14.84 11.34 25.49
C ILE A 376 -15.55 11.98 26.68
N MET A 377 -14.93 13.06 27.16
CA MET A 377 -15.29 13.60 28.45
C MET A 377 -15.82 15.04 28.36
N LEU A 378 -16.91 15.24 29.07
CA LEU A 378 -17.47 16.54 29.38
C LEU A 378 -17.15 16.84 30.85
N SER A 379 -16.65 18.04 31.14
CA SER A 379 -16.32 18.42 32.51
C SER A 379 -17.22 19.57 32.98
N GLY A 380 -16.75 20.83 32.86
CA GLY A 380 -17.55 22.02 33.15
C GLY A 380 -18.95 21.96 32.54
N GLU A 381 -19.03 21.50 31.29
CA GLU A 381 -20.23 21.59 30.43
C GLU A 381 -21.44 20.85 31.06
N THR A 382 -21.17 19.92 31.99
CA THR A 382 -22.20 19.00 32.50
C THR A 382 -22.34 19.17 34.01
N ALA A 383 -21.30 19.75 34.64
CA ALA A 383 -21.13 19.85 36.09
C ALA A 383 -21.70 21.18 36.60
N LYS A 384 -21.63 22.20 35.74
CA LYS A 384 -21.56 23.57 36.19
C LYS A 384 -22.33 24.47 35.22
N GLY A 385 -22.50 24.03 33.97
CA GLY A 385 -23.10 24.85 32.89
C GLY A 385 -24.62 24.97 32.98
N ASP A 386 -25.15 25.86 32.15
CA ASP A 386 -26.58 26.12 32.09
C ASP A 386 -27.31 25.11 31.20
N TYR A 387 -26.54 24.31 30.48
CA TYR A 387 -27.09 23.53 29.38
C TYR A 387 -26.60 22.08 29.40
N PRO A 388 -26.68 21.38 30.55
CA PRO A 388 -26.06 20.02 30.60
C PRO A 388 -26.64 19.03 29.55
N LEU A 389 -27.95 19.04 29.35
CA LEU A 389 -28.58 18.11 28.43
C LEU A 389 -28.10 18.39 26.99
N GLU A 390 -27.92 19.66 26.65
CA GLU A 390 -27.58 20.02 25.26
C GLU A 390 -26.17 19.52 24.94
N ALA A 391 -25.25 19.78 25.89
CA ALA A 391 -23.86 19.41 25.74
C ALA A 391 -23.75 17.89 25.56
N VAL A 392 -24.64 17.12 26.17
CA VAL A 392 -24.63 15.70 25.86
C VAL A 392 -25.20 15.51 24.45
N ARG A 393 -26.38 16.06 24.19
CA ARG A 393 -27.03 15.79 22.92
C ARG A 393 -26.08 16.14 21.75
N MET A 394 -25.20 17.13 21.98
CA MET A 394 -24.26 17.61 20.97
C MET A 394 -23.10 16.62 20.78
N GLN A 395 -22.54 16.10 21.88
CA GLN A 395 -21.50 15.05 21.79
C GLN A 395 -22.07 13.75 21.20
N HIS A 396 -23.39 13.54 21.29
CA HIS A 396 -24.01 12.37 20.69
C HIS A 396 -23.95 12.50 19.17
N LEU A 397 -24.51 13.60 18.64
CA LEU A 397 -24.68 13.83 17.16
C LEU A 397 -23.33 13.88 16.47
N ILE A 398 -22.40 14.65 17.06
CA ILE A 398 -21.06 14.87 16.50
C ILE A 398 -20.34 13.54 16.28
N ALA A 399 -20.20 12.73 17.35
CA ALA A 399 -19.43 11.45 17.36
C ALA A 399 -19.99 10.49 16.31
N ARG A 400 -21.29 10.57 16.17
CA ARG A 400 -22.03 9.68 15.36
C ARG A 400 -21.69 9.91 13.89
N GLU A 401 -21.64 11.16 13.44
CA GLU A 401 -21.32 11.46 12.04
C GLU A 401 -19.85 11.11 11.78
N ALA A 402 -19.00 11.37 12.78
CA ALA A 402 -17.56 11.28 12.64
C ALA A 402 -17.20 9.81 12.49
N GLU A 403 -17.92 8.90 13.16
CA GLU A 403 -17.67 7.44 13.07
C GLU A 403 -17.92 6.92 11.65
N ALA A 404 -18.78 7.63 10.91
CA ALA A 404 -19.11 7.29 9.52
C ALA A 404 -18.10 7.90 8.52
N ALA A 405 -16.99 8.48 8.99
CA ALA A 405 -16.01 9.13 8.11
C ALA A 405 -14.67 8.43 8.23
N ILE A 406 -14.51 7.62 9.26
CA ILE A 406 -13.36 6.73 9.49
C ILE A 406 -13.04 5.93 8.23
N TYR A 407 -11.77 5.79 7.88
CA TYR A 407 -11.44 5.06 6.67
C TYR A 407 -10.93 3.68 7.06
N HIS A 408 -11.93 2.80 7.11
CA HIS A 408 -11.88 1.44 7.65
C HIS A 408 -10.97 0.55 6.83
N LEU A 409 -11.31 0.44 5.55
CA LEU A 409 -10.65 -0.52 4.72
C LEU A 409 -9.32 0.08 4.27
N GLN A 410 -8.61 0.67 5.27
CA GLN A 410 -7.12 0.86 5.34
C GLN A 410 -6.60 0.95 6.78
N LEU A 411 -7.47 1.29 7.71
CA LEU A 411 -7.22 1.16 9.17
C LEU A 411 -7.20 -0.33 9.58
N PHE A 412 -8.28 -1.05 9.25
CA PHE A 412 -8.42 -2.48 9.57
C PHE A 412 -7.18 -3.22 9.05
N GLU A 413 -6.87 -3.01 7.77
CA GLU A 413 -5.76 -3.71 7.10
C GLU A 413 -4.43 -3.44 7.83
N GLU A 414 -4.27 -2.29 8.50
CA GLU A 414 -3.02 -1.96 9.19
C GLU A 414 -2.99 -2.65 10.56
N LEU A 415 -4.14 -2.71 11.21
CA LEU A 415 -4.30 -3.31 12.52
C LEU A 415 -4.04 -4.82 12.45
N ARG A 416 -4.34 -5.45 11.32
CA ARG A 416 -3.97 -6.82 11.09
C ARG A 416 -2.44 -6.94 11.04
N ARG A 417 -1.80 -6.37 10.03
CA ARG A 417 -0.32 -6.42 9.90
C ARG A 417 0.38 -6.26 11.25
N LEU A 418 -0.18 -5.46 12.16
CA LEU A 418 0.51 -5.06 13.43
C LEU A 418 0.09 -5.97 14.58
N ALA A 419 -0.51 -7.12 14.28
CA ALA A 419 -0.99 -8.04 15.29
C ALA A 419 -0.17 -9.33 15.24
N PRO A 420 0.20 -9.86 16.43
CA PRO A 420 1.03 -11.08 16.57
C PRO A 420 0.26 -12.34 16.11
N ILE A 421 0.94 -13.26 15.42
CA ILE A 421 0.35 -14.58 15.10
C ILE A 421 0.46 -15.48 16.35
N THR A 422 -0.69 -15.82 16.94
CA THR A 422 -0.80 -16.66 18.16
C THR A 422 -1.75 -17.85 17.88
N SER A 423 -1.75 -18.83 18.78
CA SER A 423 -2.57 -20.05 18.58
C SER A 423 -3.92 -19.95 19.29
N ASP A 424 -4.11 -18.91 20.13
CA ASP A 424 -5.37 -18.64 20.88
C ASP A 424 -6.72 -18.58 20.11
N PRO A 425 -7.51 -19.66 20.12
CA PRO A 425 -8.84 -19.65 19.51
C PRO A 425 -9.58 -18.30 19.58
N THR A 426 -9.85 -17.77 20.78
CA THR A 426 -10.64 -16.52 20.95
C THR A 426 -10.20 -15.37 20.02
N GLU A 427 -8.88 -15.24 19.80
CA GLU A 427 -8.28 -14.17 18.97
C GLU A 427 -8.62 -14.40 17.48
N ALA A 428 -8.30 -15.60 17.01
CA ALA A 428 -8.64 -16.06 15.69
C ALA A 428 -10.15 -15.88 15.41
N THR A 429 -11.03 -16.07 16.39
CA THR A 429 -12.43 -16.07 16.03
C THR A 429 -12.85 -14.61 15.85
N ALA A 430 -12.24 -13.77 16.68
CA ALA A 430 -12.62 -12.36 16.75
C ALA A 430 -12.16 -11.58 15.51
N VAL A 431 -10.94 -11.87 15.06
CA VAL A 431 -10.55 -11.34 13.77
C VAL A 431 -11.44 -11.89 12.65
N GLY A 432 -11.55 -13.20 12.49
CA GLY A 432 -12.48 -13.69 11.51
C GLY A 432 -13.85 -13.01 11.54
N ALA A 433 -14.46 -12.88 12.73
CA ALA A 433 -15.78 -12.25 12.90
C ALA A 433 -15.79 -10.82 12.38
N VAL A 434 -14.66 -10.12 12.48
CA VAL A 434 -14.64 -8.72 12.01
C VAL A 434 -14.59 -8.67 10.48
N GLU A 435 -13.61 -9.39 9.93
CA GLU A 435 -13.48 -9.56 8.52
C GLU A 435 -14.85 -9.92 7.94
N ALA A 436 -15.53 -10.97 8.40
CA ALA A 436 -16.87 -11.32 7.84
C ALA A 436 -17.76 -10.08 7.77
N SER A 437 -17.79 -9.33 8.89
CA SER A 437 -18.71 -8.23 9.12
C SER A 437 -18.59 -7.19 8.00
N PHE A 438 -17.35 -6.96 7.56
CA PHE A 438 -17.05 -6.07 6.44
C PHE A 438 -17.81 -6.53 5.20
N LYS A 439 -17.47 -7.74 4.79
CA LYS A 439 -17.90 -8.35 3.57
C LYS A 439 -19.42 -8.45 3.46
N CYS A 440 -20.14 -8.80 4.53
CA CYS A 440 -21.62 -8.96 4.40
C CYS A 440 -22.35 -7.67 4.81
N CYS A 441 -21.59 -6.62 5.11
CA CYS A 441 -22.15 -5.31 5.54
C CYS A 441 -23.03 -5.49 6.80
N SER A 442 -22.63 -6.41 7.69
CA SER A 442 -23.51 -6.89 8.78
C SER A 442 -23.85 -5.78 9.79
N GLY A 443 -25.13 -5.78 10.20
CA GLY A 443 -25.73 -4.72 10.98
C GLY A 443 -25.31 -4.78 12.43
N ALA A 444 -24.81 -5.93 12.90
CA ALA A 444 -24.25 -6.08 14.28
C ALA A 444 -23.41 -7.36 14.44
N ILE A 445 -22.75 -7.45 15.57
CA ILE A 445 -21.99 -8.62 16.02
C ILE A 445 -22.39 -8.95 17.47
N ILE A 446 -23.33 -9.85 17.62
CA ILE A 446 -23.69 -10.29 18.96
C ILE A 446 -22.51 -11.08 19.54
N VAL A 447 -22.08 -10.84 20.76
CA VAL A 447 -21.04 -11.68 21.31
C VAL A 447 -21.48 -12.10 22.69
N LEU A 448 -21.54 -13.40 23.03
CA LEU A 448 -21.90 -13.70 24.44
C LEU A 448 -20.64 -13.62 25.27
N THR A 449 -20.68 -12.76 26.27
CA THR A 449 -19.47 -12.57 27.08
C THR A 449 -19.68 -13.15 28.51
N LYS A 450 -18.75 -12.89 29.37
CA LYS A 450 -18.94 -13.19 30.74
C LYS A 450 -18.05 -12.24 31.54
N SER A 451 -16.74 -12.26 31.27
CA SER A 451 -15.80 -11.29 31.85
C SER A 451 -15.81 -10.02 30.98
N GLY A 452 -16.11 -10.20 29.72
CA GLY A 452 -16.06 -9.11 28.78
C GLY A 452 -14.98 -9.33 27.75
N ARG A 453 -14.05 -10.27 27.98
CA ARG A 453 -12.84 -10.31 27.18
C ARG A 453 -13.15 -10.59 25.70
N SER A 454 -14.11 -11.49 25.46
CA SER A 454 -14.56 -11.87 24.11
C SER A 454 -14.97 -10.65 23.26
N ALA A 455 -15.84 -9.81 23.83
CA ALA A 455 -16.17 -8.49 23.28
C ALA A 455 -14.84 -7.76 23.09
N HIS A 456 -14.04 -7.57 24.14
CA HIS A 456 -12.90 -6.62 24.07
C HIS A 456 -12.02 -6.91 22.84
N GLN A 457 -11.80 -8.18 22.49
CA GLN A 457 -11.01 -8.57 21.27
C GLN A 457 -11.62 -8.07 19.95
N VAL A 458 -12.91 -8.09 19.86
CA VAL A 458 -13.57 -7.69 18.66
C VAL A 458 -13.40 -6.18 18.51
N ALA A 459 -13.59 -5.44 19.57
CA ALA A 459 -13.47 -4.03 19.51
C ALA A 459 -12.02 -3.68 19.21
N ARG A 460 -11.03 -4.50 19.54
CA ARG A 460 -9.60 -4.20 19.18
C ARG A 460 -9.40 -4.00 17.65
N TYR A 461 -10.44 -4.11 16.80
CA TYR A 461 -10.28 -4.10 15.32
C TYR A 461 -11.07 -2.94 14.68
N ARG A 462 -11.85 -2.29 15.53
CA ARG A 462 -12.68 -1.19 15.12
C ARG A 462 -13.61 -1.60 13.96
N PRO A 463 -14.43 -2.69 14.10
CA PRO A 463 -15.54 -3.09 13.19
C PRO A 463 -16.51 -1.93 12.92
N ARG A 464 -17.06 -1.82 11.72
CA ARG A 464 -17.96 -0.68 11.47
C ARG A 464 -19.30 -0.94 12.18
N ALA A 465 -19.69 -2.20 12.27
CA ALA A 465 -20.94 -2.57 12.91
C ALA A 465 -20.80 -2.31 14.42
N PRO A 466 -21.91 -2.00 15.12
CA PRO A 466 -21.96 -2.02 16.58
C PRO A 466 -21.74 -3.45 17.12
N ILE A 467 -21.26 -3.61 18.35
CA ILE A 467 -20.99 -4.93 18.99
C ILE A 467 -21.94 -5.13 20.18
N ILE A 468 -23.15 -5.66 19.98
CA ILE A 468 -23.97 -5.98 21.15
C ILE A 468 -23.27 -7.06 21.99
N ALA A 469 -22.98 -6.81 23.26
CA ALA A 469 -22.44 -7.91 24.11
C ALA A 469 -23.50 -8.30 25.15
N VAL A 470 -23.61 -9.58 25.42
CA VAL A 470 -24.73 -10.00 26.19
C VAL A 470 -24.23 -10.77 27.39
N THR A 471 -24.37 -10.12 28.54
CA THR A 471 -23.75 -10.64 29.73
C THR A 471 -24.81 -10.78 30.81
N ARG A 472 -24.51 -11.63 31.79
CA ARG A 472 -25.30 -11.75 33.00
C ARG A 472 -24.64 -10.95 34.12
N ASN A 473 -23.30 -10.94 34.13
CA ASN A 473 -22.48 -10.22 35.11
C ASN A 473 -22.82 -8.73 35.03
N PRO A 474 -23.56 -8.18 36.03
CA PRO A 474 -24.03 -6.79 35.90
C PRO A 474 -22.86 -5.80 35.81
N GLN A 475 -21.73 -6.13 36.44
CA GLN A 475 -20.55 -5.28 36.46
C GLN A 475 -19.83 -5.26 35.11
N THR A 476 -19.64 -6.43 34.49
CA THR A 476 -19.01 -6.53 33.15
C THR A 476 -19.71 -5.55 32.19
N ALA A 477 -21.03 -5.56 32.25
CA ALA A 477 -21.84 -4.65 31.49
C ALA A 477 -21.39 -3.21 31.73
N ARG A 478 -21.08 -2.79 32.95
CA ARG A 478 -20.81 -1.38 33.18
C ARG A 478 -19.45 -0.98 32.61
N GLN A 479 -18.43 -1.80 32.78
CA GLN A 479 -17.08 -1.42 32.32
C GLN A 479 -16.91 -1.67 30.81
N ALA A 480 -17.94 -2.12 30.11
CA ALA A 480 -17.86 -2.30 28.65
C ALA A 480 -17.85 -0.93 27.97
N HIS A 481 -18.24 0.10 28.70
CA HIS A 481 -18.52 1.34 28.10
C HIS A 481 -17.20 1.96 27.67
N LEU A 482 -16.11 1.57 28.32
CA LEU A 482 -14.74 1.98 27.90
C LEU A 482 -14.40 1.58 26.45
N TYR A 483 -14.59 0.34 26.02
CA TYR A 483 -14.03 -0.12 24.75
C TYR A 483 -14.84 0.46 23.61
N ARG A 484 -14.21 0.94 22.53
CA ARG A 484 -15.05 1.62 21.56
C ARG A 484 -15.78 0.59 20.71
N GLY A 485 -17.10 0.73 20.54
CA GLY A 485 -17.86 -0.17 19.65
C GLY A 485 -18.94 -0.87 20.43
N ILE A 486 -18.49 -1.52 21.53
CA ILE A 486 -19.30 -2.35 22.46
C ILE A 486 -20.44 -1.51 23.02
N PHE A 487 -21.62 -2.08 22.88
CA PHE A 487 -22.91 -1.57 23.33
C PHE A 487 -23.52 -2.67 24.21
N PRO A 488 -23.19 -2.72 25.54
CA PRO A 488 -23.49 -3.90 26.40
C PRO A 488 -24.99 -4.01 26.67
N VAL A 489 -25.50 -5.24 26.87
CA VAL A 489 -26.92 -5.39 27.36
C VAL A 489 -26.95 -6.46 28.45
N LEU A 490 -27.71 -6.18 29.51
CA LEU A 490 -27.71 -7.03 30.68
C LEU A 490 -28.94 -7.94 30.67
N CYS A 491 -28.69 -9.24 30.72
CA CYS A 491 -29.75 -10.25 30.70
C CYS A 491 -30.13 -10.62 32.15
N LYS A 492 -31.43 -10.53 32.41
CA LYS A 492 -32.00 -10.85 33.73
C LYS A 492 -32.70 -12.21 33.69
N ASP A 493 -33.23 -12.60 32.52
CA ASP A 493 -33.85 -13.94 32.25
C ASP A 493 -33.07 -15.07 32.93
N PRO A 494 -33.71 -15.83 33.85
CA PRO A 494 -33.04 -16.83 34.72
C PRO A 494 -32.49 -18.01 33.90
N VAL A 495 -31.45 -18.68 34.43
CA VAL A 495 -30.66 -19.67 33.66
C VAL A 495 -31.54 -20.90 33.35
N GLN A 496 -31.67 -21.23 32.07
CA GLN A 496 -32.38 -22.43 31.57
C GLN A 496 -31.64 -23.70 32.03
N GLU A 497 -32.26 -24.87 31.86
CA GLU A 497 -31.62 -26.13 32.27
C GLU A 497 -30.57 -26.54 31.22
N ALA A 498 -31.02 -26.83 30.00
CA ALA A 498 -30.14 -27.28 28.92
C ALA A 498 -29.30 -26.10 28.42
N TRP A 499 -27.97 -26.25 28.54
CA TRP A 499 -27.04 -25.14 28.35
C TRP A 499 -27.08 -24.59 26.91
N ALA A 500 -27.29 -25.45 25.91
CA ALA A 500 -27.42 -24.97 24.54
C ALA A 500 -28.61 -24.02 24.44
N GLU A 501 -29.69 -24.28 25.19
CA GLU A 501 -30.92 -23.50 25.09
C GLU A 501 -30.78 -22.18 25.86
N ASP A 502 -29.88 -22.17 26.82
CA ASP A 502 -29.53 -20.94 27.52
C ASP A 502 -28.76 -20.00 26.62
N VAL A 503 -27.91 -20.54 25.71
CA VAL A 503 -27.22 -19.70 24.69
C VAL A 503 -28.23 -19.11 23.68
N ASP A 504 -29.22 -19.92 23.31
CA ASP A 504 -30.19 -19.50 22.31
C ASP A 504 -31.14 -18.49 22.85
N LEU A 505 -31.30 -18.48 24.17
CA LEU A 505 -32.14 -17.49 24.80
C LEU A 505 -31.44 -16.12 24.75
N ARG A 506 -30.15 -16.11 25.13
CA ARG A 506 -29.29 -14.89 25.15
C ARG A 506 -29.13 -14.27 23.75
N VAL A 507 -28.80 -15.07 22.73
CA VAL A 507 -28.75 -14.52 21.41
C VAL A 507 -30.06 -13.79 21.12
N ASN A 508 -31.20 -14.46 21.23
CA ASN A 508 -32.51 -13.88 20.84
C ASN A 508 -32.85 -12.59 21.58
N PHE A 509 -32.35 -12.46 22.80
CA PHE A 509 -32.40 -11.19 23.50
C PHE A 509 -31.71 -10.11 22.65
N ALA A 510 -30.45 -10.38 22.29
CA ALA A 510 -29.61 -9.43 21.51
C ALA A 510 -30.22 -9.06 20.14
N MET A 511 -31.14 -9.85 19.61
CA MET A 511 -31.83 -9.50 18.38
C MET A 511 -32.95 -8.52 18.73
N ASN A 512 -33.76 -8.88 19.74
CA ASN A 512 -34.87 -8.04 20.16
C ASN A 512 -34.37 -6.69 20.68
N VAL A 513 -33.14 -6.65 21.17
CA VAL A 513 -32.58 -5.39 21.61
C VAL A 513 -32.11 -4.58 20.39
N GLY A 514 -31.43 -5.22 19.44
CA GLY A 514 -30.92 -4.51 18.23
C GLY A 514 -32.03 -3.88 17.42
N LYS A 515 -33.15 -4.61 17.30
CA LYS A 515 -34.33 -4.24 16.52
C LYS A 515 -35.05 -3.04 17.15
N ALA A 516 -35.37 -3.12 18.44
CA ALA A 516 -36.08 -2.04 19.16
C ALA A 516 -35.21 -0.79 19.29
N ARG A 517 -33.94 -0.90 18.92
CA ARG A 517 -33.03 0.23 18.93
C ARG A 517 -32.90 0.77 17.50
N GLY A 518 -32.79 -0.14 16.54
CA GLY A 518 -32.79 0.22 15.14
C GLY A 518 -31.49 -0.16 14.45
N PHE A 519 -30.72 -1.08 15.03
CA PHE A 519 -29.41 -1.40 14.45
C PHE A 519 -29.59 -2.37 13.29
N PHE A 520 -30.80 -2.91 13.14
CA PHE A 520 -31.12 -3.80 12.04
C PHE A 520 -32.63 -4.05 12.05
N LYS A 521 -33.14 -4.63 10.96
CA LYS A 521 -34.54 -5.00 10.81
C LYS A 521 -34.62 -6.52 10.65
N LYS A 522 -35.81 -7.02 10.35
CA LYS A 522 -35.98 -8.40 9.96
C LYS A 522 -35.24 -8.63 8.63
N GLY A 523 -34.72 -9.83 8.43
CA GLY A 523 -34.16 -10.22 7.13
C GLY A 523 -32.85 -9.52 6.81
N ASP A 524 -32.32 -8.77 7.79
CA ASP A 524 -30.95 -8.28 7.76
C ASP A 524 -30.00 -9.43 8.07
N VAL A 525 -28.75 -9.11 8.41
CA VAL A 525 -27.70 -10.14 8.53
C VAL A 525 -26.77 -9.78 9.70
N VAL A 526 -26.61 -10.71 10.67
CA VAL A 526 -25.77 -10.47 11.89
C VAL A 526 -24.76 -11.60 12.08
N ILE A 527 -23.61 -11.26 12.63
CA ILE A 527 -22.58 -12.23 12.96
C ILE A 527 -22.77 -12.56 14.44
N VAL A 528 -22.65 -13.81 14.90
CA VAL A 528 -22.89 -14.10 16.33
C VAL A 528 -21.73 -14.91 16.89
N LEU A 529 -20.90 -14.36 17.73
CA LEU A 529 -19.86 -15.17 18.33
C LEU A 529 -20.38 -15.96 19.55
N THR A 530 -19.86 -17.19 19.78
CA THR A 530 -20.28 -18.03 20.90
C THR A 530 -19.16 -18.99 21.31
N GLY A 531 -19.26 -19.59 22.49
CA GLY A 531 -18.30 -20.65 22.93
C GLY A 531 -18.78 -22.05 22.59
N TRP A 532 -18.07 -23.07 23.06
CA TRP A 532 -18.37 -24.47 22.70
C TRP A 532 -18.78 -25.24 23.95
N ARG A 533 -18.09 -24.95 25.06
CA ARG A 533 -18.51 -25.34 26.40
C ARG A 533 -18.96 -24.06 27.10
N PRO A 534 -19.49 -24.14 28.35
CA PRO A 534 -19.75 -22.95 29.21
C PRO A 534 -18.47 -22.59 29.99
N GLY A 535 -18.39 -21.40 30.56
CA GLY A 535 -17.15 -21.03 31.24
C GLY A 535 -16.65 -19.67 30.81
N SER A 536 -15.36 -19.42 30.97
CA SER A 536 -14.78 -18.24 30.33
C SER A 536 -13.57 -18.64 29.49
N GLY A 537 -13.54 -18.13 28.28
CA GLY A 537 -12.35 -18.28 27.47
C GLY A 537 -12.46 -19.43 26.50
N PHE A 538 -13.67 -19.81 26.10
CA PHE A 538 -13.81 -20.82 25.11
C PHE A 538 -14.66 -20.33 23.92
N THR A 539 -14.62 -19.04 23.56
CA THR A 539 -15.24 -18.55 22.34
C THR A 539 -14.47 -19.06 21.12
N ASN A 540 -15.12 -19.77 20.22
CA ASN A 540 -14.39 -20.31 19.07
C ASN A 540 -15.30 -20.29 17.83
N THR A 541 -16.61 -20.24 18.06
CA THR A 541 -17.59 -20.36 17.01
C THR A 541 -18.01 -18.97 16.53
N MET A 542 -17.96 -18.72 15.23
CA MET A 542 -18.54 -17.54 14.62
C MET A 542 -19.62 -17.95 13.60
N ARG A 543 -20.95 -17.89 13.89
CA ARG A 543 -22.10 -18.16 12.88
C ARG A 543 -22.60 -16.87 12.21
N VAL A 544 -23.26 -16.93 11.06
CA VAL A 544 -23.66 -15.70 10.35
C VAL A 544 -25.15 -15.83 10.02
N VAL A 545 -26.00 -15.19 10.79
CA VAL A 545 -27.40 -15.57 10.76
C VAL A 545 -28.24 -14.41 10.22
N PRO A 546 -29.42 -14.74 9.64
CA PRO A 546 -30.40 -13.72 9.25
C PRO A 546 -31.31 -13.39 10.45
N VAL A 547 -31.62 -12.10 10.63
CA VAL A 547 -32.36 -11.62 11.83
C VAL A 547 -33.83 -12.05 11.75
N PRO A 548 -34.29 -12.82 12.77
CA PRO A 548 -35.64 -13.35 12.85
C PRO A 548 -36.65 -12.25 13.21
N LEU B 35 21.28 10.61 7.45
CA LEU B 35 20.76 11.84 8.11
C LEU B 35 19.56 11.47 8.99
N HIS B 36 18.38 12.01 8.65
CA HIS B 36 17.12 11.72 9.33
C HIS B 36 16.70 10.27 9.02
N ALA B 37 16.32 9.51 10.05
CA ALA B 37 16.01 8.07 9.97
C ALA B 37 14.73 7.82 9.15
N ALA B 38 14.57 6.59 8.64
CA ALA B 38 13.44 6.21 7.76
C ALA B 38 12.12 6.27 8.54
N MET B 39 11.15 6.96 7.94
CA MET B 39 9.82 7.19 8.54
C MET B 39 9.00 5.88 8.52
N ALA B 40 7.92 5.87 9.28
CA ALA B 40 7.16 4.66 9.59
C ALA B 40 6.50 4.10 8.34
N ASP B 41 6.32 2.78 8.35
CA ASP B 41 5.78 2.05 7.22
C ASP B 41 4.26 2.17 7.08
N THR B 42 3.60 2.61 8.15
CA THR B 42 2.13 2.71 8.18
C THR B 42 1.72 3.97 8.95
N PHE B 43 0.48 4.40 8.74
CA PHE B 43 -0.05 5.60 9.40
C PHE B 43 -0.31 5.34 10.88
N LEU B 44 -0.61 4.12 11.27
CA LEU B 44 -0.68 3.89 12.69
C LEU B 44 0.73 3.87 13.27
N GLU B 45 1.68 3.20 12.63
CA GLU B 45 3.07 3.21 13.11
C GLU B 45 3.59 4.66 13.21
N HIS B 46 3.20 5.48 12.23
CA HIS B 46 3.62 6.86 12.09
C HIS B 46 3.22 7.66 13.35
N MET B 47 1.92 7.75 13.56
CA MET B 47 1.28 8.34 14.72
C MET B 47 2.08 7.96 15.96
N CYS B 48 2.30 6.66 16.20
CA CYS B 48 2.82 6.16 17.50
C CYS B 48 4.22 6.72 17.79
N ARG B 49 4.88 7.19 16.75
CA ARG B 49 6.27 7.54 16.85
C ARG B 49 6.43 9.04 17.12
N LEU B 50 5.32 9.80 17.14
CA LEU B 50 5.39 11.26 17.26
C LEU B 50 6.01 11.61 18.62
N ASP B 51 7.21 12.17 18.57
CA ASP B 51 7.91 12.62 19.76
C ASP B 51 7.50 14.07 20.02
N ILE B 52 7.50 14.47 21.28
CA ILE B 52 7.17 15.86 21.64
C ILE B 52 8.44 16.59 22.16
N ASP B 53 9.56 15.88 22.11
CA ASP B 53 10.87 16.41 22.49
C ASP B 53 11.70 16.75 21.27
N SER B 54 11.10 16.56 20.08
CA SER B 54 11.75 16.76 18.77
C SER B 54 11.44 18.16 18.26
N PRO B 55 12.43 19.09 18.23
CA PRO B 55 12.13 20.47 17.82
C PRO B 55 11.83 20.54 16.31
N PRO B 56 10.89 21.41 15.89
CA PRO B 56 10.58 21.58 14.47
C PRO B 56 11.50 22.57 13.72
N ILE B 57 11.53 22.42 12.40
CA ILE B 57 12.12 23.33 11.38
C ILE B 57 11.80 24.79 11.76
N THR B 58 12.63 25.76 11.38
CA THR B 58 12.37 27.19 11.67
C THR B 58 11.29 27.74 10.71
N ALA B 59 11.10 27.07 9.58
CA ALA B 59 10.13 27.50 8.56
C ALA B 59 8.70 27.25 9.06
N ARG B 60 7.74 27.95 8.48
CA ARG B 60 6.33 27.71 8.76
C ARG B 60 5.54 27.78 7.43
N ASN B 61 4.88 26.68 7.08
CA ASN B 61 4.39 26.48 5.71
C ASN B 61 2.95 26.96 5.48
N THR B 62 2.19 27.31 6.50
CA THR B 62 0.84 27.71 6.17
C THR B 62 0.63 29.18 6.50
N GLY B 63 0.15 29.96 5.55
CA GLY B 63 0.05 31.40 5.78
C GLY B 63 -0.92 31.78 6.89
N ILE B 64 -0.82 33.04 7.35
CA ILE B 64 -1.74 33.61 8.36
C ILE B 64 -2.30 34.95 7.86
N ILE B 65 -3.62 34.88 7.73
CA ILE B 65 -4.53 35.95 7.37
C ILE B 65 -5.14 36.55 8.66
N CYS B 66 -4.86 37.83 8.90
CA CYS B 66 -5.53 38.55 9.96
C CYS B 66 -6.66 39.38 9.36
N THR B 67 -7.72 39.59 10.12
CA THR B 67 -8.72 40.55 9.72
C THR B 67 -8.42 41.84 10.48
N ILE B 68 -8.49 42.99 9.79
CA ILE B 68 -8.10 44.29 10.37
C ILE B 68 -9.38 45.00 10.82
N GLY B 69 -9.37 45.40 12.09
CA GLY B 69 -10.48 46.12 12.65
C GLY B 69 -9.97 47.23 13.56
N PRO B 70 -10.79 47.64 14.54
CA PRO B 70 -10.40 48.65 15.53
C PRO B 70 -9.11 48.31 16.32
N ALA B 71 -8.99 47.05 16.73
CA ALA B 71 -7.93 46.61 17.63
C ALA B 71 -6.55 46.57 16.93
N SER B 72 -6.49 46.87 15.64
CA SER B 72 -5.32 46.54 14.80
C SER B 72 -5.32 47.34 13.49
N ARG B 73 -5.77 48.59 13.53
CA ARG B 73 -5.68 49.50 12.38
C ARG B 73 -4.50 50.45 12.53
N SER B 74 -3.98 50.56 13.77
CA SER B 74 -2.88 51.47 14.08
C SER B 74 -1.60 50.97 13.41
N VAL B 75 -0.68 51.89 13.08
CA VAL B 75 0.50 51.50 12.32
C VAL B 75 1.52 50.85 13.28
N GLU B 76 1.42 51.12 14.57
CA GLU B 76 2.33 50.47 15.52
C GLU B 76 1.95 48.99 15.67
N THR B 77 0.64 48.73 15.74
CA THR B 77 0.10 47.38 15.94
C THR B 77 0.41 46.48 14.73
N LEU B 78 0.14 47.01 13.53
CA LEU B 78 0.35 46.36 12.26
C LEU B 78 1.83 46.04 12.04
N LYS B 79 2.73 47.00 12.26
CA LYS B 79 4.16 46.72 12.24
C LYS B 79 4.45 45.50 13.11
N GLU B 80 3.91 45.49 14.33
CA GLU B 80 4.22 44.48 15.35
C GLU B 80 3.64 43.12 14.97
N MET B 81 2.45 43.15 14.35
CA MET B 81 1.78 41.98 13.77
C MET B 81 2.64 41.40 12.64
N ILE B 82 3.05 42.21 11.68
CA ILE B 82 3.83 41.71 10.55
C ILE B 82 5.01 40.91 11.10
N LYS B 83 5.63 41.39 12.18
CA LYS B 83 6.75 40.71 12.86
C LYS B 83 6.32 39.32 13.35
N SER B 84 5.10 39.21 13.88
CA SER B 84 4.61 37.99 14.51
C SER B 84 4.32 36.88 13.47
N GLY B 85 3.96 37.28 12.24
CA GLY B 85 3.69 36.32 11.17
C GLY B 85 2.33 36.54 10.51
N MET B 86 2.06 37.75 10.06
CA MET B 86 0.86 38.04 9.25
C MET B 86 1.27 38.29 7.78
N ASN B 87 0.49 37.76 6.84
CA ASN B 87 0.94 37.67 5.45
C ASN B 87 -0.18 38.16 4.51
N VAL B 88 -1.41 38.22 5.02
CA VAL B 88 -2.62 38.70 4.31
C VAL B 88 -3.36 39.58 5.32
N ALA B 89 -3.52 40.87 5.03
CA ALA B 89 -4.42 41.69 5.84
C ALA B 89 -5.79 41.56 5.20
N ARG B 90 -6.84 41.12 5.92
CA ARG B 90 -8.16 41.02 5.26
C ARG B 90 -9.14 42.10 5.75
N LEU B 91 -9.52 42.95 4.82
CA LEU B 91 -10.46 44.03 5.03
C LEU B 91 -11.88 43.50 4.81
N ASN B 92 -12.77 43.85 5.73
CA ASN B 92 -14.11 43.28 5.80
C ASN B 92 -15.12 44.30 5.31
N PHE B 93 -15.66 44.12 4.11
CA PHE B 93 -16.44 45.19 3.48
C PHE B 93 -17.92 45.13 3.86
N SER B 94 -18.22 44.48 4.98
CA SER B 94 -19.55 44.54 5.60
C SER B 94 -19.80 45.96 6.13
N HIS B 95 -19.11 46.33 7.21
CA HIS B 95 -19.32 47.59 7.93
C HIS B 95 -18.26 48.61 7.51
N GLY B 96 -18.54 49.90 7.75
CA GLY B 96 -17.59 50.99 7.45
C GLY B 96 -17.74 51.50 6.03
N THR B 97 -17.31 52.75 5.80
CA THR B 97 -17.44 53.45 4.50
C THR B 97 -16.16 53.25 3.66
N HIS B 98 -16.22 53.66 2.39
CA HIS B 98 -15.07 53.56 1.45
C HIS B 98 -13.87 54.38 1.93
N GLU B 99 -14.13 55.50 2.58
CA GLU B 99 -13.08 56.38 3.09
C GLU B 99 -12.38 55.69 4.26
N TYR B 100 -13.15 54.94 5.07
CA TYR B 100 -12.64 54.33 6.29
C TYR B 100 -11.69 53.19 5.93
N HIS B 101 -12.03 52.43 4.90
CA HIS B 101 -11.18 51.31 4.48
C HIS B 101 -9.87 51.81 3.87
N ALA B 102 -9.94 52.88 3.08
CA ALA B 102 -8.77 53.41 2.41
C ALA B 102 -7.70 53.77 3.44
N GLU B 103 -8.10 54.35 4.59
CA GLU B 103 -7.19 54.70 5.70
C GLU B 103 -6.54 53.43 6.28
N THR B 104 -7.26 52.32 6.24
CA THR B 104 -6.78 51.03 6.70
C THR B 104 -5.73 50.52 5.72
N ILE B 105 -6.02 50.53 4.41
CA ILE B 105 -5.03 50.04 3.42
C ILE B 105 -3.76 50.89 3.50
N LYS B 106 -3.93 52.22 3.45
CA LYS B 106 -2.84 53.20 3.64
C LYS B 106 -1.94 52.80 4.85
N ASN B 107 -2.56 52.32 5.92
CA ASN B 107 -1.84 51.88 7.09
C ASN B 107 -1.13 50.56 6.80
N VAL B 108 -1.87 49.48 6.56
CA VAL B 108 -1.26 48.16 6.18
C VAL B 108 0.01 48.37 5.33
N ARG B 109 -0.07 49.23 4.29
CA ARG B 109 1.05 49.53 3.37
C ARG B 109 2.18 50.30 4.07
N THR B 110 1.85 51.30 4.88
CA THR B 110 2.87 52.07 5.58
C THR B 110 3.74 51.12 6.41
N ALA B 111 3.09 50.20 7.14
CA ALA B 111 3.81 49.23 7.98
C ALA B 111 4.54 48.22 7.08
N THR B 112 3.85 47.60 6.11
CA THR B 112 4.53 46.67 5.17
C THR B 112 5.86 47.32 4.72
N GLU B 113 5.80 48.61 4.37
CA GLU B 113 6.92 49.35 3.71
C GLU B 113 7.92 49.94 4.70
N SER B 114 7.64 49.88 6.00
CA SER B 114 8.62 50.25 7.02
C SER B 114 9.87 49.39 6.84
N PHE B 115 9.67 48.06 6.81
CA PHE B 115 10.77 47.08 6.86
C PHE B 115 11.49 46.96 5.50
N ALA B 116 11.12 47.76 4.49
CA ALA B 116 11.67 47.52 3.14
C ALA B 116 12.99 48.26 2.93
N SER B 117 13.57 48.85 3.99
CA SER B 117 14.93 49.42 3.95
C SER B 117 15.96 48.29 3.76
N ASP B 118 15.84 47.23 4.58
CA ASP B 118 16.70 46.02 4.56
C ASP B 118 16.11 44.95 3.64
N PRO B 119 16.61 44.86 2.39
CA PRO B 119 15.89 44.12 1.33
C PRO B 119 15.84 42.61 1.62
N ILE B 120 16.76 42.11 2.46
CA ILE B 120 16.83 40.70 2.84
C ILE B 120 15.67 40.37 3.79
N LEU B 121 15.39 41.24 4.76
CA LEU B 121 14.46 40.87 5.85
C LEU B 121 13.01 41.34 5.62
N TYR B 122 12.76 41.89 4.43
CA TYR B 122 11.47 42.46 4.05
C TYR B 122 10.46 41.34 3.77
N ARG B 123 9.46 41.18 4.62
CA ARG B 123 8.35 40.28 4.24
C ARG B 123 7.33 41.11 3.45
N PRO B 124 6.87 40.64 2.27
CA PRO B 124 5.72 41.28 1.59
C PRO B 124 4.37 40.85 2.20
N VAL B 125 3.29 41.64 2.01
CA VAL B 125 2.03 41.44 2.74
C VAL B 125 0.83 41.71 1.84
N ALA B 126 0.08 40.66 1.49
CA ALA B 126 -1.17 40.76 0.67
C ALA B 126 -2.28 41.53 1.41
N VAL B 127 -3.13 42.17 0.60
CA VAL B 127 -4.41 42.74 1.05
C VAL B 127 -5.52 41.99 0.33
N ALA B 128 -6.69 41.99 0.95
CA ALA B 128 -7.78 41.15 0.48
C ALA B 128 -9.10 41.77 0.96
N LEU B 129 -10.06 41.64 0.09
CA LEU B 129 -11.25 42.37 0.21
C LEU B 129 -12.36 41.34 0.34
N ASP B 130 -13.10 41.43 1.42
CA ASP B 130 -14.18 40.47 1.70
C ASP B 130 -15.54 41.13 1.41
N THR B 131 -15.98 40.98 0.15
CA THR B 131 -17.28 41.50 -0.33
C THR B 131 -18.43 41.04 0.58
N LYS B 132 -19.36 41.95 0.86
CA LYS B 132 -20.44 41.75 1.82
C LYS B 132 -21.36 40.59 1.41
N GLY B 133 -21.65 40.51 0.10
CA GLY B 133 -22.46 39.43 -0.47
C GLY B 133 -23.94 39.78 -0.46
N PRO B 134 -24.77 38.90 -1.05
CA PRO B 134 -26.25 38.94 -0.99
C PRO B 134 -26.75 38.67 0.43
N GLU B 135 -27.95 39.17 0.74
CA GLU B 135 -28.64 38.85 2.00
C GLU B 135 -30.15 38.83 1.79
N ILE B 136 -30.82 38.20 2.75
CA ILE B 136 -32.24 38.39 3.03
C ILE B 136 -32.31 39.02 4.43
N ARG B 137 -33.28 39.91 4.64
CA ARG B 137 -33.32 40.73 5.84
C ARG B 137 -34.74 40.95 6.33
N THR B 138 -34.84 41.16 7.64
CA THR B 138 -36.08 41.44 8.36
C THR B 138 -36.27 42.97 8.40
N GLY B 139 -37.53 43.40 8.49
CA GLY B 139 -37.87 44.82 8.60
C GLY B 139 -37.83 45.31 10.04
N LEU B 140 -38.18 46.58 10.23
CA LEU B 140 -38.23 47.22 11.56
C LEU B 140 -39.43 46.69 12.34
N ILE B 141 -39.18 46.11 13.53
CA ILE B 141 -40.23 45.49 14.35
C ILE B 141 -40.96 46.55 15.20
N LYS B 142 -42.28 46.53 15.08
CA LYS B 142 -43.25 47.41 15.80
C LYS B 142 -43.07 48.89 15.41
N GLY B 143 -42.29 49.15 14.35
CA GLY B 143 -42.04 50.51 13.86
C GLY B 143 -40.80 51.13 14.46
N SER B 144 -40.27 50.50 15.50
CA SER B 144 -39.18 51.05 16.32
C SER B 144 -37.82 50.76 15.67
N GLY B 145 -36.77 51.39 16.20
CA GLY B 145 -35.40 51.13 15.78
C GLY B 145 -34.85 49.83 16.34
N THR B 146 -35.10 49.58 17.63
CA THR B 146 -34.59 48.39 18.36
C THR B 146 -35.67 47.88 19.35
N ALA B 147 -36.59 47.05 18.85
CA ALA B 147 -37.70 46.48 19.66
C ALA B 147 -37.60 44.95 19.70
N GLU B 148 -38.28 44.33 20.68
CA GLU B 148 -38.21 42.86 20.89
C GLU B 148 -39.61 42.24 20.78
N VAL B 149 -39.66 41.04 20.18
CA VAL B 149 -40.88 40.24 19.99
C VAL B 149 -40.56 38.79 20.39
N GLU B 150 -41.41 38.18 21.21
CA GLU B 150 -41.24 36.78 21.65
C GLU B 150 -42.00 35.83 20.69
N LEU B 151 -41.26 34.92 20.05
CA LEU B 151 -41.85 33.85 19.24
C LEU B 151 -41.80 32.53 20.04
N LYS B 152 -42.97 31.94 20.24
CA LYS B 152 -43.14 30.72 21.04
C LYS B 152 -42.80 29.49 20.18
N LYS B 153 -42.95 28.30 20.77
CA LYS B 153 -42.49 27.04 20.17
C LYS B 153 -43.68 26.26 19.58
N GLY B 154 -44.40 26.91 18.66
CA GLY B 154 -45.59 26.34 18.01
C GLY B 154 -46.46 27.40 17.34
N ALA B 155 -46.16 28.68 17.62
CA ALA B 155 -46.92 29.86 17.14
C ALA B 155 -46.81 29.99 15.62
N THR B 156 -47.87 30.54 15.01
CA THR B 156 -48.04 30.59 13.55
C THR B 156 -47.70 31.98 13.04
N LEU B 157 -46.97 32.01 11.92
CA LEU B 157 -46.47 33.24 11.31
C LEU B 157 -46.82 33.28 9.82
N LYS B 158 -47.47 34.37 9.39
CA LYS B 158 -47.53 34.72 7.96
C LYS B 158 -46.31 35.59 7.63
N ILE B 159 -45.74 35.33 6.46
CA ILE B 159 -44.60 36.11 5.97
C ILE B 159 -45.03 36.80 4.68
N THR B 160 -45.14 38.12 4.76
CA THR B 160 -45.68 38.96 3.70
C THR B 160 -44.55 39.73 3.02
N LEU B 161 -44.63 39.84 1.70
CA LEU B 161 -43.59 40.47 0.91
C LEU B 161 -44.06 41.87 0.45
N ASP B 162 -45.23 42.29 0.95
CA ASP B 162 -45.78 43.64 0.73
C ASP B 162 -45.05 44.66 1.60
N ASN B 163 -44.65 45.77 0.98
CA ASN B 163 -43.77 46.79 1.60
C ASN B 163 -44.56 47.65 2.61
N ALA B 164 -45.82 47.29 2.86
CA ALA B 164 -46.66 48.01 3.83
C ALA B 164 -46.35 47.54 5.26
N TYR B 165 -46.00 46.27 5.41
CA TYR B 165 -45.88 45.62 6.74
C TYR B 165 -44.50 45.85 7.36
N MET B 166 -43.50 46.21 6.55
CA MET B 166 -42.20 46.69 7.04
C MET B 166 -42.40 48.06 7.70
N GLU B 167 -41.71 48.29 8.83
CA GLU B 167 -41.87 49.44 9.76
C GLU B 167 -43.18 49.29 10.57
N LYS B 168 -43.79 48.10 10.49
CA LYS B 168 -44.96 47.71 11.31
C LYS B 168 -44.99 46.18 11.44
N CYS B 169 -43.80 45.56 11.45
CA CYS B 169 -43.61 44.11 11.62
C CYS B 169 -43.99 43.70 13.04
N ASP B 170 -44.78 42.65 13.16
CA ASP B 170 -45.26 42.18 14.45
C ASP B 170 -44.83 40.72 14.69
N GLU B 171 -45.49 40.07 15.65
CA GLU B 171 -45.29 38.64 15.91
C GLU B 171 -45.94 37.82 14.80
N ASN B 172 -47.12 38.26 14.34
CA ASN B 172 -47.94 37.47 13.41
C ASN B 172 -47.46 37.66 11.97
N ILE B 173 -47.08 38.88 11.60
CA ILE B 173 -46.68 39.20 10.22
C ILE B 173 -45.23 39.70 10.21
N LEU B 174 -44.41 39.07 9.36
CA LEU B 174 -43.00 39.43 9.14
C LEU B 174 -42.77 39.84 7.68
N TRP B 175 -41.90 40.83 7.47
CA TRP B 175 -41.51 41.28 6.12
C TRP B 175 -40.14 40.70 5.75
N LEU B 176 -40.05 40.10 4.56
CA LEU B 176 -38.78 39.61 4.02
C LEU B 176 -38.31 40.51 2.86
N ASP B 177 -37.05 40.91 2.97
CA ASP B 177 -36.29 41.64 1.96
C ASP B 177 -36.42 40.96 0.59
N TYR B 178 -36.20 39.63 0.58
CA TYR B 178 -36.33 38.76 -0.58
C TYR B 178 -37.80 38.74 -1.05
N LYS B 179 -37.99 39.06 -2.33
CA LYS B 179 -39.30 39.17 -2.96
C LYS B 179 -39.66 37.87 -3.69
N ASN B 180 -38.64 37.12 -4.08
CA ASN B 180 -38.80 36.00 -4.99
C ASN B 180 -38.82 34.68 -4.19
N ILE B 181 -39.13 34.74 -2.88
CA ILE B 181 -38.96 33.59 -1.94
C ILE B 181 -39.91 32.43 -2.28
N CYS B 182 -41.13 32.74 -2.71
CA CYS B 182 -42.22 31.75 -2.79
C CYS B 182 -42.01 30.79 -3.96
N LYS B 183 -41.20 31.19 -4.94
CA LYS B 183 -40.86 30.37 -6.12
C LYS B 183 -39.63 29.50 -5.81
N VAL B 184 -39.04 29.69 -4.63
CA VAL B 184 -37.80 29.02 -4.19
C VAL B 184 -38.12 28.06 -3.04
N VAL B 185 -38.71 28.57 -1.97
CA VAL B 185 -39.01 27.81 -0.76
C VAL B 185 -40.25 26.94 -1.03
N GLU B 186 -40.09 25.64 -0.80
CA GLU B 186 -41.19 24.67 -0.85
C GLU B 186 -41.64 24.34 0.58
N VAL B 187 -42.75 23.61 0.70
CA VAL B 187 -43.36 23.26 1.99
C VAL B 187 -42.50 22.20 2.70
N GLY B 188 -42.12 22.50 3.95
CA GLY B 188 -41.20 21.67 4.73
C GLY B 188 -39.85 22.32 4.94
N SER B 189 -39.39 23.07 3.93
CA SER B 189 -38.14 23.85 4.00
C SER B 189 -38.22 24.84 5.17
N LYS B 190 -37.25 24.76 6.06
CA LYS B 190 -37.20 25.61 7.25
C LYS B 190 -36.51 26.93 6.90
N ILE B 191 -36.95 28.00 7.56
CA ILE B 191 -36.28 29.30 7.51
C ILE B 191 -35.58 29.51 8.86
N TYR B 192 -34.28 29.82 8.81
CA TYR B 192 -33.51 30.20 10.00
C TYR B 192 -33.37 31.72 10.03
N VAL B 193 -33.68 32.30 11.18
CA VAL B 193 -33.69 33.74 11.38
C VAL B 193 -32.64 34.07 12.44
N ASP B 194 -32.06 35.28 12.36
CA ASP B 194 -31.07 35.80 13.33
C ASP B 194 -29.93 34.80 13.62
N ASP B 195 -29.41 34.21 12.54
CA ASP B 195 -28.38 33.16 12.58
C ASP B 195 -28.84 31.91 13.35
N GLY B 196 -30.06 31.48 13.04
CA GLY B 196 -30.60 30.21 13.51
C GLY B 196 -31.03 30.21 14.98
N LEU B 197 -31.14 31.39 15.62
CA LEU B 197 -31.77 31.53 16.98
C LEU B 197 -33.24 31.09 16.89
N ILE B 198 -33.89 31.52 15.80
CA ILE B 198 -35.26 31.17 15.46
C ILE B 198 -35.25 30.43 14.12
N SER B 199 -35.63 29.15 14.17
CA SER B 199 -36.10 28.39 13.02
C SER B 199 -37.61 28.55 12.91
N LEU B 200 -38.15 28.29 11.70
CA LEU B 200 -39.60 28.07 11.51
C LEU B 200 -39.82 27.28 10.22
N GLN B 201 -40.81 26.38 10.27
CA GLN B 201 -41.12 25.41 9.19
C GLN B 201 -42.31 25.92 8.37
N VAL B 202 -42.21 25.83 7.04
CA VAL B 202 -43.23 26.36 6.13
C VAL B 202 -44.35 25.32 5.98
N LYS B 203 -45.59 25.76 6.25
CA LYS B 203 -46.79 24.91 6.26
C LYS B 203 -47.56 25.04 4.94
N GLN B 204 -47.83 26.27 4.50
CA GLN B 204 -48.57 26.51 3.25
C GLN B 204 -48.03 27.76 2.55
N LYS B 205 -47.78 27.65 1.25
CA LYS B 205 -47.36 28.78 0.39
C LYS B 205 -48.45 29.07 -0.66
N GLY B 206 -48.93 30.30 -0.69
CA GLY B 206 -50.06 30.66 -1.57
C GLY B 206 -49.82 31.96 -2.33
N ALA B 207 -48.56 32.25 -2.69
CA ALA B 207 -48.09 33.47 -3.40
C ALA B 207 -48.33 34.74 -2.55
N ASP B 208 -47.38 35.67 -2.62
CA ASP B 208 -47.31 36.88 -1.76
C ASP B 208 -47.07 36.60 -0.27
N PHE B 209 -47.54 35.45 0.22
CA PHE B 209 -47.41 35.05 1.62
C PHE B 209 -47.20 33.53 1.73
N LEU B 210 -46.23 33.13 2.57
CA LEU B 210 -46.12 31.77 3.07
C LEU B 210 -46.35 31.76 4.59
N VAL B 211 -47.03 30.72 5.08
CA VAL B 211 -47.46 30.62 6.48
C VAL B 211 -46.78 29.42 7.14
N THR B 212 -46.26 29.65 8.35
CA THR B 212 -45.25 28.80 8.97
C THR B 212 -45.59 28.53 10.45
N GLU B 213 -45.07 27.42 10.97
CA GLU B 213 -45.10 27.11 12.41
C GLU B 213 -43.68 27.22 12.96
N VAL B 214 -43.51 28.01 14.03
CA VAL B 214 -42.19 28.33 14.62
C VAL B 214 -41.70 27.15 15.47
N GLU B 215 -40.41 26.79 15.30
CA GLU B 215 -39.82 25.55 15.85
C GLU B 215 -38.87 25.86 17.01
N ASN B 216 -38.15 27.00 16.95
CA ASN B 216 -37.23 27.44 18.02
C ASN B 216 -37.65 28.84 18.51
N GLY B 217 -37.53 29.08 19.81
CA GLY B 217 -38.03 30.30 20.40
C GLY B 217 -36.94 31.29 20.78
N GLY B 218 -37.37 32.52 21.06
CA GLY B 218 -36.50 33.57 21.58
C GLY B 218 -36.85 34.94 21.01
N SER B 219 -36.24 35.98 21.58
CA SER B 219 -36.49 37.38 21.17
C SER B 219 -35.90 37.66 19.79
N LEU B 220 -36.67 38.41 18.98
CA LEU B 220 -36.31 38.79 17.61
C LEU B 220 -36.15 40.32 17.55
N GLY B 221 -35.30 40.80 16.65
CA GLY B 221 -35.03 42.24 16.51
C GLY B 221 -35.49 42.83 15.18
N SER B 222 -34.84 43.91 14.78
CA SER B 222 -35.10 44.59 13.51
C SER B 222 -33.83 44.57 12.62
N LYS B 223 -34.02 44.19 11.36
CA LYS B 223 -32.93 44.02 10.37
C LYS B 223 -31.95 42.95 10.86
N LYS B 224 -32.40 41.69 10.74
CA LYS B 224 -31.67 40.48 11.21
C LYS B 224 -31.80 39.36 10.16
N GLY B 225 -30.66 38.77 9.79
CA GLY B 225 -30.48 38.03 8.54
C GLY B 225 -31.20 36.70 8.50
N VAL B 226 -31.72 36.35 7.32
CA VAL B 226 -32.52 35.12 7.11
C VAL B 226 -31.74 34.12 6.24
N ASN B 227 -31.64 32.89 6.73
CA ASN B 227 -31.01 31.79 5.99
C ASN B 227 -32.06 30.69 5.80
N LEU B 228 -32.22 30.21 4.56
CA LEU B 228 -33.26 29.18 4.26
C LEU B 228 -32.62 27.89 3.73
N PRO B 229 -32.23 26.96 4.64
CA PRO B 229 -31.49 25.71 4.33
C PRO B 229 -32.02 24.89 3.16
N GLY B 230 -31.12 24.08 2.58
CA GLY B 230 -31.42 23.08 1.52
C GLY B 230 -31.95 23.68 0.23
N ALA B 231 -31.82 25.00 0.05
CA ALA B 231 -32.53 25.73 -1.01
C ALA B 231 -31.58 26.20 -2.10
N ALA B 232 -32.15 26.52 -3.26
CA ALA B 232 -31.46 27.17 -4.37
C ALA B 232 -31.99 28.61 -4.53
N VAL B 233 -31.32 29.54 -3.84
CA VAL B 233 -31.71 30.97 -3.72
C VAL B 233 -31.35 31.69 -5.03
N ASP B 234 -32.24 32.57 -5.51
CA ASP B 234 -32.14 33.27 -6.82
C ASP B 234 -31.51 34.67 -6.85
N LEU B 235 -31.16 35.21 -5.67
CA LEU B 235 -30.57 36.56 -5.48
C LEU B 235 -29.39 36.79 -6.43
N PRO B 236 -29.17 38.05 -6.86
CA PRO B 236 -28.07 38.36 -7.81
C PRO B 236 -26.69 37.99 -7.24
N ALA B 237 -25.76 37.55 -8.10
CA ALA B 237 -24.40 37.06 -7.69
C ALA B 237 -23.58 38.18 -7.02
N VAL B 238 -23.50 39.32 -7.68
CA VAL B 238 -23.02 40.55 -7.08
C VAL B 238 -24.22 41.48 -6.84
N SER B 239 -24.39 41.88 -5.58
CA SER B 239 -25.38 42.90 -5.22
C SER B 239 -25.01 44.27 -5.82
N GLU B 240 -25.87 45.27 -5.66
CA GLU B 240 -25.60 46.62 -6.12
C GLU B 240 -24.39 47.21 -5.37
N LYS B 241 -24.32 46.96 -4.06
CA LYS B 241 -23.25 47.48 -3.18
C LYS B 241 -21.90 46.90 -3.59
N ASP B 242 -21.87 45.58 -3.81
CA ASP B 242 -20.65 44.84 -4.12
C ASP B 242 -20.08 45.10 -5.50
N ILE B 243 -20.84 45.78 -6.37
CA ILE B 243 -20.31 46.29 -7.65
C ILE B 243 -19.42 47.51 -7.38
N GLN B 244 -19.84 48.39 -6.48
CA GLN B 244 -19.03 49.55 -6.09
C GLN B 244 -17.79 49.08 -5.33
N ASP B 245 -17.94 48.09 -4.44
CA ASP B 245 -16.82 47.52 -3.68
C ASP B 245 -15.70 46.88 -4.53
N LEU B 246 -16.05 45.87 -5.33
CA LEU B 246 -15.08 45.26 -6.23
C LEU B 246 -14.45 46.37 -7.05
N LYS B 247 -15.28 47.26 -7.60
CA LYS B 247 -14.80 48.33 -8.48
C LYS B 247 -13.89 49.29 -7.70
N PHE B 248 -14.13 49.42 -6.39
CA PHE B 248 -13.25 50.18 -5.48
C PHE B 248 -11.90 49.46 -5.29
N GLY B 249 -11.95 48.15 -5.09
CA GLY B 249 -10.77 47.33 -4.86
C GLY B 249 -9.83 47.20 -6.04
N VAL B 250 -10.31 47.34 -7.28
CA VAL B 250 -9.38 47.38 -8.42
C VAL B 250 -8.62 48.71 -8.44
N GLU B 251 -9.31 49.80 -8.09
CA GLU B 251 -8.71 51.14 -7.99
C GLU B 251 -7.66 51.20 -6.87
N GLN B 252 -7.86 50.41 -5.82
CA GLN B 252 -6.99 50.42 -4.64
C GLN B 252 -5.90 49.35 -4.75
N ASP B 253 -5.90 48.59 -5.85
CA ASP B 253 -4.87 47.57 -6.14
C ASP B 253 -4.74 46.45 -5.08
N VAL B 254 -5.87 45.91 -4.63
CA VAL B 254 -5.90 44.74 -3.74
C VAL B 254 -5.32 43.53 -4.50
N ASP B 255 -4.91 42.50 -3.74
CA ASP B 255 -4.25 41.30 -4.29
C ASP B 255 -5.12 40.08 -4.42
N MET B 256 -6.20 40.04 -3.67
CA MET B 256 -7.22 39.07 -4.00
C MET B 256 -8.58 39.55 -3.46
N VAL B 257 -9.66 38.95 -3.97
CA VAL B 257 -11.05 39.25 -3.56
C VAL B 257 -11.67 38.00 -2.94
N PHE B 258 -12.17 38.06 -1.70
CA PHE B 258 -12.90 36.89 -1.16
C PHE B 258 -14.40 37.00 -1.48
N ALA B 259 -14.82 36.32 -2.55
CA ALA B 259 -16.20 36.40 -3.07
C ALA B 259 -17.13 35.68 -2.10
N SER B 260 -18.10 36.41 -1.57
CA SER B 260 -19.05 35.84 -0.62
C SER B 260 -20.27 35.24 -1.34
N PHE B 261 -20.88 34.22 -0.71
CA PHE B 261 -22.13 33.52 -1.13
C PHE B 261 -22.08 33.11 -2.63
N ILE B 262 -21.43 31.99 -2.88
CA ILE B 262 -21.16 31.50 -4.22
C ILE B 262 -21.97 30.22 -4.40
N ARG B 263 -22.95 30.22 -5.31
CA ARG B 263 -23.81 29.03 -5.46
C ARG B 263 -23.47 28.22 -6.73
N LYS B 264 -23.23 28.91 -7.85
CA LYS B 264 -23.02 28.30 -9.19
C LYS B 264 -21.64 28.71 -9.70
N ALA B 265 -21.15 28.09 -10.77
CA ALA B 265 -19.93 28.57 -11.44
C ALA B 265 -20.21 29.92 -12.15
N SER B 266 -21.48 30.24 -12.39
CA SER B 266 -21.84 31.46 -13.11
C SER B 266 -21.67 32.72 -12.23
N ASP B 267 -21.79 32.58 -10.90
CA ASP B 267 -21.55 33.68 -9.91
C ASP B 267 -20.07 34.13 -9.85
N VAL B 268 -19.19 33.13 -9.78
CA VAL B 268 -17.76 33.25 -9.82
C VAL B 268 -17.44 33.92 -11.14
N HIS B 269 -18.12 33.53 -12.24
CA HIS B 269 -17.91 34.17 -13.59
C HIS B 269 -18.41 35.62 -13.66
N GLU B 270 -19.46 35.95 -12.90
CA GLU B 270 -19.93 37.33 -12.74
C GLU B 270 -18.86 38.23 -12.09
N VAL B 271 -18.36 37.85 -10.91
CA VAL B 271 -17.26 38.60 -10.23
C VAL B 271 -16.13 38.85 -11.23
N ARG B 272 -15.75 37.83 -12.01
CA ARG B 272 -14.62 37.94 -12.91
C ARG B 272 -14.92 39.01 -13.98
N LYS B 273 -16.19 39.14 -14.35
CA LYS B 273 -16.60 40.13 -15.35
C LYS B 273 -16.42 41.55 -14.77
N VAL B 274 -17.01 41.81 -13.60
CA VAL B 274 -17.01 43.13 -12.95
C VAL B 274 -15.58 43.65 -12.74
N LEU B 275 -14.66 42.78 -12.32
CA LEU B 275 -13.28 43.19 -12.01
C LEU B 275 -12.67 43.74 -13.29
N GLY B 276 -13.06 43.18 -14.44
CA GLY B 276 -12.66 43.75 -15.75
C GLY B 276 -11.19 43.52 -16.07
N GLU B 277 -10.79 43.88 -17.29
CA GLU B 277 -9.42 43.63 -17.76
C GLU B 277 -8.42 44.53 -17.02
N LYS B 278 -8.92 45.51 -16.26
CA LYS B 278 -8.05 46.41 -15.50
C LYS B 278 -7.54 45.68 -14.25
N GLY B 279 -8.36 44.75 -13.71
CA GLY B 279 -8.00 43.97 -12.54
C GLY B 279 -8.07 42.47 -12.82
N LYS B 280 -7.62 42.05 -14.00
CA LYS B 280 -7.71 40.68 -14.47
C LYS B 280 -6.65 39.78 -13.81
N ASN B 281 -5.84 40.34 -12.92
CA ASN B 281 -4.86 39.54 -12.23
C ASN B 281 -5.40 39.12 -10.87
N ILE B 282 -6.20 40.00 -10.29
CA ILE B 282 -6.69 39.85 -8.95
C ILE B 282 -7.27 38.44 -8.81
N LYS B 283 -6.93 37.73 -7.72
CA LYS B 283 -7.30 36.32 -7.52
C LYS B 283 -8.69 36.25 -6.89
N ILE B 284 -9.62 35.46 -7.46
CA ILE B 284 -10.99 35.28 -6.85
C ILE B 284 -10.98 34.02 -5.97
N ILE B 285 -11.29 34.17 -4.68
CA ILE B 285 -11.45 33.03 -3.80
C ILE B 285 -12.93 32.98 -3.48
N SER B 286 -13.63 31.91 -3.85
CA SER B 286 -15.06 31.85 -3.55
C SER B 286 -15.25 31.42 -2.09
N LYS B 287 -16.15 32.07 -1.35
CA LYS B 287 -16.61 31.53 -0.06
C LYS B 287 -17.73 30.51 -0.32
N ILE B 288 -17.55 29.25 0.11
CA ILE B 288 -18.64 28.26 0.08
C ILE B 288 -19.40 28.44 1.38
N GLU B 289 -20.70 28.66 1.32
CA GLU B 289 -21.34 29.25 2.47
C GLU B 289 -22.68 28.60 2.73
N ASN B 290 -23.32 28.10 1.68
CA ASN B 290 -24.70 27.57 1.75
C ASN B 290 -24.71 26.09 1.34
N HIS B 291 -25.86 25.43 1.47
CA HIS B 291 -25.98 23.99 1.14
C HIS B 291 -25.69 23.73 -0.34
N GLU B 292 -26.23 24.59 -1.21
CA GLU B 292 -26.11 24.48 -2.69
C GLU B 292 -24.64 24.61 -3.15
N GLY B 293 -23.93 25.59 -2.57
CA GLY B 293 -22.48 25.81 -2.71
C GLY B 293 -21.72 24.50 -2.59
N VAL B 294 -21.93 23.74 -1.49
CA VAL B 294 -21.30 22.42 -1.28
C VAL B 294 -21.74 21.43 -2.38
N ARG B 295 -23.04 21.42 -2.68
CA ARG B 295 -23.61 20.38 -3.51
C ARG B 295 -23.06 20.48 -4.94
N ARG B 296 -22.68 21.69 -5.36
CA ARG B 296 -22.14 21.93 -6.71
C ARG B 296 -20.63 22.27 -6.66
N PHE B 297 -19.93 21.83 -5.61
CA PHE B 297 -18.57 22.31 -5.28
C PHE B 297 -17.65 22.17 -6.50
N ASP B 298 -17.79 21.03 -7.17
CA ASP B 298 -16.84 20.60 -8.18
C ASP B 298 -16.69 21.51 -9.39
N GLU B 299 -17.74 22.25 -9.74
CA GLU B 299 -17.75 23.17 -10.89
C GLU B 299 -17.24 24.55 -10.46
N ILE B 300 -17.58 24.98 -9.24
CA ILE B 300 -17.12 26.25 -8.63
C ILE B 300 -15.59 26.27 -8.53
N LEU B 301 -15.02 25.14 -8.15
CA LEU B 301 -13.61 25.00 -8.05
C LEU B 301 -13.00 25.27 -9.42
N GLU B 302 -13.48 24.60 -10.46
CA GLU B 302 -12.92 24.71 -11.79
C GLU B 302 -13.10 26.13 -12.36
N ALA B 303 -13.73 27.01 -11.59
CA ALA B 303 -14.00 28.40 -12.02
C ALA B 303 -13.15 29.41 -11.22
N SER B 304 -12.80 29.11 -9.96
CA SER B 304 -12.12 30.06 -9.00
C SER B 304 -10.59 29.88 -9.05
N ASP B 305 -9.90 30.68 -8.24
CA ASP B 305 -8.46 30.58 -8.17
C ASP B 305 -8.07 29.98 -6.86
N GLY B 306 -9.08 29.70 -6.03
CA GLY B 306 -8.91 29.05 -4.71
C GLY B 306 -10.19 29.18 -3.89
N ILE B 307 -10.34 28.30 -2.90
CA ILE B 307 -11.60 28.19 -2.12
C ILE B 307 -11.42 28.66 -0.68
N MET B 308 -12.45 29.29 -0.14
CA MET B 308 -12.51 29.50 1.30
C MET B 308 -13.67 28.70 1.88
N VAL B 309 -13.30 27.87 2.87
CA VAL B 309 -14.29 27.17 3.68
C VAL B 309 -14.66 28.09 4.83
N ALA B 310 -15.86 28.63 4.75
CA ALA B 310 -16.27 29.62 5.71
C ALA B 310 -17.16 28.96 6.77
N ARG B 311 -16.51 28.32 7.76
CA ARG B 311 -17.22 27.51 8.74
C ARG B 311 -18.33 28.31 9.43
N GLY B 312 -18.13 29.61 9.62
CA GLY B 312 -19.11 30.46 10.28
C GLY B 312 -20.52 30.22 9.75
N ASP B 313 -20.74 30.72 8.53
CA ASP B 313 -22.05 30.67 7.91
C ASP B 313 -22.46 29.25 7.56
N LEU B 314 -21.50 28.43 7.15
CA LEU B 314 -21.80 27.08 6.66
C LEU B 314 -22.59 26.32 7.72
N GLY B 315 -22.31 26.63 8.98
CA GLY B 315 -22.81 25.90 10.15
C GLY B 315 -24.19 26.36 10.62
N ILE B 316 -24.80 27.26 9.86
CA ILE B 316 -26.20 27.61 10.09
C ILE B 316 -27.02 26.98 8.97
N GLU B 317 -26.55 27.17 7.75
CA GLU B 317 -27.23 26.69 6.57
C GLU B 317 -27.27 25.16 6.54
N ILE B 318 -26.38 24.47 7.27
CA ILE B 318 -26.44 22.99 7.46
C ILE B 318 -26.12 22.63 8.92
N PRO B 319 -26.38 21.36 9.38
CA PRO B 319 -26.33 21.01 10.81
C PRO B 319 -24.89 20.99 11.33
N ALA B 320 -24.67 21.63 12.48
CA ALA B 320 -23.32 21.91 13.00
C ALA B 320 -22.46 20.64 13.04
N GLU B 321 -23.08 19.50 13.40
CA GLU B 321 -22.42 18.17 13.54
C GLU B 321 -21.88 17.63 12.19
N LYS B 322 -22.32 18.22 11.07
CA LYS B 322 -21.90 17.79 9.73
C LYS B 322 -20.77 18.68 9.22
N VAL B 323 -20.66 19.90 9.73
CA VAL B 323 -19.74 20.91 9.13
C VAL B 323 -18.34 20.33 8.93
N PHE B 324 -17.92 19.53 9.91
CA PHE B 324 -16.58 18.97 9.92
C PHE B 324 -16.35 18.19 8.60
N LEU B 325 -17.39 17.55 8.05
CA LEU B 325 -17.24 16.64 6.94
C LEU B 325 -17.10 17.45 5.65
N ALA B 326 -17.87 18.54 5.59
CA ALA B 326 -17.82 19.45 4.47
C ALA B 326 -16.42 20.07 4.43
N GLN B 327 -15.89 20.58 5.53
CA GLN B 327 -14.49 21.02 5.52
C GLN B 327 -13.54 19.91 5.00
N LYS B 328 -13.51 18.73 5.63
CA LYS B 328 -12.57 17.67 5.17
C LYS B 328 -12.65 17.49 3.65
N MET B 329 -13.88 17.18 3.19
CA MET B 329 -14.22 16.97 1.77
C MET B 329 -13.57 18.05 0.89
N MET B 330 -13.85 19.30 1.22
CA MET B 330 -13.45 20.38 0.43
C MET B 330 -11.91 20.43 0.42
N ILE B 331 -11.20 20.72 1.52
CA ILE B 331 -9.71 20.67 1.52
C ILE B 331 -9.23 19.47 0.69
N GLY B 332 -9.83 18.30 0.93
CA GLY B 332 -9.59 17.11 0.10
C GLY B 332 -9.52 17.45 -1.38
N ARG B 333 -10.64 17.85 -1.96
CA ARG B 333 -10.79 17.99 -3.38
C ARG B 333 -9.83 19.07 -3.88
N CYS B 334 -9.74 20.17 -3.15
CA CYS B 334 -8.78 21.26 -3.41
C CYS B 334 -7.30 20.79 -3.41
N ASN B 335 -6.95 19.70 -2.74
CA ASN B 335 -5.58 19.27 -2.77
C ASN B 335 -5.34 18.53 -4.08
N ARG B 336 -6.34 17.74 -4.47
CA ARG B 336 -6.27 16.94 -5.66
C ARG B 336 -6.20 17.87 -6.87
N ALA B 337 -6.99 18.94 -6.85
CA ALA B 337 -7.09 19.90 -7.98
C ALA B 337 -5.85 20.77 -8.04
N GLY B 338 -5.13 20.90 -6.93
CA GLY B 338 -3.91 21.69 -6.90
C GLY B 338 -4.13 23.15 -6.54
N LYS B 339 -5.39 23.55 -6.28
CA LYS B 339 -5.82 24.93 -5.89
C LYS B 339 -5.59 25.18 -4.39
N PRO B 340 -5.45 26.43 -3.94
CA PRO B 340 -5.34 26.67 -2.46
C PRO B 340 -6.71 26.75 -1.75
N VAL B 341 -6.76 26.23 -0.53
CA VAL B 341 -7.94 26.32 0.27
C VAL B 341 -7.61 27.06 1.55
N ILE B 342 -8.09 28.29 1.72
CA ILE B 342 -8.11 29.02 3.01
C ILE B 342 -9.08 28.30 3.95
N CYS B 343 -8.87 28.42 5.24
CA CYS B 343 -9.85 27.85 6.14
C CYS B 343 -10.08 28.82 7.31
N ALA B 344 -11.33 29.03 7.67
CA ALA B 344 -11.72 30.25 8.34
C ALA B 344 -12.50 29.97 9.64
N THR B 345 -12.69 31.02 10.45
CA THR B 345 -13.84 31.25 11.40
C THR B 345 -13.82 30.38 12.68
N GLN B 346 -13.86 31.09 13.80
CA GLN B 346 -14.01 30.51 15.15
C GLN B 346 -12.77 29.70 15.55
N MET B 347 -11.68 29.92 14.82
CA MET B 347 -10.47 29.11 14.91
C MET B 347 -9.86 29.24 16.31
N LEU B 348 -9.75 30.47 16.84
CA LEU B 348 -9.16 30.75 18.18
C LEU B 348 -10.09 31.68 18.96
N GLU B 349 -11.41 31.51 18.75
CA GLU B 349 -12.50 32.39 19.26
C GLU B 349 -12.31 32.83 20.72
N SER B 350 -11.92 31.95 21.65
CA SER B 350 -11.84 32.33 23.08
C SER B 350 -10.75 33.38 23.36
N MET B 351 -9.87 33.61 22.38
CA MET B 351 -8.72 34.52 22.48
C MET B 351 -9.09 35.98 22.16
N ILE B 352 -10.39 36.27 22.12
CA ILE B 352 -10.87 37.63 22.22
C ILE B 352 -10.71 38.08 23.68
N LYS B 353 -11.10 37.20 24.61
CA LYS B 353 -11.22 37.56 26.03
C LYS B 353 -9.97 37.12 26.83
N LYS B 354 -9.49 35.88 26.66
CA LYS B 354 -8.38 35.36 27.50
C LYS B 354 -7.11 35.13 26.66
N PRO B 355 -5.89 35.44 27.22
CA PRO B 355 -4.60 35.48 26.47
C PRO B 355 -4.00 34.12 26.07
N ARG B 356 -4.71 33.03 26.35
CA ARG B 356 -4.36 31.64 26.01
C ARG B 356 -5.61 30.96 25.42
N PRO B 357 -5.43 30.06 24.44
CA PRO B 357 -6.65 29.40 23.93
C PRO B 357 -7.08 28.21 24.80
N THR B 358 -8.27 27.68 24.52
CA THR B 358 -8.70 26.38 25.04
C THR B 358 -8.06 25.26 24.20
N ARG B 359 -8.08 24.03 24.70
CA ARG B 359 -7.45 22.90 24.01
C ARG B 359 -8.09 22.70 22.64
N ALA B 360 -9.42 22.76 22.59
CA ALA B 360 -10.23 22.64 21.37
C ALA B 360 -9.74 23.61 20.27
N GLU B 361 -9.38 24.81 20.69
CA GLU B 361 -8.97 25.84 19.78
C GLU B 361 -7.59 25.50 19.24
N GLY B 362 -6.71 25.03 20.14
CA GLY B 362 -5.40 24.50 19.77
C GLY B 362 -5.52 23.39 18.74
N SER B 363 -6.21 22.29 19.09
CA SER B 363 -6.41 21.15 18.17
C SER B 363 -7.67 21.35 17.32
N ASP B 364 -7.57 22.35 16.44
CA ASP B 364 -8.56 22.62 15.40
C ASP B 364 -7.76 23.37 14.37
N VAL B 365 -6.90 24.23 14.88
CA VAL B 365 -5.87 24.84 14.10
C VAL B 365 -4.89 23.76 13.61
N ALA B 366 -4.38 22.94 14.52
CA ALA B 366 -3.42 21.88 14.17
C ALA B 366 -4.01 20.89 13.16
N ASN B 367 -5.35 20.79 13.19
CA ASN B 367 -6.08 19.74 12.52
C ASN B 367 -6.46 20.19 11.12
N ALA B 368 -6.70 21.48 10.89
CA ALA B 368 -6.79 22.05 9.53
C ALA B 368 -5.42 21.88 8.87
N VAL B 369 -4.41 22.36 9.58
CA VAL B 369 -3.05 22.31 9.06
C VAL B 369 -2.69 20.87 8.68
N LEU B 370 -3.22 19.86 9.36
CA LEU B 370 -2.87 18.46 9.05
C LEU B 370 -3.59 17.95 7.80
N ASP B 371 -4.89 18.22 7.64
CA ASP B 371 -5.63 17.86 6.40
C ASP B 371 -4.96 18.49 5.15
N GLY B 372 -4.48 19.74 5.32
CA GLY B 372 -3.82 20.44 4.27
C GLY B 372 -4.66 21.61 3.83
N ALA B 373 -5.17 22.30 4.83
CA ALA B 373 -5.52 23.70 4.69
C ALA B 373 -4.23 24.45 4.32
N ASP B 374 -4.37 25.29 3.29
CA ASP B 374 -3.30 26.11 2.73
C ASP B 374 -2.95 27.39 3.50
N CYS B 375 -3.92 28.08 4.08
CA CYS B 375 -3.64 29.10 5.09
C CYS B 375 -4.88 29.31 5.93
N ILE B 376 -4.77 30.00 7.08
CA ILE B 376 -5.90 29.98 8.05
C ILE B 376 -6.22 31.40 8.53
N MET B 377 -7.44 31.54 9.03
CA MET B 377 -8.01 32.85 9.24
C MET B 377 -8.34 33.11 10.72
N LEU B 378 -7.94 34.30 11.14
CA LEU B 378 -8.34 34.92 12.38
C LEU B 378 -9.37 36.00 12.04
N SER B 379 -10.49 36.04 12.76
CA SER B 379 -11.51 37.06 12.52
C SER B 379 -11.67 37.98 13.74
N GLY B 380 -12.62 37.70 14.63
CA GLY B 380 -12.77 38.42 15.90
C GLY B 380 -11.45 38.63 16.63
N GLU B 381 -10.61 37.59 16.66
CA GLU B 381 -9.41 37.49 17.52
C GLU B 381 -8.42 38.62 17.21
N THR B 382 -8.51 39.23 16.03
CA THR B 382 -7.49 40.17 15.51
C THR B 382 -8.12 41.53 15.25
N ALA B 383 -9.45 41.55 15.11
CA ALA B 383 -10.25 42.69 14.67
C ALA B 383 -10.75 43.49 15.88
N LYS B 384 -10.97 42.78 16.98
CA LYS B 384 -11.94 43.18 17.98
C LYS B 384 -11.42 42.80 19.38
N GLY B 385 -10.53 41.81 19.46
CA GLY B 385 -10.06 41.25 20.75
C GLY B 385 -9.04 42.13 21.48
N ASP B 386 -8.77 41.74 22.72
CA ASP B 386 -7.82 42.46 23.56
C ASP B 386 -6.38 42.03 23.29
N TYR B 387 -6.22 40.98 22.51
CA TYR B 387 -4.93 40.29 22.43
C TYR B 387 -4.54 39.99 20.98
N PRO B 388 -4.61 40.97 20.05
CA PRO B 388 -4.37 40.62 18.62
C PRO B 388 -2.98 40.00 18.35
N LEU B 389 -1.94 40.52 18.98
CA LEU B 389 -0.59 40.01 18.75
C LEU B 389 -0.47 38.56 19.23
N GLU B 390 -1.13 38.23 20.34
CA GLU B 390 -0.98 36.89 20.93
C GLU B 390 -1.63 35.85 20.00
N ALA B 391 -2.83 36.19 19.53
CA ALA B 391 -3.60 35.31 18.67
C ALA B 391 -2.81 35.02 17.39
N VAL B 392 -2.00 35.98 16.93
CA VAL B 392 -1.13 35.65 15.80
C VAL B 392 -0.01 34.74 16.33
N ARG B 393 0.68 35.16 17.39
CA ARG B 393 1.84 34.41 17.82
C ARG B 393 1.45 32.94 18.07
N MET B 394 0.19 32.72 18.48
CA MET B 394 -0.33 31.38 18.80
C MET B 394 -0.58 30.57 17.51
N GLN B 395 -1.20 31.18 16.49
CA GLN B 395 -1.36 30.51 15.19
C GLN B 395 -0.01 30.25 14.51
N HIS B 396 1.04 31.01 14.87
CA HIS B 396 2.36 30.77 14.33
C HIS B 396 2.90 29.45 14.88
N LEU B 397 2.96 29.34 16.22
CA LEU B 397 3.60 28.20 16.94
C LEU B 397 2.87 26.90 16.62
N ILE B 398 1.53 26.95 16.70
CA ILE B 398 0.67 25.78 16.49
C ILE B 398 0.93 25.15 15.13
N ALA B 399 0.79 25.94 14.04
CA ALA B 399 0.90 25.50 12.62
C ALA B 399 2.25 24.85 12.37
N ARG B 400 3.24 25.42 13.04
CA ARG B 400 4.59 25.08 12.85
C ARG B 400 4.84 23.66 13.36
N GLU B 401 4.34 23.30 14.54
CA GLU B 401 4.55 21.97 15.09
C GLU B 401 3.76 20.96 14.24
N ALA B 402 2.57 21.37 13.80
CA ALA B 402 1.62 20.49 13.15
C ALA B 402 2.19 20.10 11.79
N GLU B 403 2.91 21.01 11.11
CA GLU B 403 3.54 20.74 9.79
C GLU B 403 4.59 19.63 9.91
N ALA B 404 5.17 19.49 11.10
CA ALA B 404 6.18 18.46 11.39
C ALA B 404 5.55 17.12 11.79
N ALA B 405 4.23 16.96 11.66
CA ALA B 405 3.54 15.73 12.07
C ALA B 405 2.86 15.10 10.86
N ILE B 406 2.74 15.85 9.78
CA ILE B 406 2.26 15.40 8.46
C ILE B 406 2.98 14.11 8.04
N TYR B 407 2.27 13.15 7.49
CA TYR B 407 2.92 11.91 7.11
C TYR B 407 3.11 11.91 5.59
N HIS B 408 4.29 12.44 5.25
CA HIS B 408 4.73 12.81 3.92
C HIS B 408 4.87 11.58 3.03
N LEU B 409 5.73 10.67 3.48
CA LEU B 409 6.11 9.58 2.64
C LEU B 409 5.00 8.52 2.72
N GLN B 410 3.74 9.03 2.60
CA GLN B 410 2.51 8.31 2.11
C GLN B 410 1.47 9.27 1.52
N LEU B 411 1.54 10.54 1.88
CA LEU B 411 0.81 11.64 1.21
C LEU B 411 1.39 11.91 -0.19
N PHE B 412 2.70 12.16 -0.23
CA PHE B 412 3.42 12.43 -1.48
C PHE B 412 3.13 11.31 -2.49
N GLU B 413 3.32 10.08 -2.05
CA GLU B 413 3.16 8.89 -2.90
C GLU B 413 1.73 8.82 -3.46
N GLU B 414 0.73 9.35 -2.76
CA GLU B 414 -0.66 9.31 -3.23
C GLU B 414 -0.91 10.42 -4.26
N LEU B 415 -0.30 11.57 -4.01
CA LEU B 415 -0.43 12.74 -4.86
C LEU B 415 0.21 12.48 -6.24
N ARG B 416 1.24 11.65 -6.30
CA ARG B 416 1.77 11.19 -7.54
C ARG B 416 0.73 10.34 -8.28
N ARG B 417 0.39 9.16 -7.76
CA ARG B 417 -0.60 8.28 -8.39
C ARG B 417 -1.79 9.06 -8.97
N LEU B 418 -2.19 10.17 -8.34
CA LEU B 418 -3.44 10.90 -8.68
C LEU B 418 -3.14 12.06 -9.64
N ALA B 419 -1.97 12.06 -10.26
CA ALA B 419 -1.56 13.14 -11.16
C ALA B 419 -1.47 12.60 -12.58
N PRO B 420 -1.97 13.39 -13.57
CA PRO B 420 -2.00 13.02 -15.00
C PRO B 420 -0.59 12.98 -15.60
N ILE B 421 -0.29 11.99 -16.45
CA ILE B 421 0.96 11.96 -17.22
C ILE B 421 0.83 12.93 -18.43
N THR B 422 1.60 14.01 -18.40
CA THR B 422 1.60 15.07 -19.45
C THR B 422 3.03 15.27 -19.98
N SER B 423 3.18 16.00 -21.09
CA SER B 423 4.50 16.19 -21.70
C SER B 423 5.15 17.52 -21.27
N ASP B 424 4.38 18.37 -20.56
CA ASP B 424 4.84 19.69 -20.03
C ASP B 424 6.13 19.74 -19.16
N PRO B 425 7.28 20.13 -19.75
CA PRO B 425 8.52 20.30 -18.98
C PRO B 425 8.32 20.81 -17.53
N THR B 426 7.72 21.99 -17.35
CA THR B 426 7.59 22.62 -16.00
C THR B 426 7.04 21.65 -14.93
N GLU B 427 6.11 20.77 -15.31
CA GLU B 427 5.46 19.80 -14.39
C GLU B 427 6.46 18.70 -13.99
N ALA B 428 7.06 18.08 -15.00
CA ALA B 428 8.11 17.12 -14.83
C ALA B 428 9.25 17.68 -13.95
N THR B 429 9.57 18.96 -14.04
CA THR B 429 10.76 19.39 -13.32
C THR B 429 10.37 19.53 -11.86
N ALA B 430 9.13 19.96 -11.66
CA ALA B 430 8.64 20.29 -10.32
C ALA B 430 8.43 19.03 -9.48
N VAL B 431 7.87 17.98 -10.09
CA VAL B 431 7.85 16.70 -9.41
C VAL B 431 9.27 16.21 -9.16
N GLY B 432 10.11 16.06 -10.16
CA GLY B 432 11.48 15.69 -9.89
C GLY B 432 12.12 16.47 -8.73
N ALA B 433 11.99 17.81 -8.74
CA ALA B 433 12.56 18.68 -7.69
C ALA B 433 12.03 18.31 -6.30
N VAL B 434 10.78 17.83 -6.22
CA VAL B 434 10.24 17.49 -4.90
C VAL B 434 10.83 16.16 -4.39
N GLU B 435 10.72 15.15 -5.26
CA GLU B 435 11.32 13.88 -5.03
C GLU B 435 12.77 14.08 -4.57
N ALA B 436 13.62 14.77 -5.31
CA ALA B 436 15.03 14.99 -4.86
C ALA B 436 15.07 15.47 -3.41
N SER B 437 14.21 16.46 -3.10
CA SER B 437 14.21 17.18 -1.84
C SER B 437 14.05 16.23 -0.66
N PHE B 438 13.22 15.21 -0.86
CA PHE B 438 13.00 14.15 0.10
C PHE B 438 14.32 13.47 0.43
N LYS B 439 14.89 12.88 -0.61
CA LYS B 439 16.05 12.05 -0.58
C LYS B 439 17.27 12.75 0.02
N CYS B 440 17.53 14.01 -0.29
CA CYS B 440 18.75 14.67 0.24
C CYS B 440 18.43 15.47 1.51
N CYS B 441 17.20 15.37 2.00
CA CYS B 441 16.74 16.09 3.21
C CYS B 441 16.95 17.62 3.04
N SER B 442 16.76 18.13 1.82
CA SER B 442 17.19 19.50 1.45
C SER B 442 16.43 20.58 2.22
N GLY B 443 17.19 21.59 2.64
CA GLY B 443 16.75 22.62 3.55
C GLY B 443 15.85 23.63 2.88
N ALA B 444 15.89 23.72 1.53
CA ALA B 444 14.96 24.58 0.74
C ALA B 444 14.95 24.22 -0.76
N ILE B 445 14.02 24.84 -1.48
CA ILE B 445 13.89 24.75 -2.92
C ILE B 445 13.75 26.19 -3.48
N ILE B 446 14.84 26.77 -3.89
CA ILE B 446 14.77 28.07 -4.52
C ILE B 446 14.06 27.91 -5.89
N VAL B 447 13.11 28.73 -6.24
CA VAL B 447 12.55 28.61 -7.56
C VAL B 447 12.51 30.00 -8.16
N LEU B 448 13.08 30.25 -9.35
CA LEU B 448 12.90 31.63 -9.90
C LEU B 448 11.58 31.68 -10.62
N THR B 449 10.73 32.58 -10.18
CA THR B 449 9.40 32.65 -10.78
C THR B 449 9.25 33.94 -11.63
N LYS B 450 8.04 34.20 -12.08
CA LYS B 450 7.77 35.44 -12.67
C LYS B 450 6.27 35.71 -12.50
N SER B 451 5.43 34.78 -12.98
CA SER B 451 3.98 34.82 -12.74
C SER B 451 3.69 34.16 -11.40
N GLY B 452 4.55 33.23 -11.02
CA GLY B 452 4.34 32.46 -9.82
C GLY B 452 4.10 31.01 -10.15
N ARG B 453 3.82 30.68 -11.42
CA ARG B 453 3.28 29.35 -11.72
C ARG B 453 4.28 28.24 -11.38
N SER B 454 5.57 28.50 -11.64
CA SER B 454 6.67 27.58 -11.36
C SER B 454 6.70 27.13 -9.89
N ALA B 455 6.66 28.11 -8.97
CA ALA B 455 6.43 27.87 -7.55
C ALA B 455 5.16 27.05 -7.44
N HIS B 456 4.02 27.54 -7.94
CA HIS B 456 2.72 26.91 -7.60
C HIS B 456 2.74 25.40 -7.83
N GLN B 457 3.40 24.93 -8.91
CA GLN B 457 3.53 23.46 -9.20
C GLN B 457 4.29 22.68 -8.10
N VAL B 458 5.29 23.29 -7.54
CA VAL B 458 6.07 22.62 -6.55
C VAL B 458 5.22 22.47 -5.28
N ALA B 459 4.52 23.51 -4.90
CA ALA B 459 3.72 23.47 -3.75
C ALA B 459 2.59 22.46 -3.96
N ARG B 460 2.15 22.18 -5.19
CA ARG B 460 1.10 21.14 -5.42
C ARG B 460 1.50 19.75 -4.88
N TYR B 461 2.69 19.57 -4.26
CA TYR B 461 3.20 18.22 -3.86
C TYR B 461 3.44 18.15 -2.34
N ARG B 462 3.31 19.31 -1.71
CA ARG B 462 3.51 19.46 -0.31
C ARG B 462 4.91 18.93 0.11
N PRO B 463 6.03 19.43 -0.51
CA PRO B 463 7.44 19.22 -0.09
C PRO B 463 7.66 19.55 1.39
N ARG B 464 8.52 18.83 2.10
CA ARG B 464 8.70 19.14 3.52
C ARG B 464 9.51 20.44 3.65
N ALA B 465 10.43 20.66 2.72
CA ALA B 465 11.27 21.85 2.73
C ALA B 465 10.39 23.08 2.43
N PRO B 466 10.74 24.26 2.95
CA PRO B 466 10.16 25.54 2.49
C PRO B 466 10.52 25.80 1.03
N ILE B 467 9.72 26.59 0.30
CA ILE B 467 9.96 26.93 -1.14
C ILE B 467 10.25 28.43 -1.27
N ILE B 468 11.50 28.87 -1.14
CA ILE B 468 11.78 30.28 -1.43
C ILE B 468 11.47 30.57 -2.90
N ALA B 469 10.58 31.51 -3.21
CA ALA B 469 10.40 31.89 -4.63
C ALA B 469 10.93 33.32 -4.85
N VAL B 470 11.57 33.55 -5.97
CA VAL B 470 12.30 34.77 -6.08
C VAL B 470 11.82 35.50 -7.33
N THR B 471 11.11 36.58 -7.07
CA THR B 471 10.40 37.23 -8.15
C THR B 471 10.81 38.71 -8.14
N ARG B 472 10.60 39.34 -9.30
CA ARG B 472 10.73 40.77 -9.44
C ARG B 472 9.34 41.42 -9.40
N ASN B 473 8.35 40.73 -9.95
CA ASN B 473 6.95 41.16 -10.00
C ASN B 473 6.45 41.34 -8.56
N PRO B 474 6.30 42.61 -8.09
CA PRO B 474 5.96 42.80 -6.67
C PRO B 474 4.61 42.16 -6.29
N GLN B 475 3.69 42.08 -7.25
CA GLN B 475 2.36 41.53 -7.05
C GLN B 475 2.40 40.00 -6.91
N THR B 476 3.14 39.32 -7.79
CA THR B 476 3.30 37.84 -7.73
C THR B 476 3.70 37.45 -6.31
N ALA B 477 4.67 38.19 -5.77
CA ALA B 477 5.11 38.01 -4.42
C ALA B 477 3.91 38.04 -3.46
N ARG B 478 2.95 38.94 -3.61
CA ARG B 478 1.91 39.06 -2.60
C ARG B 478 0.94 37.88 -2.66
N GLN B 479 0.55 37.45 -3.85
CA GLN B 479 -0.45 36.37 -3.96
C GLN B 479 0.19 34.97 -3.77
N ALA B 480 1.49 34.90 -3.49
CA ALA B 480 2.14 33.61 -3.24
C ALA B 480 1.70 33.09 -1.86
N HIS B 481 1.14 33.97 -1.05
CA HIS B 481 0.95 33.66 0.31
C HIS B 481 -0.16 32.63 0.41
N LEU B 482 -1.05 32.59 -0.60
CA LEU B 482 -2.09 31.55 -0.70
C LEU B 482 -1.50 30.10 -0.72
N TYR B 483 -0.53 29.79 -1.58
CA TYR B 483 -0.15 28.39 -1.80
C TYR B 483 0.62 27.87 -0.61
N ARG B 484 0.37 26.65 -0.13
CA ARG B 484 1.05 26.31 1.10
C ARG B 484 2.49 25.92 0.80
N GLY B 485 3.45 26.47 1.53
CA GLY B 485 4.86 26.07 1.37
C GLY B 485 5.69 27.26 0.99
N ILE B 486 5.23 27.93 -0.09
CA ILE B 486 5.87 29.10 -0.74
C ILE B 486 6.02 30.22 0.28
N PHE B 487 7.26 30.71 0.34
CA PHE B 487 7.75 31.78 1.19
C PHE B 487 8.40 32.80 0.24
N PRO B 488 7.62 33.75 -0.34
CA PRO B 488 8.09 34.58 -1.49
C PRO B 488 9.14 35.60 -1.03
N VAL B 489 10.07 35.98 -1.92
CA VAL B 489 10.99 37.14 -1.59
C VAL B 489 11.11 38.03 -2.83
N LEU B 490 11.07 39.34 -2.60
CA LEU B 490 11.01 40.29 -3.69
C LEU B 490 12.41 40.89 -3.93
N CYS B 491 12.89 40.75 -5.16
CA CYS B 491 14.21 41.24 -5.56
C CYS B 491 14.06 42.64 -6.15
N LYS B 492 14.87 43.56 -5.61
CA LYS B 492 14.88 44.95 -6.04
C LYS B 492 16.13 45.22 -6.88
N ASP B 493 17.23 44.49 -6.63
CA ASP B 493 18.49 44.53 -7.42
C ASP B 493 18.22 44.65 -8.93
N PRO B 494 18.71 45.73 -9.59
CA PRO B 494 18.37 46.07 -10.99
C PRO B 494 18.93 45.03 -11.98
N VAL B 495 18.29 44.90 -13.15
CA VAL B 495 18.57 43.78 -14.09
C VAL B 495 19.99 43.93 -14.67
N GLN B 496 20.81 42.89 -14.49
CA GLN B 496 22.17 42.78 -15.05
C GLN B 496 22.09 42.73 -16.59
N GLU B 497 23.24 42.85 -17.26
CA GLU B 497 23.25 42.80 -18.73
C GLU B 497 23.14 41.34 -19.21
N ALA B 498 24.15 40.52 -18.89
CA ALA B 498 24.19 39.13 -19.32
C ALA B 498 23.17 38.31 -18.50
N TRP B 499 22.22 37.71 -19.24
CA TRP B 499 21.03 37.10 -18.63
C TRP B 499 21.38 35.93 -17.70
N ALA B 500 22.42 35.17 -18.04
CA ALA B 500 22.85 34.08 -17.14
C ALA B 500 23.27 34.66 -15.79
N GLU B 501 23.87 35.86 -15.79
CA GLU B 501 24.42 36.46 -14.57
C GLU B 501 23.30 37.10 -13.75
N ASP B 502 22.21 37.44 -14.42
CA ASP B 502 21.01 37.91 -13.75
C ASP B 502 20.33 36.78 -13.00
N VAL B 503 20.39 35.55 -13.54
CA VAL B 503 19.87 34.36 -12.80
C VAL B 503 20.73 34.06 -11.56
N ASP B 504 22.04 34.21 -11.70
CA ASP B 504 22.96 33.90 -10.63
C ASP B 504 22.90 34.91 -9.53
N LEU B 505 22.45 36.12 -9.86
CA LEU B 505 22.27 37.14 -8.85
C LEU B 505 21.06 36.78 -7.98
N ARG B 506 19.95 36.43 -8.63
CA ARG B 506 18.67 36.06 -7.97
C ARG B 506 18.81 34.81 -7.08
N VAL B 507 19.43 33.74 -7.59
CA VAL B 507 19.67 32.61 -6.73
C VAL B 507 20.37 33.08 -5.45
N ASN B 508 21.53 33.75 -5.57
CA ASN B 508 22.35 34.14 -4.40
C ASN B 508 21.59 35.00 -3.39
N PHE B 509 20.64 35.79 -3.86
CA PHE B 509 19.72 36.47 -2.98
C PHE B 509 19.01 35.43 -2.10
N ALA B 510 18.37 34.46 -2.74
CA ALA B 510 17.59 33.40 -2.07
C ALA B 510 18.42 32.56 -1.07
N MET B 511 19.74 32.56 -1.19
CA MET B 511 20.59 31.89 -0.20
C MET B 511 20.75 32.83 0.99
N ASN B 512 21.11 34.08 0.73
CA ASN B 512 21.30 35.06 1.78
C ASN B 512 20.01 35.31 2.55
N VAL B 513 18.87 35.08 1.91
CA VAL B 513 17.60 35.22 2.60
C VAL B 513 17.35 33.98 3.47
N GLY B 514 17.60 32.78 2.93
CA GLY B 514 17.36 31.53 3.68
C GLY B 514 18.19 31.44 4.95
N LYS B 515 19.45 31.89 4.85
CA LYS B 515 20.46 31.87 5.91
C LYS B 515 20.10 32.85 7.04
N ALA B 516 19.82 34.10 6.70
CA ALA B 516 19.48 35.14 7.70
C ALA B 516 18.12 34.85 8.35
N ARG B 517 17.40 33.86 7.83
CA ARG B 517 16.13 33.44 8.40
C ARG B 517 16.36 32.19 9.24
N GLY B 518 17.17 31.28 8.73
CA GLY B 518 17.57 30.09 9.46
C GLY B 518 17.11 28.81 8.80
N PHE B 519 16.79 28.85 7.51
CA PHE B 519 16.23 27.67 6.87
C PHE B 519 17.37 26.72 6.48
N PHE B 520 18.61 27.20 6.58
CA PHE B 520 19.78 26.40 6.31
C PHE B 520 21.02 27.20 6.72
N LYS B 521 22.16 26.50 6.80
CA LYS B 521 23.45 27.09 7.13
C LYS B 521 24.37 26.93 5.92
N LYS B 522 25.64 27.27 6.10
CA LYS B 522 26.67 26.97 5.11
C LYS B 522 26.81 25.44 5.02
N GLY B 523 27.14 24.94 3.83
CA GLY B 523 27.49 23.52 3.66
C GLY B 523 26.29 22.60 3.80
N ASP B 524 25.10 23.19 3.91
CA ASP B 524 23.83 22.47 3.75
C ASP B 524 23.60 22.17 2.28
N VAL B 525 22.38 21.81 1.91
CA VAL B 525 22.10 21.33 0.54
C VAL B 525 20.72 21.84 0.10
N VAL B 526 20.67 22.54 -1.06
CA VAL B 526 19.41 23.14 -1.60
C VAL B 526 19.18 22.73 -3.05
N ILE B 527 17.91 22.60 -3.42
CA ILE B 527 17.52 22.31 -4.79
C ILE B 527 17.21 23.64 -5.45
N VAL B 528 17.58 23.91 -6.70
CA VAL B 528 17.30 25.24 -7.29
C VAL B 528 16.63 25.07 -8.65
N LEU B 529 15.37 25.37 -8.79
CA LEU B 529 14.78 25.30 -10.11
C LEU B 529 15.06 26.57 -10.94
N THR B 530 15.22 26.43 -12.27
CA THR B 530 15.50 27.57 -13.16
C THR B 530 15.00 27.28 -14.58
N GLY B 531 14.89 28.32 -15.41
CA GLY B 531 14.55 28.13 -16.86
C GLY B 531 15.78 28.02 -17.74
N TRP B 532 15.60 28.01 -19.05
CA TRP B 532 16.70 27.80 -20.01
C TRP B 532 16.88 29.03 -20.87
N ARG B 533 15.75 29.63 -21.27
CA ARG B 533 15.69 30.97 -21.84
C ARG B 533 15.04 31.86 -20.78
N PRO B 534 14.95 33.20 -21.00
CA PRO B 534 14.14 34.12 -20.15
C PRO B 534 12.69 34.12 -20.63
N GLY B 535 11.75 34.62 -19.82
CA GLY B 535 10.36 34.57 -20.25
C GLY B 535 9.46 34.01 -19.17
N SER B 536 8.31 33.47 -19.56
CA SER B 536 7.53 32.68 -18.61
C SER B 536 7.21 31.32 -19.21
N GLY B 537 7.44 30.29 -18.41
CA GLY B 537 6.99 28.97 -18.79
C GLY B 537 8.09 28.15 -19.43
N PHE B 538 9.35 28.43 -19.11
CA PHE B 538 10.40 27.62 -19.61
C PHE B 538 11.28 27.07 -18.45
N THR B 539 10.73 26.81 -17.26
CA THR B 539 11.45 26.12 -16.19
C THR B 539 11.66 24.65 -16.57
N ASN B 540 12.89 24.19 -16.62
CA ASN B 540 13.13 22.80 -17.03
C ASN B 540 14.32 22.24 -16.26
N THR B 541 15.16 23.12 -15.72
CA THR B 541 16.40 22.74 -15.08
C THR B 541 16.18 22.61 -13.57
N MET B 542 16.57 21.49 -12.97
CA MET B 542 16.64 21.34 -11.54
C MET B 542 18.09 21.02 -11.11
N ARG B 543 18.90 21.97 -10.58
CA ARG B 543 20.32 21.70 -10.00
C ARG B 543 20.29 21.45 -8.48
N VAL B 544 21.31 20.82 -7.90
CA VAL B 544 21.26 20.49 -6.46
C VAL B 544 22.56 20.99 -5.85
N VAL B 545 22.52 22.12 -5.17
CA VAL B 545 23.76 22.81 -4.88
C VAL B 545 24.00 22.85 -3.37
N PRO B 546 25.30 22.96 -2.98
CA PRO B 546 25.66 23.19 -1.56
C PRO B 546 25.63 24.70 -1.27
N VAL B 547 25.10 25.08 -0.10
CA VAL B 547 24.89 26.51 0.25
C VAL B 547 26.24 27.19 0.53
N PRO B 548 26.54 28.25 -0.23
CA PRO B 548 27.78 29.01 -0.13
C PRO B 548 27.79 29.90 1.12
N LEU C 35 4.19 -17.69 17.04
CA LEU C 35 4.49 -18.87 16.15
C LEU C 35 5.43 -18.43 15.03
N HIS C 36 4.96 -18.51 13.78
CA HIS C 36 5.70 -18.06 12.59
C HIS C 36 5.80 -16.53 12.61
N ALA C 37 7.01 -16.00 12.36
CA ALA C 37 7.33 -14.56 12.45
C ALA C 37 6.61 -13.75 11.36
N ALA C 38 6.46 -12.45 11.58
CA ALA C 38 5.72 -11.54 10.66
C ALA C 38 6.45 -11.44 9.31
N MET C 39 5.69 -11.64 8.24
CA MET C 39 6.20 -11.64 6.87
C MET C 39 6.54 -10.20 6.43
N ALA C 40 7.29 -10.09 5.33
CA ALA C 40 7.92 -8.85 4.89
C ALA C 40 6.87 -7.81 4.51
N ASP C 41 7.25 -6.55 4.69
CA ASP C 41 6.36 -5.43 4.45
C ASP C 41 6.20 -5.08 2.97
N THR C 42 7.10 -5.59 2.13
CA THR C 42 7.10 -5.28 0.69
C THR C 42 7.49 -6.53 -0.09
N PHE C 43 7.17 -6.52 -1.39
CA PHE C 43 7.47 -7.66 -2.27
C PHE C 43 8.96 -7.75 -2.55
N LEU C 44 9.68 -6.64 -2.55
CA LEU C 44 11.11 -6.79 -2.67
C LEU C 44 11.68 -7.32 -1.35
N GLU C 45 11.24 -6.79 -0.21
CA GLU C 45 11.70 -7.32 1.08
C GLU C 45 11.40 -8.83 1.18
N HIS C 46 10.23 -9.21 0.67
CA HIS C 46 9.70 -10.57 0.72
C HIS C 46 10.69 -11.53 0.03
N MET C 47 10.87 -11.30 -1.27
CA MET C 47 11.81 -11.98 -2.12
C MET C 47 13.11 -12.19 -1.36
N CYS C 48 13.71 -11.12 -0.82
CA CYS C 48 15.10 -11.15 -0.28
C CYS C 48 15.21 -12.12 0.89
N ARG C 49 14.08 -12.46 1.48
CA ARG C 49 14.08 -13.20 2.71
C ARG C 49 13.93 -14.70 2.44
N LEU C 50 13.73 -15.10 1.17
CA LEU C 50 13.44 -16.50 0.85
C LEU C 50 14.66 -17.35 1.24
N ASP C 51 14.45 -18.20 2.25
CA ASP C 51 15.47 -19.13 2.71
C ASP C 51 15.31 -20.41 1.91
N ILE C 52 16.42 -21.12 1.70
CA ILE C 52 16.38 -22.41 0.99
C ILE C 52 16.67 -23.57 1.97
N ASP C 53 16.81 -23.22 3.25
CA ASP C 53 17.04 -24.17 4.33
C ASP C 53 15.76 -24.39 5.13
N SER C 54 14.68 -23.73 4.70
CA SER C 54 13.37 -23.74 5.36
C SER C 54 12.48 -24.82 4.73
N PRO C 55 12.20 -25.94 5.44
CA PRO C 55 11.42 -27.02 4.81
C PRO C 55 9.95 -26.60 4.63
N PRO C 56 9.31 -27.03 3.52
CA PRO C 56 7.89 -26.71 3.29
C PRO C 56 6.90 -27.68 3.96
N ILE C 57 5.67 -27.20 4.14
CA ILE C 57 4.43 -27.94 4.53
C ILE C 57 4.41 -29.29 3.80
N THR C 58 3.76 -30.32 4.38
CA THR C 58 3.64 -31.65 3.73
C THR C 58 2.58 -31.59 2.61
N ALA C 59 1.68 -30.63 2.69
CA ALA C 59 0.57 -30.47 1.72
C ALA C 59 1.12 -29.98 0.38
N ARG C 60 0.37 -30.21 -0.68
CA ARG C 60 0.71 -29.66 -2.00
C ARG C 60 -0.58 -29.16 -2.67
N ASN C 61 -0.62 -27.87 -2.98
CA ASN C 61 -1.88 -27.17 -3.29
C ASN C 61 -2.24 -27.16 -4.79
N THR C 62 -1.35 -27.55 -5.69
CA THR C 62 -1.77 -27.45 -7.08
C THR C 62 -1.87 -28.84 -7.69
N GLY C 63 -3.00 -29.17 -8.29
CA GLY C 63 -3.18 -30.53 -8.78
C GLY C 63 -2.22 -30.91 -9.91
N ILE C 64 -2.13 -32.22 -10.18
CA ILE C 64 -1.32 -32.77 -11.30
C ILE C 64 -2.16 -33.71 -12.15
N ILE C 65 -2.27 -33.25 -13.39
CA ILE C 65 -2.92 -33.88 -14.52
C ILE C 65 -1.84 -34.61 -15.36
N CYS C 66 -1.96 -35.93 -15.46
CA CYS C 66 -1.14 -36.70 -16.37
C CYS C 66 -1.94 -36.99 -17.64
N THR C 67 -1.28 -37.08 -18.77
CA THR C 67 -1.93 -37.59 -19.95
C THR C 67 -1.56 -39.06 -20.08
N ILE C 68 -2.54 -39.92 -20.39
CA ILE C 68 -2.35 -41.38 -20.41
C ILE C 68 -2.11 -41.81 -21.86
N GLY C 69 -1.01 -42.52 -22.06
CA GLY C 69 -0.67 -43.03 -23.36
C GLY C 69 -0.10 -44.43 -23.24
N PRO C 70 0.73 -44.84 -24.21
CA PRO C 70 1.40 -46.14 -24.18
C PRO C 70 2.25 -46.40 -22.92
N ALA C 71 2.99 -45.38 -22.50
CA ALA C 71 3.99 -45.51 -21.42
C ALA C 71 3.32 -45.66 -20.04
N SER C 72 1.99 -45.61 -19.96
CA SER C 72 1.28 -45.41 -18.68
C SER C 72 -0.21 -45.81 -18.79
N ARG C 73 -0.52 -46.84 -19.56
CA ARG C 73 -1.87 -47.39 -19.64
C ARG C 73 -1.98 -48.64 -18.76
N SER C 74 -0.84 -49.23 -18.39
CA SER C 74 -0.79 -50.45 -17.60
C SER C 74 -1.29 -50.17 -16.18
N VAL C 75 -1.85 -51.18 -15.52
CA VAL C 75 -2.48 -50.96 -14.21
C VAL C 75 -1.39 -50.89 -13.14
N GLU C 76 -0.21 -51.45 -13.41
CA GLU C 76 0.88 -51.35 -12.44
C GLU C 76 1.43 -49.93 -12.43
N THR C 77 1.57 -49.34 -13.61
CA THR C 77 2.14 -48.00 -13.79
C THR C 77 1.23 -46.94 -13.16
N LEU C 78 -0.07 -47.03 -13.47
CA LEU C 78 -1.12 -46.16 -13.00
C LEU C 78 -1.24 -46.20 -11.47
N LYS C 79 -1.29 -47.40 -10.88
CA LYS C 79 -1.23 -47.54 -9.42
C LYS C 79 -0.06 -46.72 -8.89
N GLU C 80 1.12 -46.90 -9.49
CA GLU C 80 2.38 -46.31 -9.01
C GLU C 80 2.39 -44.79 -9.17
N MET C 81 1.78 -44.33 -10.27
CA MET C 81 1.55 -42.91 -10.57
C MET C 81 0.63 -42.30 -9.49
N ILE C 82 -0.52 -42.91 -9.25
CA ILE C 82 -1.47 -42.37 -8.27
C ILE C 82 -0.71 -42.10 -6.98
N LYS C 83 0.19 -43.01 -6.58
CA LYS C 83 1.03 -42.88 -5.38
C LYS C 83 1.90 -41.60 -5.46
N SER C 84 2.43 -41.31 -6.64
CA SER C 84 3.38 -40.20 -6.84
C SER C 84 2.68 -38.83 -6.73
N GLY C 85 1.39 -38.77 -7.10
CA GLY C 85 0.63 -37.53 -7.02
C GLY C 85 -0.06 -37.17 -8.33
N MET C 86 -0.83 -38.09 -8.88
CA MET C 86 -1.69 -37.81 -10.05
C MET C 86 -3.17 -37.76 -9.61
N ASN C 87 -3.93 -36.81 -10.14
CA ASN C 87 -5.24 -36.47 -9.58
C ASN C 87 -6.27 -36.36 -10.71
N VAL C 88 -5.81 -36.22 -11.95
CA VAL C 88 -6.62 -36.14 -13.18
C VAL C 88 -5.89 -37.01 -14.21
N ALA C 89 -6.53 -38.07 -14.69
CA ALA C 89 -5.99 -38.80 -15.83
C ALA C 89 -6.55 -38.13 -17.07
N ARG C 90 -5.75 -37.63 -18.01
CA ARG C 90 -6.35 -36.99 -19.20
C ARG C 90 -6.19 -37.84 -20.46
N LEU C 91 -7.31 -38.27 -20.99
CA LEU C 91 -7.40 -39.06 -22.20
C LEU C 91 -7.46 -38.12 -23.41
N ASN C 92 -6.68 -38.44 -24.42
CA ASN C 92 -6.46 -37.55 -25.56
C ASN C 92 -7.21 -38.09 -26.77
N PHE C 93 -8.31 -37.45 -27.15
CA PHE C 93 -9.21 -38.07 -28.12
C PHE C 93 -8.83 -37.68 -29.57
N SER C 94 -7.57 -37.30 -29.77
CA SER C 94 -6.99 -37.15 -31.11
C SER C 94 -6.88 -38.54 -31.78
N HIS C 95 -5.95 -39.36 -31.29
CA HIS C 95 -5.61 -40.65 -31.89
C HIS C 95 -6.29 -41.79 -31.10
N GLY C 96 -6.43 -42.96 -31.73
CA GLY C 96 -7.01 -44.14 -31.10
C GLY C 96 -8.52 -44.20 -31.26
N THR C 97 -9.09 -45.40 -31.17
CA THR C 97 -10.53 -45.67 -31.38
C THR C 97 -11.28 -45.61 -30.03
N HIS C 98 -12.61 -45.64 -30.09
CA HIS C 98 -13.50 -45.62 -28.90
C HIS C 98 -13.26 -46.84 -27.99
N GLU C 99 -12.95 -47.97 -28.60
CA GLU C 99 -12.70 -49.21 -27.86
C GLU C 99 -11.38 -49.08 -27.10
N TYR C 100 -10.40 -48.40 -27.70
CA TYR C 100 -9.06 -48.30 -27.14
C TYR C 100 -9.09 -47.41 -25.90
N HIS C 101 -9.87 -46.35 -25.94
CA HIS C 101 -9.96 -45.43 -24.80
C HIS C 101 -10.68 -46.10 -23.62
N ALA C 102 -11.74 -46.85 -23.91
CA ALA C 102 -12.53 -47.49 -22.88
C ALA C 102 -11.64 -48.40 -22.02
N GLU C 103 -10.69 -49.12 -22.66
CA GLU C 103 -9.73 -50.00 -21.95
C GLU C 103 -8.81 -49.17 -21.05
N THR C 104 -8.55 -47.92 -21.43
CA THR C 104 -7.75 -47.00 -20.66
C THR C 104 -8.55 -46.55 -19.44
N ILE C 105 -9.81 -46.13 -19.62
CA ILE C 105 -10.62 -45.69 -18.47
C ILE C 105 -10.78 -46.85 -17.48
N LYS C 106 -11.20 -48.01 -17.99
CA LYS C 106 -11.29 -49.27 -17.22
C LYS C 106 -10.03 -49.47 -16.34
N ASN C 107 -8.86 -49.15 -16.89
CA ASN C 107 -7.61 -49.26 -16.17
C ASN C 107 -7.53 -48.15 -15.12
N VAL C 108 -7.45 -46.89 -15.52
CA VAL C 108 -7.45 -45.75 -14.55
C VAL C 108 -8.33 -46.05 -13.33
N ARG C 109 -9.56 -46.55 -13.55
CA ARG C 109 -10.53 -46.90 -12.47
C ARG C 109 -10.08 -48.11 -11.66
N THR C 110 -9.57 -49.15 -12.31
CA THR C 110 -9.11 -50.34 -11.58
C THR C 110 -8.05 -49.92 -10.56
N ALA C 111 -7.10 -49.09 -10.99
CA ALA C 111 -6.02 -48.61 -10.11
C ALA C 111 -6.60 -47.65 -9.08
N THR C 112 -7.37 -46.63 -9.49
CA THR C 112 -8.02 -45.70 -8.51
C THR C 112 -8.62 -46.54 -7.38
N GLU C 113 -9.32 -47.64 -7.75
CA GLU C 113 -10.16 -48.45 -6.83
C GLU C 113 -9.38 -49.54 -6.09
N SER C 114 -8.11 -49.75 -6.45
CA SER C 114 -7.24 -50.64 -5.69
C SER C 114 -7.16 -50.14 -4.24
N PHE C 115 -6.83 -48.86 -4.07
CA PHE C 115 -6.51 -48.27 -2.76
C PHE C 115 -7.78 -48.00 -1.93
N ALA C 116 -8.97 -48.36 -2.42
CA ALA C 116 -10.19 -47.93 -1.73
C ALA C 116 -10.61 -48.92 -0.64
N SER C 117 -9.76 -49.92 -0.32
CA SER C 117 -9.95 -50.80 0.84
C SER C 117 -9.82 -50.00 2.15
N ASP C 118 -8.74 -49.21 2.25
CA ASP C 118 -8.43 -48.33 3.40
C ASP C 118 -9.01 -46.93 3.19
N PRO C 119 -10.18 -46.65 3.78
CA PRO C 119 -11.00 -45.49 3.38
C PRO C 119 -10.30 -44.15 3.70
N ILE C 120 -9.36 -44.18 4.66
CA ILE C 120 -8.59 -42.98 5.07
C ILE C 120 -7.59 -42.62 3.98
N LEU C 121 -6.90 -43.60 3.40
CA LEU C 121 -5.74 -43.29 2.52
C LEU C 121 -6.10 -43.27 1.02
N TYR C 122 -7.39 -43.38 0.72
CA TYR C 122 -7.92 -43.46 -0.64
C TYR C 122 -7.88 -42.07 -1.29
N ARG C 123 -7.01 -41.85 -2.27
CA ARG C 123 -7.12 -40.62 -3.07
C ARG C 123 -8.11 -40.89 -4.21
N PRO C 124 -9.12 -40.01 -4.43
CA PRO C 124 -9.95 -40.10 -5.66
C PRO C 124 -9.25 -39.49 -6.89
N VAL C 125 -9.65 -39.87 -8.11
CA VAL C 125 -8.89 -39.53 -9.33
C VAL C 125 -9.83 -39.20 -10.49
N ALA C 126 -9.87 -37.93 -10.90
CA ALA C 126 -10.68 -37.46 -12.07
C ALA C 126 -10.20 -38.06 -13.39
N VAL C 127 -11.14 -38.21 -14.32
CA VAL C 127 -10.87 -38.50 -15.73
C VAL C 127 -11.35 -37.30 -16.55
N ALA C 128 -10.77 -37.14 -17.71
CA ALA C 128 -10.97 -35.93 -18.51
C ALA C 128 -10.69 -36.27 -19.97
N LEU C 129 -11.48 -35.64 -20.79
CA LEU C 129 -11.58 -36.02 -22.14
C LEU C 129 -11.16 -34.79 -22.94
N ASP C 130 -10.14 -34.96 -23.77
CA ASP C 130 -9.61 -33.86 -24.56
C ASP C 130 -10.08 -34.01 -26.02
N THR C 131 -11.24 -33.41 -26.31
CA THR C 131 -11.85 -33.39 -27.66
C THR C 131 -10.84 -32.89 -28.71
N LYS C 132 -10.83 -33.55 -29.87
CA LYS C 132 -9.85 -33.33 -30.93
C LYS C 132 -9.93 -31.89 -31.46
N GLY C 133 -11.15 -31.38 -31.63
CA GLY C 133 -11.40 -30.01 -32.08
C GLY C 133 -11.50 -29.93 -33.59
N PRO C 134 -11.81 -28.73 -34.11
CA PRO C 134 -11.77 -28.37 -35.54
C PRO C 134 -10.32 -28.35 -36.07
N GLU C 135 -10.17 -28.57 -37.37
CA GLU C 135 -8.87 -28.42 -38.04
C GLU C 135 -9.06 -27.92 -39.48
N ILE C 136 -7.97 -27.41 -40.02
CA ILE C 136 -7.75 -27.27 -41.46
C ILE C 136 -6.58 -28.20 -41.80
N ARG C 137 -6.62 -28.81 -42.99
CA ARG C 137 -5.70 -29.89 -43.34
C ARG C 137 -5.28 -29.82 -44.81
N THR C 138 -4.09 -30.33 -45.05
CA THR C 138 -3.47 -30.44 -46.37
C THR C 138 -3.86 -31.80 -46.97
N GLY C 139 -3.90 -31.88 -48.30
CA GLY C 139 -4.19 -33.13 -49.02
C GLY C 139 -2.93 -33.96 -49.22
N LEU C 140 -3.11 -35.09 -49.91
CA LEU C 140 -2.01 -36.03 -50.22
C LEU C 140 -1.11 -35.41 -51.30
N ILE C 141 0.19 -35.27 -50.99
CA ILE C 141 1.16 -34.62 -51.90
C ILE C 141 1.67 -35.63 -52.95
N LYS C 142 1.57 -35.20 -54.21
CA LYS C 142 2.02 -35.94 -55.43
C LYS C 142 1.23 -37.24 -55.62
N GLY C 143 0.14 -37.42 -54.86
CA GLY C 143 -0.71 -38.61 -54.94
C GLY C 143 -0.31 -39.70 -53.96
N SER C 144 0.87 -39.54 -53.37
CA SER C 144 1.51 -40.57 -52.53
C SER C 144 0.95 -40.51 -51.10
N GLY C 145 1.29 -41.52 -50.30
CA GLY C 145 0.95 -41.56 -48.88
C GLY C 145 1.86 -40.66 -48.05
N THR C 146 3.17 -40.70 -48.32
CA THR C 146 4.20 -39.94 -47.57
C THR C 146 5.29 -39.43 -48.54
N ALA C 147 5.04 -38.28 -49.17
CA ALA C 147 5.97 -37.66 -50.14
C ALA C 147 6.45 -36.28 -49.64
N GLU C 148 7.55 -35.78 -50.21
CA GLU C 148 8.16 -34.52 -49.77
C GLU C 148 8.23 -33.51 -50.93
N VAL C 149 7.99 -32.24 -50.61
CA VAL C 149 8.03 -31.10 -51.56
C VAL C 149 8.81 -29.96 -50.89
N GLU C 150 9.78 -29.38 -51.61
CA GLU C 150 10.58 -28.25 -51.11
C GLU C 150 9.92 -26.92 -51.51
N LEU C 151 9.57 -26.10 -50.51
CA LEU C 151 9.08 -24.74 -50.72
C LEU C 151 10.22 -23.75 -50.38
N LYS C 152 10.58 -22.93 -51.37
CA LYS C 152 11.68 -21.98 -51.26
C LYS C 152 11.21 -20.70 -50.54
N LYS C 153 12.11 -19.72 -50.41
CA LYS C 153 11.88 -18.52 -49.59
C LYS C 153 11.52 -17.32 -50.48
N GLY C 154 10.46 -17.47 -51.28
CA GLY C 154 10.00 -16.44 -52.21
C GLY C 154 9.05 -17.00 -53.28
N ALA C 155 8.97 -18.33 -53.36
CA ALA C 155 8.19 -19.08 -54.37
C ALA C 155 6.68 -18.83 -54.18
N THR C 156 5.95 -18.88 -55.30
CA THR C 156 4.53 -18.49 -55.36
C THR C 156 3.65 -19.74 -55.36
N LEU C 157 2.57 -19.66 -54.59
CA LEU C 157 1.64 -20.77 -54.39
C LEU C 157 0.20 -20.31 -54.63
N LYS C 158 -0.52 -21.02 -55.50
CA LYS C 158 -1.99 -20.95 -55.55
C LYS C 158 -2.55 -22.00 -54.58
N ILE C 159 -3.60 -21.61 -53.87
CA ILE C 159 -4.28 -22.51 -52.95
C ILE C 159 -5.72 -22.69 -53.45
N THR C 160 -6.01 -23.90 -53.91
CA THR C 160 -7.26 -24.23 -54.57
C THR C 160 -8.13 -25.08 -53.64
N LEU C 161 -9.43 -24.80 -53.65
CA LEU C 161 -10.36 -25.47 -52.75
C LEU C 161 -11.19 -26.50 -53.54
N ASP C 162 -10.83 -26.70 -54.82
CA ASP C 162 -11.40 -27.73 -55.69
C ASP C 162 -10.87 -29.11 -55.32
N ASN C 163 -11.77 -30.08 -55.19
CA ASN C 163 -11.45 -31.42 -54.67
C ASN C 163 -10.72 -32.28 -55.73
N ALA C 164 -10.38 -31.67 -56.86
CA ALA C 164 -9.65 -32.35 -57.94
C ALA C 164 -8.15 -32.38 -57.63
N TYR C 165 -7.65 -31.34 -56.97
CA TYR C 165 -6.20 -31.14 -56.78
C TYR C 165 -5.66 -31.91 -55.56
N MET C 166 -6.54 -32.29 -54.64
CA MET C 166 -6.20 -33.22 -53.55
C MET C 166 -5.94 -34.61 -54.17
N GLU C 167 -4.93 -35.32 -53.64
CA GLU C 167 -4.35 -36.58 -54.18
C GLU C 167 -3.53 -36.30 -55.45
N LYS C 168 -3.27 -35.01 -55.72
CA LYS C 168 -2.38 -34.54 -56.81
C LYS C 168 -1.83 -33.15 -56.44
N CYS C 169 -1.65 -32.92 -55.13
CA CYS C 169 -1.08 -31.68 -54.57
C CYS C 169 0.40 -31.58 -54.94
N ASP C 170 0.81 -30.41 -55.43
CA ASP C 170 2.18 -30.19 -55.86
C ASP C 170 2.80 -29.03 -55.07
N GLU C 171 3.92 -28.50 -55.60
CA GLU C 171 4.56 -27.31 -55.05
C GLU C 171 3.72 -26.07 -55.38
N ASN C 172 3.16 -26.02 -56.59
CA ASN C 172 2.48 -24.83 -57.09
C ASN C 172 1.04 -24.75 -56.56
N ILE C 173 0.35 -25.89 -56.50
CA ILE C 173 -1.06 -25.92 -56.10
C ILE C 173 -1.21 -26.79 -54.84
N LEU C 174 -1.85 -26.19 -53.82
CA LEU C 174 -2.16 -26.87 -52.55
C LEU C 174 -3.68 -26.92 -52.32
N TRP C 175 -4.16 -28.02 -51.73
CA TRP C 175 -5.58 -28.18 -51.38
C TRP C 175 -5.78 -27.94 -49.88
N LEU C 176 -6.75 -27.08 -49.54
CA LEU C 176 -7.14 -26.84 -48.14
C LEU C 176 -8.50 -27.48 -47.84
N ASP C 177 -8.50 -28.24 -46.74
CA ASP C 177 -9.68 -28.85 -46.14
C ASP C 177 -10.80 -27.82 -45.98
N TYR C 178 -10.44 -26.66 -45.41
CA TYR C 178 -11.33 -25.51 -45.21
C TYR C 178 -11.77 -24.96 -46.57
N LYS C 179 -13.09 -24.86 -46.75
CA LYS C 179 -13.71 -24.42 -47.99
C LYS C 179 -14.06 -22.94 -47.93
N ASN C 180 -14.22 -22.42 -46.72
CA ASN C 180 -14.78 -21.09 -46.50
C ASN C 180 -13.65 -20.08 -46.24
N ILE C 181 -12.41 -20.40 -46.65
CA ILE C 181 -11.18 -19.64 -46.25
C ILE C 181 -11.19 -18.22 -46.82
N CYS C 182 -11.69 -18.05 -48.05
CA CYS C 182 -11.49 -16.81 -48.82
C CYS C 182 -12.35 -15.67 -48.27
N LYS C 183 -13.40 -16.01 -47.52
CA LYS C 183 -14.30 -15.02 -46.89
C LYS C 183 -13.76 -14.65 -45.50
N VAL C 184 -12.68 -15.30 -45.08
CA VAL C 184 -12.08 -15.15 -43.74
C VAL C 184 -10.70 -14.47 -43.88
N VAL C 185 -9.82 -15.08 -44.67
CA VAL C 185 -8.44 -14.61 -44.85
C VAL C 185 -8.46 -13.39 -45.78
N GLU C 186 -7.88 -12.29 -45.29
CA GLU C 186 -7.65 -11.08 -46.09
C GLU C 186 -6.19 -11.04 -46.56
N VAL C 187 -5.87 -10.08 -47.43
CA VAL C 187 -4.53 -9.94 -48.02
C VAL C 187 -3.56 -9.40 -46.96
N GLY C 188 -2.44 -10.10 -46.77
CA GLY C 188 -1.46 -9.80 -45.73
C GLY C 188 -1.44 -10.84 -44.62
N SER C 189 -2.62 -11.39 -44.30
CA SER C 189 -2.77 -12.47 -43.31
C SER C 189 -1.93 -13.67 -43.75
N LYS C 190 -1.04 -14.10 -42.86
CA LYS C 190 -0.15 -15.23 -43.13
C LYS C 190 -0.85 -16.55 -42.80
N ILE C 191 -0.51 -17.59 -43.55
CA ILE C 191 -0.92 -18.95 -43.26
C ILE C 191 0.32 -19.70 -42.74
N TYR C 192 0.19 -20.33 -41.58
CA TYR C 192 1.22 -21.22 -41.02
C TYR C 192 0.82 -22.67 -41.29
N VAL C 193 1.78 -23.42 -41.84
CA VAL C 193 1.57 -24.80 -42.26
C VAL C 193 2.49 -25.69 -41.42
N ASP C 194 2.07 -26.94 -41.17
CA ASP C 194 2.87 -27.96 -40.44
C ASP C 194 3.42 -27.43 -39.09
N ASP C 195 2.55 -26.74 -38.35
CA ASP C 195 2.88 -26.07 -37.08
C ASP C 195 3.96 -24.98 -37.25
N GLY C 196 3.79 -24.17 -38.29
CA GLY C 196 4.59 -22.96 -38.50
C GLY C 196 6.00 -23.25 -39.03
N LEU C 197 6.29 -24.48 -39.50
CA LEU C 197 7.56 -24.80 -40.25
C LEU C 197 7.59 -23.96 -41.54
N ILE C 198 6.43 -23.88 -42.19
CA ILE C 198 6.20 -23.09 -43.39
C ILE C 198 5.11 -22.05 -43.07
N SER C 199 5.52 -20.78 -43.10
CA SER C 199 4.62 -19.63 -43.25
C SER C 199 4.48 -19.33 -44.75
N LEU C 200 3.39 -18.63 -45.10
CA LEU C 200 3.27 -17.96 -46.42
C LEU C 200 2.25 -16.83 -46.32
N GLN C 201 2.55 -15.73 -47.04
CA GLN C 201 1.79 -14.46 -47.00
C GLN C 201 0.85 -14.39 -48.21
N VAL C 202 -0.40 -13.99 -47.99
CA VAL C 202 -1.43 -13.94 -49.04
C VAL C 202 -1.28 -12.63 -49.83
N LYS C 203 -1.14 -12.77 -51.15
CA LYS C 203 -0.89 -11.65 -52.09
C LYS C 203 -2.20 -11.19 -52.76
N GLN C 204 -2.96 -12.14 -53.31
CA GLN C 204 -4.22 -11.82 -53.99
C GLN C 204 -5.25 -12.94 -53.75
N LYS C 205 -6.46 -12.56 -53.38
CA LYS C 205 -7.60 -13.49 -53.22
C LYS C 205 -8.69 -13.17 -54.25
N GLY C 206 -9.07 -14.17 -55.05
CA GLY C 206 -10.01 -13.96 -56.16
C GLY C 206 -11.11 -15.01 -56.22
N ALA C 207 -11.52 -15.53 -55.05
CA ALA C 207 -12.55 -16.60 -54.88
C ALA C 207 -12.09 -17.93 -55.51
N ASP C 208 -12.42 -19.04 -54.84
CA ASP C 208 -11.93 -20.40 -55.16
C ASP C 208 -10.42 -20.61 -54.97
N PHE C 209 -9.62 -19.55 -55.16
CA PHE C 209 -8.16 -19.59 -55.03
C PHE C 209 -7.64 -18.27 -54.43
N LEU C 210 -6.73 -18.41 -53.45
CA LEU C 210 -5.86 -17.31 -53.03
C LEU C 210 -4.40 -17.64 -53.36
N VAL C 211 -3.64 -16.63 -53.77
CA VAL C 211 -2.27 -16.79 -54.27
C VAL C 211 -1.29 -16.04 -53.35
N THR C 212 -0.21 -16.73 -53.00
CA THR C 212 0.63 -16.39 -51.85
C THR C 212 2.12 -16.44 -52.22
N GLU C 213 2.93 -15.70 -51.46
CA GLU C 213 4.40 -15.80 -51.52
C GLU C 213 4.90 -16.44 -50.22
N VAL C 214 5.71 -17.50 -50.36
CA VAL C 214 6.18 -18.32 -49.22
C VAL C 214 7.33 -17.59 -48.49
N GLU C 215 7.26 -17.58 -47.15
CA GLU C 215 8.14 -16.74 -46.29
C GLU C 215 9.16 -17.61 -45.55
N ASN C 216 8.80 -18.83 -45.17
CA ASN C 216 9.70 -19.78 -44.48
C ASN C 216 9.77 -21.09 -45.29
N GLY C 217 10.96 -21.68 -45.34
CA GLY C 217 11.19 -22.83 -46.20
C GLY C 217 11.28 -24.15 -45.45
N GLY C 218 11.20 -25.24 -46.20
CA GLY C 218 11.41 -26.59 -45.69
C GLY C 218 10.49 -27.60 -46.35
N SER C 219 10.74 -28.89 -46.08
CA SER C 219 9.96 -30.00 -46.66
C SER C 219 8.55 -30.06 -46.07
N LEU C 220 7.57 -30.31 -46.95
CA LEU C 220 6.15 -30.40 -46.60
C LEU C 220 5.66 -31.84 -46.85
N GLY C 221 4.66 -32.28 -46.09
CA GLY C 221 4.12 -33.65 -46.20
C GLY C 221 2.69 -33.70 -46.71
N SER C 222 2.00 -34.79 -46.33
CA SER C 222 0.59 -34.99 -46.66
C SER C 222 -0.25 -35.09 -45.38
N LYS C 223 -1.37 -34.35 -45.36
CA LYS C 223 -2.27 -34.23 -44.19
C LYS C 223 -1.49 -33.64 -43.00
N LYS C 224 -1.26 -32.33 -43.09
CA LYS C 224 -0.47 -31.54 -42.10
C LYS C 224 -1.17 -30.19 -41.84
N GLY C 225 -1.36 -29.88 -40.56
CA GLY C 225 -2.36 -28.90 -40.09
C GLY C 225 -2.02 -27.46 -40.43
N VAL C 226 -3.06 -26.68 -40.74
CA VAL C 226 -2.91 -25.26 -41.17
C VAL C 226 -3.48 -24.32 -40.09
N ASN C 227 -2.67 -23.35 -39.69
CA ASN C 227 -3.07 -22.31 -38.75
C ASN C 227 -2.95 -20.96 -39.44
N LEU C 228 -4.00 -20.13 -39.37
CA LEU C 228 -4.01 -18.82 -40.07
C LEU C 228 -4.16 -17.65 -39.07
N PRO C 229 -3.03 -17.16 -38.52
CA PRO C 229 -2.98 -16.13 -37.44
C PRO C 229 -3.88 -14.91 -37.64
N GLY C 230 -4.21 -14.25 -36.52
CA GLY C 230 -4.95 -12.98 -36.46
C GLY C 230 -6.35 -13.04 -37.03
N ALA C 231 -6.89 -14.24 -37.25
CA ALA C 231 -8.11 -14.42 -38.05
C ALA C 231 -9.30 -14.83 -37.16
N ALA C 232 -10.49 -14.65 -37.72
CA ALA C 232 -11.74 -15.15 -37.14
C ALA C 232 -12.29 -16.29 -38.02
N VAL C 233 -11.89 -17.53 -37.68
CA VAL C 233 -12.17 -18.76 -38.45
C VAL C 233 -13.63 -19.17 -38.19
N ASP C 234 -14.33 -19.61 -39.24
CA ASP C 234 -15.78 -19.93 -39.24
C ASP C 234 -16.20 -21.40 -38.99
N LEU C 235 -15.22 -22.31 -38.91
CA LEU C 235 -15.41 -23.76 -38.71
C LEU C 235 -16.39 -24.05 -37.57
N PRO C 236 -17.16 -25.17 -37.65
CA PRO C 236 -18.15 -25.50 -36.61
C PRO C 236 -17.50 -25.71 -35.23
N ALA C 237 -18.20 -25.32 -34.15
CA ALA C 237 -17.68 -25.36 -32.76
C ALA C 237 -17.35 -26.80 -32.31
N VAL C 238 -18.30 -27.69 -32.49
CA VAL C 238 -18.06 -29.13 -32.40
C VAL C 238 -18.09 -29.72 -33.82
N SER C 239 -16.99 -30.37 -34.19
CA SER C 239 -16.93 -31.14 -35.44
C SER C 239 -17.89 -32.34 -35.40
N GLU C 240 -18.01 -33.06 -36.51
CA GLU C 240 -18.83 -34.27 -36.58
C GLU C 240 -18.27 -35.35 -35.64
N LYS C 241 -16.95 -35.48 -35.59
CA LYS C 241 -16.24 -36.50 -34.78
C LYS C 241 -16.49 -36.23 -33.28
N ASP C 242 -16.32 -34.96 -32.90
CA ASP C 242 -16.41 -34.53 -31.50
C ASP C 242 -17.82 -34.56 -30.92
N ILE C 243 -18.84 -34.75 -31.76
CA ILE C 243 -20.20 -35.02 -31.28
C ILE C 243 -20.28 -36.46 -30.78
N GLN C 244 -19.66 -37.40 -31.49
CA GLN C 244 -19.61 -38.80 -31.05
C GLN C 244 -18.76 -38.92 -29.79
N ASP C 245 -17.63 -38.20 -29.74
CA ASP C 245 -16.73 -38.19 -28.57
C ASP C 245 -17.37 -37.68 -27.26
N LEU C 246 -17.86 -36.45 -27.26
CA LEU C 246 -18.56 -35.90 -26.10
C LEU C 246 -19.66 -36.89 -25.72
N LYS C 247 -20.43 -37.33 -26.72
CA LYS C 247 -21.57 -38.21 -26.47
C LYS C 247 -21.09 -39.56 -25.91
N PHE C 248 -19.87 -39.96 -26.28
CA PHE C 248 -19.21 -41.15 -25.70
C PHE C 248 -18.83 -40.92 -24.24
N GLY C 249 -18.26 -39.74 -23.96
CA GLY C 249 -17.82 -39.37 -22.62
C GLY C 249 -18.92 -39.21 -21.59
N VAL C 250 -20.16 -38.88 -21.99
CA VAL C 250 -21.26 -38.86 -21.03
C VAL C 250 -21.64 -40.29 -20.64
N GLU C 251 -21.61 -41.21 -21.62
CA GLU C 251 -21.90 -42.64 -21.41
C GLU C 251 -20.84 -43.28 -20.51
N GLN C 252 -19.60 -42.78 -20.57
CA GLN C 252 -18.47 -43.34 -19.83
C GLN C 252 -18.28 -42.63 -18.49
N ASP C 253 -19.12 -41.63 -18.20
CA ASP C 253 -19.12 -40.89 -16.92
C ASP C 253 -17.79 -40.18 -16.57
N VAL C 254 -17.21 -39.49 -17.55
CA VAL C 254 -16.03 -38.64 -17.33
C VAL C 254 -16.42 -37.49 -16.39
N ASP C 255 -15.41 -36.85 -15.78
CA ASP C 255 -15.61 -35.78 -14.79
C ASP C 255 -15.39 -34.38 -15.28
N MET C 256 -14.66 -34.24 -16.37
CA MET C 256 -14.70 -32.97 -17.07
C MET C 256 -14.32 -33.18 -18.54
N VAL C 257 -14.63 -32.19 -19.38
CA VAL C 257 -14.32 -32.19 -20.83
C VAL C 257 -13.39 -31.03 -21.14
N PHE C 258 -12.21 -31.29 -21.73
CA PHE C 258 -11.37 -30.15 -22.15
C PHE C 258 -11.71 -29.75 -23.60
N ALA C 259 -12.54 -28.71 -23.74
CA ALA C 259 -13.06 -28.26 -25.05
C ALA C 259 -11.93 -27.59 -25.83
N SER C 260 -11.62 -28.14 -27.00
CA SER C 260 -10.55 -27.60 -27.83
C SER C 260 -11.08 -26.52 -28.79
N PHE C 261 -10.19 -25.58 -29.15
CA PHE C 261 -10.39 -24.47 -30.13
C PHE C 261 -11.71 -23.72 -29.86
N ILE C 262 -11.65 -22.78 -28.91
CA ILE C 262 -12.80 -22.05 -28.41
C ILE C 262 -12.62 -20.60 -28.84
N ARG C 263 -13.50 -20.08 -29.70
CA ARG C 263 -13.31 -18.71 -30.21
C ARG C 263 -14.30 -17.72 -29.57
N LYS C 264 -15.57 -18.13 -29.44
CA LYS C 264 -16.69 -17.26 -28.97
C LYS C 264 -17.30 -17.89 -27.71
N ALA C 265 -18.15 -17.16 -26.99
CA ALA C 265 -18.93 -17.76 -25.90
C ALA C 265 -19.98 -18.74 -26.47
N SER C 266 -20.30 -18.62 -27.75
CA SER C 266 -21.34 -19.46 -28.37
C SER C 266 -20.83 -20.89 -28.62
N ASP C 267 -19.51 -21.08 -28.80
CA ASP C 267 -18.88 -22.44 -28.94
C ASP C 267 -18.94 -23.27 -27.64
N VAL C 268 -18.60 -22.62 -26.53
CA VAL C 268 -18.67 -23.12 -25.19
C VAL C 268 -20.12 -23.47 -24.96
N HIS C 269 -21.08 -22.64 -25.43
CA HIS C 269 -22.56 -22.92 -25.28
C HIS C 269 -23.02 -24.09 -26.15
N GLU C 270 -22.38 -24.31 -27.31
CA GLU C 270 -22.61 -25.50 -28.14
C GLU C 270 -22.23 -26.80 -27.41
N VAL C 271 -20.99 -26.91 -26.90
CA VAL C 271 -20.55 -28.09 -26.10
C VAL C 271 -21.58 -28.36 -25.01
N ARG C 272 -22.05 -27.32 -24.31
CA ARG C 272 -22.94 -27.50 -23.19
C ARG C 272 -24.26 -28.11 -23.69
N LYS C 273 -24.66 -27.77 -24.91
CA LYS C 273 -25.90 -28.32 -25.48
C LYS C 273 -25.73 -29.82 -25.74
N VAL C 274 -24.68 -30.21 -26.47
CA VAL C 274 -24.43 -31.61 -26.87
C VAL C 274 -24.36 -32.54 -25.65
N LEU C 275 -23.72 -32.11 -24.57
CA LEU C 275 -23.54 -32.95 -23.38
C LEU C 275 -24.93 -33.29 -22.83
N GLY C 276 -25.87 -32.36 -22.97
CA GLY C 276 -27.28 -32.63 -22.64
C GLY C 276 -27.53 -32.75 -21.14
N GLU C 277 -28.80 -32.88 -20.76
CA GLU C 277 -29.18 -32.89 -19.34
C GLU C 277 -28.72 -34.20 -18.69
N LYS C 278 -28.27 -35.17 -19.48
CA LYS C 278 -27.78 -36.44 -18.94
C LYS C 278 -26.38 -36.24 -18.35
N GLY C 279 -25.61 -35.31 -18.93
CA GLY C 279 -24.27 -34.99 -18.47
C GLY C 279 -24.12 -33.52 -18.11
N LYS C 280 -25.14 -32.95 -17.47
CA LYS C 280 -25.21 -31.52 -17.16
C LYS C 280 -24.32 -31.17 -15.95
N ASN C 281 -23.62 -32.15 -15.41
CA ASN C 281 -22.73 -31.86 -14.29
C ASN C 281 -21.31 -31.69 -14.80
N ILE C 282 -21.00 -32.44 -15.86
CA ILE C 282 -19.67 -32.51 -16.38
C ILE C 282 -19.14 -31.09 -16.58
N LYS C 283 -17.91 -30.83 -16.14
CA LYS C 283 -17.33 -29.48 -16.13
C LYS C 283 -16.69 -29.18 -17.50
N ILE C 284 -17.02 -28.05 -18.15
CA ILE C 284 -16.38 -27.67 -19.45
C ILE C 284 -15.19 -26.74 -19.17
N ILE C 285 -14.00 -27.14 -19.61
CA ILE C 285 -12.83 -26.28 -19.53
C ILE C 285 -12.51 -25.90 -20.97
N SER C 286 -12.57 -24.63 -21.32
CA SER C 286 -12.27 -24.25 -22.70
C SER C 286 -10.74 -24.19 -22.89
N LYS C 287 -10.21 -24.74 -23.97
CA LYS C 287 -8.80 -24.46 -24.37
C LYS C 287 -8.77 -23.13 -25.15
N ILE C 288 -8.01 -22.15 -24.69
CA ILE C 288 -7.78 -20.92 -25.46
C ILE C 288 -6.57 -21.21 -26.34
N GLU C 289 -6.69 -21.05 -27.65
CA GLU C 289 -5.75 -21.72 -28.50
C GLU C 289 -5.32 -20.81 -29.64
N ASN C 290 -6.19 -19.88 -30.04
CA ASN C 290 -5.97 -19.04 -31.23
C ASN C 290 -5.96 -17.56 -30.80
N HIS C 291 -5.65 -16.67 -31.75
CA HIS C 291 -5.56 -15.22 -31.45
C HIS C 291 -6.92 -14.67 -31.00
N GLU C 292 -8.00 -15.08 -31.67
CA GLU C 292 -9.38 -14.62 -31.42
C GLU C 292 -9.86 -15.01 -30.01
N GLY C 293 -9.57 -16.27 -29.62
CA GLY C 293 -9.77 -16.83 -28.28
C GLY C 293 -9.29 -15.88 -27.21
N VAL C 294 -8.03 -15.41 -27.29
CA VAL C 294 -7.45 -14.42 -26.35
C VAL C 294 -8.24 -13.11 -26.43
N ARG C 295 -8.52 -12.65 -27.65
CA ARG C 295 -9.02 -11.30 -27.86
C ARG C 295 -10.42 -11.17 -27.25
N ARG C 296 -11.16 -12.28 -27.17
CA ARG C 296 -12.54 -12.29 -26.61
C ARG C 296 -12.58 -13.03 -25.26
N PHE C 297 -11.45 -13.10 -24.55
CA PHE C 297 -11.27 -14.01 -23.39
C PHE C 297 -12.40 -13.81 -22.38
N ASP C 298 -12.73 -12.55 -22.15
CA ASP C 298 -13.58 -12.13 -21.05
C ASP C 298 -14.99 -12.70 -21.05
N GLU C 299 -15.53 -12.99 -22.24
CA GLU C 299 -16.90 -13.53 -22.40
C GLU C 299 -16.87 -15.07 -22.31
N ILE C 300 -15.82 -15.69 -22.86
CA ILE C 300 -15.58 -17.15 -22.80
C ILE C 300 -15.50 -17.63 -21.34
N LEU C 301 -14.82 -16.85 -20.52
CA LEU C 301 -14.68 -17.14 -19.13
C LEU C 301 -16.07 -17.19 -18.51
N GLU C 302 -16.88 -16.15 -18.72
CA GLU C 302 -18.19 -16.05 -18.11
C GLU C 302 -19.13 -17.16 -18.61
N ALA C 303 -18.64 -18.01 -19.51
CA ALA C 303 -19.43 -19.10 -20.11
C ALA C 303 -18.95 -20.48 -19.62
N SER C 304 -17.66 -20.64 -19.31
CA SER C 304 -17.00 -21.96 -18.98
C SER C 304 -17.00 -22.21 -17.46
N ASP C 305 -16.43 -23.35 -17.07
CA ASP C 305 -16.35 -23.69 -15.67
C ASP C 305 -14.93 -23.59 -15.23
N GLY C 306 -14.04 -23.26 -16.19
CA GLY C 306 -12.59 -23.07 -15.96
C GLY C 306 -11.85 -23.06 -17.28
N ILE C 307 -10.64 -22.46 -17.27
CA ILE C 307 -9.87 -22.21 -18.51
C ILE C 307 -8.62 -23.09 -18.57
N MET C 308 -8.27 -23.52 -19.78
CA MET C 308 -6.95 -24.09 -20.00
C MET C 308 -6.17 -23.19 -20.94
N VAL C 309 -4.98 -22.78 -20.45
CA VAL C 309 -4.02 -22.08 -21.26
C VAL C 309 -3.17 -23.14 -21.95
N ALA C 310 -3.39 -23.27 -23.25
CA ALA C 310 -2.74 -24.33 -23.98
C ALA C 310 -1.54 -23.76 -24.74
N ARG C 311 -0.42 -23.62 -24.02
CA ARG C 311 0.76 -22.92 -24.56
C ARG C 311 1.19 -23.54 -25.90
N GLY C 312 1.01 -24.85 -26.06
CA GLY C 312 1.42 -25.54 -27.28
C GLY C 312 0.97 -24.79 -28.53
N ASP C 313 -0.33 -24.85 -28.78
CA ASP C 313 -0.92 -24.28 -29.98
C ASP C 313 -0.86 -22.76 -29.97
N LEU C 314 -1.02 -22.16 -28.79
CA LEU C 314 -1.13 -20.71 -28.69
C LEU C 314 0.10 -20.07 -29.33
N GLY C 315 1.24 -20.76 -29.24
CA GLY C 315 2.56 -20.26 -29.61
C GLY C 315 2.88 -20.44 -31.10
N ILE C 316 1.91 -20.89 -31.87
CA ILE C 316 2.03 -20.89 -33.31
C ILE C 316 1.13 -19.78 -33.86
N GLU C 317 -0.09 -19.76 -33.36
CA GLU C 317 -1.10 -18.81 -33.79
C GLU C 317 -0.71 -17.38 -33.42
N ILE C 318 0.19 -17.19 -32.44
CA ILE C 318 0.79 -15.85 -32.12
C ILE C 318 2.28 -16.00 -31.82
N PRO C 319 3.07 -14.89 -31.77
CA PRO C 319 4.55 -14.95 -31.74
C PRO C 319 5.05 -15.48 -30.38
N ALA C 320 5.99 -16.43 -30.44
CA ALA C 320 6.40 -17.20 -29.25
C ALA C 320 6.80 -16.28 -28.09
N GLU C 321 7.46 -15.16 -28.40
CA GLU C 321 7.96 -14.14 -27.43
C GLU C 321 6.82 -13.44 -26.67
N LYS C 322 5.58 -13.56 -27.17
CA LYS C 322 4.41 -12.93 -26.55
C LYS C 322 3.67 -13.92 -25.65
N VAL C 323 3.81 -15.22 -25.91
CA VAL C 323 2.96 -16.25 -25.25
C VAL C 323 2.94 -16.04 -23.74
N PHE C 324 4.10 -15.69 -23.19
CA PHE C 324 4.26 -15.54 -21.76
C PHE C 324 3.21 -14.54 -21.23
N LEU C 325 2.86 -13.51 -22.01
CA LEU C 325 2.04 -12.42 -21.53
C LEU C 325 0.58 -12.86 -21.53
N ALA C 326 0.22 -13.63 -22.55
CA ALA C 326 -1.11 -14.19 -22.65
C ALA C 326 -1.32 -15.14 -21.47
N GLN C 327 -0.40 -16.05 -21.19
CA GLN C 327 -0.54 -16.84 -19.97
C GLN C 327 -0.73 -15.94 -18.72
N LYS C 328 0.20 -15.03 -18.41
CA LYS C 328 0.06 -14.19 -17.19
C LYS C 328 -1.35 -13.59 -17.11
N MET C 329 -1.72 -12.84 -18.16
CA MET C 329 -3.01 -12.18 -18.33
C MET C 329 -4.16 -13.13 -17.92
N MET C 330 -4.19 -14.29 -18.55
CA MET C 330 -5.25 -15.18 -18.40
C MET C 330 -5.27 -15.65 -16.93
N ILE C 331 -4.30 -16.41 -16.42
CA ILE C 331 -4.29 -16.78 -14.96
C ILE C 331 -4.74 -15.58 -14.12
N GLY C 332 -4.19 -14.40 -14.40
CA GLY C 332 -4.66 -13.15 -13.79
C GLY C 332 -6.17 -13.08 -13.71
N ARG C 333 -6.84 -12.99 -14.84
CA ARG C 333 -8.25 -12.70 -14.91
C ARG C 333 -9.02 -13.83 -14.24
N CYS C 334 -8.63 -15.06 -14.50
CA CYS C 334 -9.18 -16.27 -13.85
C CYS C 334 -9.05 -16.25 -12.30
N ASN C 335 -8.11 -15.52 -11.72
CA ASN C 335 -8.02 -15.49 -10.29
C ASN C 335 -9.08 -14.52 -9.76
N ARG C 336 -9.22 -13.41 -10.48
CA ARG C 336 -10.14 -12.37 -10.11
C ARG C 336 -11.57 -12.94 -10.20
N ALA C 337 -11.85 -13.71 -11.25
CA ALA C 337 -13.19 -14.25 -11.51
C ALA C 337 -13.50 -15.40 -10.55
N GLY C 338 -12.47 -16.01 -9.97
CA GLY C 338 -12.65 -17.08 -9.02
C GLY C 338 -12.72 -18.47 -9.65
N LYS C 339 -12.57 -18.55 -10.99
CA LYS C 339 -12.59 -19.81 -11.80
C LYS C 339 -11.21 -20.50 -11.76
N PRO C 340 -11.13 -21.83 -11.99
CA PRO C 340 -9.78 -22.47 -12.07
C PRO C 340 -9.12 -22.35 -13.46
N VAL C 341 -7.80 -22.18 -13.46
CA VAL C 341 -7.06 -22.15 -14.68
C VAL C 341 -6.03 -23.26 -14.66
N ILE C 342 -6.21 -24.31 -15.46
CA ILE C 342 -5.17 -25.32 -15.77
C ILE C 342 -4.08 -24.64 -16.59
N CYS C 343 -2.86 -25.15 -16.52
CA CYS C 343 -1.84 -24.60 -17.37
C CYS C 343 -0.98 -25.74 -17.94
N ALA C 344 -0.70 -25.69 -19.22
CA ALA C 344 -0.40 -26.89 -19.98
C ALA C 344 0.93 -26.75 -20.76
N THR C 345 1.41 -27.89 -21.28
CA THR C 345 2.27 -28.03 -22.52
C THR C 345 3.73 -27.58 -22.37
N GLN C 346 4.62 -28.52 -22.68
CA GLN C 346 6.07 -28.31 -22.78
C GLN C 346 6.69 -28.01 -21.40
N MET C 347 5.92 -28.32 -20.35
CA MET C 347 6.23 -27.94 -18.98
C MET C 347 7.54 -28.60 -18.53
N LEU C 348 7.70 -29.91 -18.80
CA LEU C 348 8.91 -30.69 -18.41
C LEU C 348 9.40 -31.50 -19.62
N GLU C 349 9.25 -30.92 -20.82
CA GLU C 349 9.49 -31.56 -22.14
C GLU C 349 10.78 -32.41 -22.19
N SER C 350 11.91 -31.95 -21.65
CA SER C 350 13.19 -32.70 -21.79
C SER C 350 13.16 -34.05 -21.04
N MET C 351 12.16 -34.25 -20.19
CA MET C 351 12.00 -35.44 -19.32
C MET C 351 11.29 -36.59 -20.04
N ILE C 352 11.17 -36.48 -21.38
CA ILE C 352 10.88 -37.63 -22.21
C ILE C 352 12.16 -38.48 -22.28
N LYS C 353 13.31 -37.81 -22.50
CA LYS C 353 14.56 -38.49 -22.81
C LYS C 353 15.46 -38.64 -21.56
N LYS C 354 15.64 -37.59 -20.75
CA LYS C 354 16.59 -37.64 -19.61
C LYS C 354 15.85 -37.55 -18.27
N PRO C 355 16.30 -38.33 -17.22
CA PRO C 355 15.57 -38.53 -15.93
C PRO C 355 15.55 -37.33 -14.96
N ARG C 356 16.13 -36.21 -15.38
CA ARG C 356 16.19 -34.92 -14.64
C ARG C 356 15.81 -33.80 -15.61
N PRO C 357 15.13 -32.75 -15.13
CA PRO C 357 14.82 -31.67 -16.09
C PRO C 357 15.98 -30.68 -16.25
N THR C 358 15.86 -29.80 -17.23
CA THR C 358 16.72 -28.60 -17.33
C THR C 358 16.22 -27.54 -16.35
N ARG C 359 17.05 -26.53 -16.08
CA ARG C 359 16.70 -25.47 -15.12
C ARG C 359 15.43 -24.74 -15.57
N ALA C 360 15.38 -24.41 -16.87
CA ALA C 360 14.24 -23.75 -17.52
C ALA C 360 12.91 -24.49 -17.22
N GLU C 361 12.98 -25.82 -17.23
CA GLU C 361 11.83 -26.63 -17.05
C GLU C 361 11.40 -26.55 -15.58
N GLY C 362 12.39 -26.61 -14.68
CA GLY C 362 12.18 -26.38 -13.25
C GLY C 362 11.50 -25.05 -12.99
N SER C 363 12.14 -23.94 -13.39
CA SER C 363 11.58 -22.59 -13.20
C SER C 363 10.70 -22.20 -14.40
N ASP C 364 9.59 -22.90 -14.51
CA ASP C 364 8.51 -22.61 -15.45
C ASP C 364 7.30 -23.24 -14.80
N VAL C 365 7.56 -24.42 -14.24
CA VAL C 365 6.64 -25.05 -13.36
C VAL C 365 6.47 -24.21 -12.09
N ALA C 366 7.58 -23.82 -11.46
CA ALA C 366 7.53 -23.02 -10.22
C ALA C 366 6.84 -21.67 -10.45
N ASN C 367 6.89 -21.23 -11.70
CA ASN C 367 6.54 -19.87 -12.08
C ASN C 367 5.07 -19.80 -12.46
N ALA C 368 4.49 -20.87 -13.01
CA ALA C 368 3.02 -21.00 -13.14
C ALA C 368 2.44 -21.06 -11.73
N VAL C 369 2.99 -21.96 -10.94
CA VAL C 369 2.50 -22.16 -9.59
C VAL C 369 2.53 -20.83 -8.83
N LEU C 370 3.47 -19.93 -9.12
CA LEU C 370 3.56 -18.65 -8.39
C LEU C 370 2.50 -17.65 -8.84
N ASP C 371 2.27 -17.49 -10.16
CA ASP C 371 1.18 -16.63 -10.67
C ASP C 371 -0.20 -17.06 -10.10
N GLY C 372 -0.37 -18.38 -9.99
CA GLY C 372 -1.58 -18.93 -9.46
C GLY C 372 -2.33 -19.67 -10.54
N ALA C 373 -1.56 -20.44 -11.29
CA ALA C 373 -2.08 -21.58 -11.99
C ALA C 373 -2.65 -22.54 -10.93
N ASP C 374 -3.87 -23.01 -11.21
CA ASP C 374 -4.64 -23.91 -10.35
C ASP C 374 -4.26 -25.39 -10.42
N CYS C 375 -3.89 -25.90 -11.58
CA CYS C 375 -3.20 -27.20 -11.66
C CYS C 375 -2.45 -27.27 -12.98
N ILE C 376 -1.54 -28.24 -13.15
CA ILE C 376 -0.60 -28.18 -14.29
C ILE C 376 -0.54 -29.52 -15.01
N MET C 377 -0.08 -29.44 -16.27
CA MET C 377 -0.25 -30.55 -17.18
C MET C 377 1.10 -31.10 -17.68
N LEU C 378 1.17 -32.41 -17.65
CA LEU C 378 2.19 -33.20 -18.30
C LEU C 378 1.56 -33.83 -19.54
N SER C 379 2.24 -33.75 -20.69
CA SER C 379 1.73 -34.33 -21.93
C SER C 379 2.64 -35.47 -22.41
N GLY C 380 3.58 -35.18 -23.32
CA GLY C 380 4.60 -36.15 -23.76
C GLY C 380 5.24 -36.90 -22.60
N GLU C 381 5.56 -36.18 -21.52
CA GLU C 381 6.41 -36.65 -20.41
C GLU C 381 5.79 -37.90 -19.72
N THR C 382 4.49 -38.11 -19.89
CA THR C 382 3.74 -39.12 -19.12
C THR C 382 3.11 -40.14 -20.07
N ALA C 383 2.97 -39.74 -21.34
CA ALA C 383 2.23 -40.46 -22.38
C ALA C 383 3.17 -41.38 -23.17
N LYS C 384 4.42 -40.95 -23.28
CA LYS C 384 5.27 -41.32 -24.39
C LYS C 384 6.73 -41.49 -23.90
N GLY C 385 7.08 -40.84 -22.79
CA GLY C 385 8.47 -40.80 -22.28
C GLY C 385 8.92 -42.09 -21.59
N ASP C 386 10.22 -42.14 -21.32
CA ASP C 386 10.83 -43.29 -20.67
C ASP C 386 10.69 -43.24 -19.16
N TYR C 387 10.23 -42.09 -18.66
CA TYR C 387 10.34 -41.80 -17.23
C TYR C 387 9.04 -41.24 -16.66
N PRO C 388 7.87 -41.88 -16.92
CA PRO C 388 6.60 -41.24 -16.48
C PRO C 388 6.51 -40.98 -14.96
N LEU C 389 6.97 -41.92 -14.14
CA LEU C 389 6.89 -41.77 -12.69
C LEU C 389 7.75 -40.58 -12.24
N GLU C 390 8.91 -40.39 -12.86
CA GLU C 390 9.85 -39.36 -12.40
C GLU C 390 9.24 -37.97 -12.68
N ALA C 391 8.70 -37.81 -13.89
CA ALA C 391 8.12 -36.57 -14.33
C ALA C 391 6.97 -36.18 -13.39
N VAL C 392 6.26 -37.16 -12.84
CA VAL C 392 5.27 -36.79 -11.83
C VAL C 392 6.03 -36.41 -10.55
N ARG C 393 6.92 -37.28 -10.08
CA ARG C 393 7.55 -37.02 -8.79
C ARG C 393 8.20 -35.63 -8.80
N MET C 394 8.65 -35.18 -9.98
CA MET C 394 9.33 -33.89 -10.14
C MET C 394 8.33 -32.73 -10.06
N GLN C 395 7.18 -32.85 -10.74
CA GLN C 395 6.11 -31.84 -10.63
C GLN C 395 5.52 -31.79 -9.21
N HIS C 396 5.66 -32.87 -8.44
CA HIS C 396 5.21 -32.88 -7.05
C HIS C 396 6.10 -31.95 -6.23
N LEU C 397 7.42 -32.24 -6.24
CA LEU C 397 8.43 -31.54 -5.38
C LEU C 397 8.49 -30.05 -5.71
N ILE C 398 8.55 -29.75 -7.02
CA ILE C 398 8.68 -28.37 -7.52
C ILE C 398 7.53 -27.51 -6.99
N ALA C 399 6.27 -27.91 -7.25
CA ALA C 399 5.03 -27.15 -6.92
C ALA C 399 4.97 -26.86 -5.42
N ARG C 400 5.46 -27.83 -4.69
CA ARG C 400 5.37 -27.84 -3.28
C ARG C 400 6.24 -26.74 -2.69
N GLU C 401 7.49 -26.60 -3.18
CA GLU C 401 8.39 -25.56 -2.66
C GLU C 401 7.85 -24.19 -3.08
N ALA C 402 7.31 -24.12 -4.30
CA ALA C 402 6.93 -22.87 -4.93
C ALA C 402 5.73 -22.30 -4.17
N GLU C 403 4.83 -23.17 -3.67
CA GLU C 403 3.64 -22.73 -2.90
C GLU C 403 4.05 -22.04 -1.59
N ALA C 404 5.24 -22.39 -1.09
CA ALA C 404 5.80 -21.80 0.13
C ALA C 404 6.56 -20.48 -0.15
N ALA C 405 6.48 -19.94 -1.36
CA ALA C 405 7.21 -18.72 -1.73
C ALA C 405 6.24 -17.62 -2.12
N ILE C 406 4.99 -18.00 -2.36
CA ILE C 406 3.85 -17.09 -2.60
C ILE C 406 3.80 -16.00 -1.52
N TYR C 407 3.54 -14.77 -1.91
CA TYR C 407 3.51 -13.71 -0.92
C TYR C 407 2.06 -13.34 -0.63
N HIS C 408 1.59 -14.08 0.39
CA HIS C 408 0.20 -14.18 0.82
C HIS C 408 -0.31 -12.85 1.36
N LEU C 409 0.37 -12.37 2.39
CA LEU C 409 -0.13 -11.24 3.10
C LEU C 409 0.23 -9.98 2.32
N GLN C 410 -0.02 -10.07 0.98
CA GLN C 410 -0.29 -8.94 0.03
C GLN C 410 -1.13 -9.36 -1.17
N LEU C 411 -1.12 -10.65 -1.48
CA LEU C 411 -2.07 -11.28 -2.43
C LEU C 411 -3.49 -11.32 -1.83
N PHE C 412 -3.60 -11.91 -0.63
CA PHE C 412 -4.89 -12.03 0.08
C PHE C 412 -5.53 -10.64 0.17
N GLU C 413 -4.77 -9.68 0.66
CA GLU C 413 -5.26 -8.31 0.89
C GLU C 413 -5.78 -7.70 -0.43
N GLU C 414 -5.25 -8.09 -1.59
CA GLU C 414 -5.69 -7.54 -2.88
C GLU C 414 -6.98 -8.22 -3.33
N LEU C 415 -7.07 -9.52 -3.07
CA LEU C 415 -8.21 -10.34 -3.44
C LEU C 415 -9.46 -9.90 -2.66
N ARG C 416 -9.28 -9.40 -1.44
CA ARG C 416 -10.36 -8.80 -0.71
C ARG C 416 -10.83 -7.53 -1.42
N ARG C 417 -10.00 -6.49 -1.47
CA ARG C 417 -10.36 -5.23 -2.15
C ARG C 417 -11.14 -5.47 -3.45
N LEU C 418 -10.84 -6.55 -4.18
CA LEU C 418 -11.37 -6.79 -5.55
C LEU C 418 -12.61 -7.69 -5.51
N ALA C 419 -13.21 -7.84 -4.33
CA ALA C 419 -14.37 -8.71 -4.15
C ALA C 419 -15.59 -7.86 -3.80
N PRO C 420 -16.75 -8.18 -4.43
CA PRO C 420 -18.03 -7.46 -4.24
C PRO C 420 -18.60 -7.65 -2.83
N ILE C 421 -19.14 -6.60 -2.22
CA ILE C 421 -19.87 -6.70 -0.94
C ILE C 421 -21.29 -7.23 -1.24
N THR C 422 -21.57 -8.46 -0.79
CA THR C 422 -22.87 -9.15 -0.99
C THR C 422 -23.44 -9.60 0.37
N SER C 423 -24.70 -10.01 0.40
CA SER C 423 -25.35 -10.40 1.67
C SER C 423 -25.30 -11.91 1.90
N ASP C 424 -24.86 -12.68 0.88
CA ASP C 424 -24.72 -14.17 0.93
C ASP C 424 -23.90 -14.80 2.10
N PRO C 425 -24.57 -15.31 3.13
CA PRO C 425 -23.88 -16.03 4.22
C PRO C 425 -22.64 -16.83 3.78
N THR C 426 -22.79 -17.81 2.88
CA THR C 426 -21.66 -18.71 2.47
C THR C 426 -20.37 -17.94 2.13
N GLU C 427 -20.48 -16.78 1.49
CA GLU C 427 -19.34 -15.94 1.06
C GLU C 427 -18.64 -15.31 2.29
N ALA C 428 -19.44 -14.64 3.11
CA ALA C 428 -19.00 -14.09 4.35
C ALA C 428 -18.32 -15.16 5.24
N THR C 429 -18.77 -16.41 5.21
CA THR C 429 -18.19 -17.33 6.18
C THR C 429 -16.83 -17.74 5.66
N ALA C 430 -16.76 -17.84 4.33
CA ALA C 430 -15.56 -18.36 3.67
C ALA C 430 -14.40 -17.36 3.74
N VAL C 431 -14.70 -16.09 3.54
CA VAL C 431 -13.69 -15.08 3.81
C VAL C 431 -13.31 -15.09 5.29
N GLY C 432 -14.23 -14.92 6.21
CA GLY C 432 -13.86 -15.03 7.60
C GLY C 432 -12.97 -16.23 7.91
N ALA C 433 -13.35 -17.43 7.43
CA ALA C 433 -12.58 -18.67 7.67
C ALA C 433 -11.15 -18.56 7.15
N VAL C 434 -10.94 -17.79 6.07
CA VAL C 434 -9.57 -17.67 5.54
C VAL C 434 -8.72 -16.75 6.43
N GLU C 435 -9.27 -15.55 6.65
CA GLU C 435 -8.69 -14.61 7.55
C GLU C 435 -8.30 -15.32 8.85
N ALA C 436 -9.21 -16.00 9.54
CA ALA C 436 -8.84 -16.72 10.80
C ALA C 436 -7.57 -17.55 10.60
N SER C 437 -7.56 -18.31 9.49
CA SER C 437 -6.56 -19.32 9.20
C SER C 437 -5.15 -18.71 9.21
N PHE C 438 -5.06 -17.48 8.70
CA PHE C 438 -3.84 -16.69 8.69
C PHE C 438 -3.34 -16.53 10.13
N LYS C 439 -4.18 -15.86 10.91
CA LYS C 439 -3.91 -15.42 12.24
C LYS C 439 -3.53 -16.57 13.18
N CYS C 440 -4.19 -17.72 13.12
CA CYS C 440 -3.86 -18.82 14.08
C CYS C 440 -2.86 -19.81 13.46
N CYS C 441 -2.36 -19.50 12.26
CA CYS C 441 -1.39 -20.36 11.54
C CYS C 441 -1.98 -21.78 11.34
N SER C 442 -3.30 -21.87 11.11
CA SER C 442 -4.03 -23.16 11.19
C SER C 442 -3.59 -24.15 10.11
N GLY C 443 -3.47 -25.41 10.55
CA GLY C 443 -2.88 -26.48 9.77
C GLY C 443 -3.81 -26.98 8.69
N ALA C 444 -5.13 -26.71 8.80
CA ALA C 444 -6.13 -27.04 7.75
C ALA C 444 -7.46 -26.30 7.95
N ILE C 445 -8.33 -26.42 6.95
CA ILE C 445 -9.70 -25.92 6.96
C ILE C 445 -10.63 -27.05 6.48
N ILE C 446 -11.19 -27.78 7.41
CA ILE C 446 -12.16 -28.80 7.03
C ILE C 446 -13.42 -28.09 6.50
N VAL C 447 -13.99 -28.48 5.40
CA VAL C 447 -15.22 -27.86 4.99
C VAL C 447 -16.19 -28.97 4.62
N LEU C 448 -17.40 -29.05 5.20
CA LEU C 448 -18.30 -30.12 4.70
C LEU C 448 -19.01 -29.61 3.48
N THR C 449 -18.84 -30.33 2.39
CA THR C 449 -19.44 -29.86 1.13
C THR C 449 -20.61 -30.78 0.71
N LYS C 450 -21.12 -30.57 -0.48
CA LYS C 450 -22.03 -31.49 -1.03
C LYS C 450 -21.94 -31.35 -2.56
N SER C 451 -22.15 -30.14 -3.08
CA SER C 451 -21.92 -29.84 -4.50
C SER C 451 -20.45 -29.50 -4.70
N GLY C 452 -19.83 -28.98 -3.66
CA GLY C 452 -18.46 -28.54 -3.74
C GLY C 452 -18.38 -27.04 -3.56
N ARG C 453 -19.50 -26.31 -3.65
CA ARG C 453 -19.42 -24.86 -3.79
C ARG C 453 -18.79 -24.22 -2.55
N SER C 454 -19.11 -24.74 -1.36
CA SER C 454 -18.58 -24.27 -0.08
C SER C 454 -17.04 -24.25 -0.05
N ALA C 455 -16.44 -25.39 -0.42
CA ALA C 455 -15.00 -25.49 -0.69
C ALA C 455 -14.67 -24.40 -1.70
N HIS C 456 -15.28 -24.40 -2.88
CA HIS C 456 -14.78 -23.55 -3.99
C HIS C 456 -14.59 -22.11 -3.54
N GLN C 457 -15.49 -21.55 -2.71
CA GLN C 457 -15.36 -20.17 -2.17
C GLN C 457 -14.09 -19.95 -1.32
N VAL C 458 -13.72 -20.94 -0.56
CA VAL C 458 -12.59 -20.81 0.30
C VAL C 458 -11.32 -20.77 -0.58
N ALA C 459 -11.25 -21.64 -1.56
CA ALA C 459 -10.12 -21.68 -2.41
C ALA C 459 -10.05 -20.39 -3.20
N ARG C 460 -11.15 -19.68 -3.46
CA ARG C 460 -11.09 -18.36 -4.17
C ARG C 460 -10.17 -17.33 -3.46
N TYR C 461 -9.53 -17.66 -2.32
CA TYR C 461 -8.77 -16.67 -1.50
C TYR C 461 -7.29 -17.08 -1.37
N ARG C 462 -7.02 -18.28 -1.85
CA ARG C 462 -5.71 -18.85 -1.80
C ARG C 462 -5.16 -18.87 -0.35
N PRO C 463 -5.89 -19.48 0.63
CA PRO C 463 -5.44 -19.78 2.02
C PRO C 463 -4.11 -20.54 2.03
N ARG C 464 -3.23 -20.30 3.00
CA ARG C 464 -1.95 -21.03 2.97
C ARG C 464 -2.18 -22.48 3.39
N ALA C 465 -3.14 -22.69 4.29
CA ALA C 465 -3.45 -24.02 4.78
C ALA C 465 -4.08 -24.83 3.62
N PRO C 466 -3.92 -26.15 3.61
CA PRO C 466 -4.71 -27.05 2.74
C PRO C 466 -6.19 -27.01 3.14
N ILE C 467 -7.11 -27.32 2.21
CA ILE C 467 -8.58 -27.31 2.46
C ILE C 467 -9.12 -28.75 2.34
N ILE C 468 -9.13 -29.53 3.42
CA ILE C 468 -9.79 -30.83 3.34
C ILE C 468 -11.29 -30.62 3.07
N ALA C 469 -11.85 -31.16 2.00
CA ALA C 469 -13.32 -31.09 1.83
C ALA C 469 -13.92 -32.50 1.97
N VAL C 470 -15.07 -32.58 2.61
CA VAL C 470 -15.52 -33.88 2.99
C VAL C 470 -16.92 -34.08 2.43
N THR C 471 -16.96 -34.94 1.44
CA THR C 471 -18.18 -35.07 0.67
C THR C 471 -18.59 -36.54 0.66
N ARG C 472 -19.87 -36.76 0.39
CA ARG C 472 -20.41 -38.08 0.14
C ARG C 472 -20.54 -38.30 -1.37
N ASN C 473 -20.89 -37.24 -2.09
CA ASN C 473 -21.06 -37.24 -3.55
C ASN C 473 -19.72 -37.65 -4.19
N PRO C 474 -19.62 -38.90 -4.72
CA PRO C 474 -18.31 -39.37 -5.20
C PRO C 474 -17.77 -38.50 -6.35
N GLN C 475 -18.67 -37.92 -7.14
CA GLN C 475 -18.31 -37.09 -8.29
C GLN C 475 -17.76 -35.72 -7.85
N THR C 476 -18.42 -35.07 -6.89
CA THR C 476 -17.95 -33.77 -6.35
C THR C 476 -16.47 -33.89 -5.96
N ALA C 477 -16.16 -34.99 -5.28
CA ALA C 477 -14.81 -35.31 -4.91
C ALA C 477 -13.90 -35.27 -6.14
N ARG C 478 -14.29 -35.78 -7.29
CA ARG C 478 -13.35 -35.88 -8.41
C ARG C 478 -13.09 -34.50 -9.02
N GLN C 479 -14.11 -33.67 -9.18
CA GLN C 479 -13.92 -32.37 -9.85
C GLN C 479 -13.35 -31.32 -8.87
N ALA C 480 -13.06 -31.69 -7.62
CA ALA C 480 -12.46 -30.75 -6.67
C ALA C 480 -10.99 -30.51 -7.06
N HIS C 481 -10.45 -31.38 -7.90
CA HIS C 481 -9.06 -31.41 -8.10
C HIS C 481 -8.68 -30.18 -8.90
N LEU C 482 -9.64 -29.63 -9.66
CA LEU C 482 -9.44 -28.34 -10.38
C LEU C 482 -9.06 -27.18 -9.43
N TYR C 483 -9.79 -26.92 -8.35
CA TYR C 483 -9.62 -25.67 -7.60
C TYR C 483 -8.34 -25.73 -6.80
N ARG C 484 -7.54 -24.66 -6.76
CA ARG C 484 -6.25 -24.85 -6.11
C ARG C 484 -6.43 -24.82 -4.60
N GLY C 485 -5.89 -25.79 -3.88
CA GLY C 485 -5.93 -25.77 -2.40
C GLY C 485 -6.63 -27.00 -1.89
N ILE C 486 -7.85 -27.21 -2.43
CA ILE C 486 -8.81 -28.29 -2.08
C ILE C 486 -8.14 -29.63 -2.31
N PHE C 487 -8.21 -30.44 -1.26
CA PHE C 487 -7.70 -31.80 -1.14
C PHE C 487 -8.89 -32.66 -0.71
N PRO C 488 -9.72 -33.17 -1.67
CA PRO C 488 -11.05 -33.76 -1.35
C PRO C 488 -10.89 -35.11 -0.65
N VAL C 489 -11.86 -35.49 0.21
CA VAL C 489 -11.86 -36.89 0.76
C VAL C 489 -13.29 -37.42 0.73
N LEU C 490 -13.43 -38.68 0.32
CA LEU C 490 -14.75 -39.26 0.10
C LEU C 490 -15.14 -40.12 1.30
N CYS C 491 -16.29 -39.80 1.89
CA CYS C 491 -16.81 -40.51 3.05
C CYS C 491 -17.77 -41.61 2.59
N LYS C 492 -17.50 -42.82 3.08
CA LYS C 492 -18.31 -44.00 2.75
C LYS C 492 -19.19 -44.38 3.95
N ASP C 493 -18.75 -44.07 5.17
CA ASP C 493 -19.52 -44.25 6.44
C ASP C 493 -21.00 -43.87 6.26
N PRO C 494 -21.93 -44.83 6.49
CA PRO C 494 -23.38 -44.68 6.18
C PRO C 494 -24.04 -43.61 7.07
N VAL C 495 -25.12 -43.01 6.58
CA VAL C 495 -25.71 -41.79 7.22
C VAL C 495 -26.31 -42.16 8.59
N GLN C 496 -25.84 -41.49 9.64
CA GLN C 496 -26.36 -41.61 11.03
C GLN C 496 -27.82 -41.13 11.08
N GLU C 497 -28.51 -41.39 12.20
CA GLU C 497 -29.91 -40.95 12.35
C GLU C 497 -29.96 -39.44 12.66
N ALA C 498 -29.41 -39.06 13.82
CA ALA C 498 -29.44 -37.66 14.27
C ALA C 498 -28.44 -36.85 13.45
N TRP C 499 -28.97 -35.83 12.75
CA TRP C 499 -28.22 -35.11 11.72
C TRP C 499 -27.01 -34.37 12.30
N ALA C 500 -27.11 -33.86 13.52
CA ALA C 500 -25.95 -33.23 14.16
C ALA C 500 -24.82 -34.24 14.30
N GLU C 501 -25.15 -35.50 14.57
CA GLU C 501 -24.14 -36.54 14.84
C GLU C 501 -23.53 -37.04 13.53
N ASP C 502 -24.27 -36.88 12.45
CA ASP C 502 -23.76 -37.15 11.11
C ASP C 502 -22.72 -36.12 10.70
N VAL C 503 -22.89 -34.86 11.12
CA VAL C 503 -21.85 -33.80 10.89
C VAL C 503 -20.58 -34.10 11.70
N ASP C 504 -20.76 -34.57 12.93
CA ASP C 504 -19.64 -34.82 13.81
C ASP C 504 -18.86 -36.03 13.40
N LEU C 505 -19.52 -36.93 12.67
CA LEU C 505 -18.84 -38.10 12.15
C LEU C 505 -17.90 -37.67 11.02
N ARG C 506 -18.43 -36.86 10.09
CA ARG C 506 -17.69 -36.33 8.92
C ARG C 506 -16.49 -35.46 9.32
N VAL C 507 -16.68 -34.51 10.23
CA VAL C 507 -15.54 -33.76 10.70
C VAL C 507 -14.44 -34.74 11.15
N ASN C 508 -14.75 -35.64 12.09
CA ASN C 508 -13.73 -36.54 12.69
C ASN C 508 -13.00 -37.39 11.65
N PHE C 509 -13.67 -37.73 10.56
CA PHE C 509 -13.01 -38.33 9.43
C PHE C 509 -11.87 -37.41 8.95
N ALA C 510 -12.23 -36.17 8.65
CA ALA C 510 -11.28 -35.15 8.13
C ALA C 510 -10.10 -34.88 9.08
N MET C 511 -10.20 -35.21 10.36
CA MET C 511 -9.07 -35.10 11.27
C MET C 511 -8.18 -36.32 11.08
N ASN C 512 -8.79 -37.51 11.12
CA ASN C 512 -8.05 -38.75 10.96
C ASN C 512 -7.37 -38.82 9.59
N VAL C 513 -7.93 -38.13 8.61
CA VAL C 513 -7.30 -38.09 7.30
C VAL C 513 -6.13 -37.10 7.32
N GLY C 514 -6.30 -35.92 7.92
CA GLY C 514 -5.23 -34.90 7.97
C GLY C 514 -3.99 -35.39 8.70
N LYS C 515 -4.22 -36.13 9.79
CA LYS C 515 -3.19 -36.68 10.69
C LYS C 515 -2.37 -37.77 9.99
N ALA C 516 -3.05 -38.76 9.41
CA ALA C 516 -2.38 -39.89 8.73
C ALA C 516 -1.67 -39.42 7.45
N ARG C 517 -1.90 -38.17 7.07
CA ARG C 517 -1.23 -37.58 5.91
C ARG C 517 -0.08 -36.72 6.40
N GLY C 518 -0.32 -35.96 7.46
CA GLY C 518 0.71 -35.19 8.12
C GLY C 518 0.43 -33.69 8.06
N PHE C 519 -0.81 -33.29 7.84
CA PHE C 519 -1.09 -31.88 7.67
C PHE C 519 -1.22 -31.22 9.05
N PHE C 520 -1.25 -32.03 10.10
CA PHE C 520 -1.29 -31.54 11.46
C PHE C 520 -1.11 -32.73 12.41
N LYS C 521 -0.85 -32.43 13.69
CA LYS C 521 -0.70 -33.42 14.75
C LYS C 521 -1.81 -33.21 15.76
N LYS C 522 -1.74 -33.92 16.88
CA LYS C 522 -2.60 -33.66 18.02
C LYS C 522 -2.27 -32.27 18.57
N GLY C 523 -3.27 -31.58 19.11
CA GLY C 523 -3.03 -30.32 19.84
C GLY C 523 -2.64 -29.17 18.92
N ASP C 524 -2.70 -29.41 17.61
CA ASP C 524 -2.66 -28.35 16.60
C ASP C 524 -3.99 -27.63 16.58
N VAL C 525 -4.24 -26.86 15.52
CA VAL C 525 -5.41 -25.97 15.48
C VAL C 525 -5.99 -25.94 14.06
N VAL C 526 -7.30 -26.26 13.91
CA VAL C 526 -7.98 -26.33 12.59
C VAL C 526 -9.26 -25.49 12.58
N ILE C 527 -9.58 -24.93 11.44
CA ILE C 527 -10.81 -24.17 11.24
C ILE C 527 -11.81 -25.14 10.63
N VAL C 528 -13.09 -25.16 11.02
CA VAL C 528 -14.03 -26.15 10.44
C VAL C 528 -15.28 -25.45 9.95
N LEU C 529 -15.51 -25.33 8.67
CA LEU C 529 -16.75 -24.75 8.22
C LEU C 529 -17.91 -25.78 8.21
N THR C 530 -19.14 -25.35 8.50
CA THR C 530 -20.32 -26.24 8.54
C THR C 530 -21.60 -25.45 8.25
N GLY C 531 -22.68 -26.14 7.92
CA GLY C 531 -24.02 -25.49 7.76
C GLY C 531 -24.84 -25.51 9.04
N TRP C 532 -26.09 -25.08 8.97
CA TRP C 532 -26.95 -24.94 10.15
C TRP C 532 -28.12 -25.91 10.06
N ARG C 533 -28.67 -26.03 8.84
CA ARG C 533 -29.59 -27.10 8.47
C ARG C 533 -28.82 -28.03 7.53
N PRO C 534 -29.41 -29.18 7.11
CA PRO C 534 -28.85 -30.04 6.01
C PRO C 534 -29.31 -29.50 4.66
N GLY C 535 -28.67 -29.92 3.57
CA GLY C 535 -29.07 -29.36 2.27
C GLY C 535 -27.87 -28.88 1.48
N SER C 536 -28.10 -27.97 0.55
CA SER C 536 -26.97 -27.28 -0.06
C SER C 536 -27.17 -25.77 0.04
N GLY C 537 -26.11 -25.10 0.47
CA GLY C 537 -26.11 -23.65 0.42
C GLY C 537 -26.48 -23.03 1.74
N PHE C 538 -26.27 -23.73 2.85
CA PHE C 538 -26.51 -23.13 4.12
C PHE C 538 -25.25 -23.18 5.02
N THR C 539 -24.03 -23.11 4.47
CA THR C 539 -22.81 -22.96 5.26
C THR C 539 -22.78 -21.56 5.89
N ASN C 540 -22.70 -21.47 7.20
CA ASN C 540 -22.71 -20.14 7.83
C ASN C 540 -21.81 -20.16 9.07
N THR C 541 -21.53 -21.35 9.60
CA THR C 541 -20.81 -21.51 10.83
C THR C 541 -19.33 -21.74 10.55
N MET C 542 -18.44 -20.98 11.17
CA MET C 542 -17.02 -21.23 11.16
C MET C 542 -16.52 -21.46 12.60
N ARG C 543 -16.28 -22.70 13.10
CA ARG C 543 -15.65 -23.00 14.50
C ARG C 543 -14.13 -23.17 14.42
N VAL C 544 -13.39 -23.03 15.52
CA VAL C 544 -11.91 -23.09 15.45
C VAL C 544 -11.46 -24.07 16.51
N VAL C 545 -11.13 -25.29 16.12
CA VAL C 545 -11.05 -26.35 17.11
C VAL C 545 -9.60 -26.85 17.22
N PRO C 546 -9.25 -27.42 18.39
CA PRO C 546 -7.96 -28.11 18.57
C PRO C 546 -8.10 -29.58 18.12
N VAL C 547 -7.08 -30.09 17.42
CA VAL C 547 -7.13 -31.44 16.81
C VAL C 547 -7.06 -32.52 17.90
N PRO C 548 -8.09 -33.39 17.96
CA PRO C 548 -8.21 -34.46 18.94
C PRO C 548 -7.25 -35.61 18.62
N LEU D 35 -1.06 11.44 -22.11
CA LEU D 35 -0.28 10.48 -22.95
C LEU D 35 -0.73 9.05 -22.64
N HIS D 36 0.19 8.23 -22.11
CA HIS D 36 -0.08 6.86 -21.68
C HIS D 36 -0.96 6.89 -20.43
N ALA D 37 -2.02 6.07 -20.42
CA ALA D 37 -3.06 6.05 -19.36
C ALA D 37 -2.49 5.53 -18.03
N ALA D 38 -3.15 5.86 -16.92
CA ALA D 38 -2.70 5.50 -15.55
C ALA D 38 -2.71 3.98 -15.36
N MET D 39 -1.58 3.47 -14.87
CA MET D 39 -1.38 2.03 -14.66
C MET D 39 -2.20 1.55 -13.45
N ALA D 40 -2.33 0.23 -13.34
CA ALA D 40 -3.27 -0.42 -12.42
C ALA D 40 -2.87 -0.14 -10.97
N ASP D 41 -3.89 -0.13 -10.11
CA ASP D 41 -3.73 0.18 -8.71
C ASP D 41 -3.16 -0.97 -7.88
N THR D 42 -3.20 -2.18 -8.44
CA THR D 42 -2.75 -3.39 -7.72
C THR D 42 -2.04 -4.32 -8.71
N PHE D 43 -1.26 -5.25 -8.17
CA PHE D 43 -0.51 -6.21 -8.99
C PHE D 43 -1.44 -7.25 -9.61
N LEU D 44 -2.55 -7.57 -8.98
CA LEU D 44 -3.48 -8.42 -9.67
C LEU D 44 -4.17 -7.62 -10.78
N GLU D 45 -4.62 -6.41 -10.49
CA GLU D 45 -5.23 -5.57 -11.54
C GLU D 45 -4.26 -5.39 -12.73
N HIS D 46 -2.98 -5.23 -12.39
CA HIS D 46 -1.91 -4.98 -13.34
C HIS D 46 -1.83 -6.13 -14.36
N MET D 47 -1.52 -7.32 -13.84
CA MET D 47 -1.51 -8.57 -14.55
C MET D 47 -2.67 -8.62 -15.53
N CYS D 48 -3.91 -8.42 -15.04
CA CYS D 48 -5.14 -8.69 -15.82
C CYS D 48 -5.22 -7.80 -17.07
N ARG D 49 -4.46 -6.73 -17.05
CA ARG D 49 -4.60 -5.71 -18.06
C ARG D 49 -3.57 -5.93 -19.18
N LEU D 50 -2.68 -6.93 -19.04
CA LEU D 50 -1.60 -7.12 -20.01
C LEU D 50 -2.20 -7.46 -21.38
N ASP D 51 -2.05 -6.53 -22.32
CA ASP D 51 -2.51 -6.72 -23.69
C ASP D 51 -1.37 -7.37 -24.47
N ILE D 52 -1.72 -8.16 -25.47
CA ILE D 52 -0.71 -8.81 -26.33
C ILE D 52 -0.73 -8.18 -27.74
N ASP D 53 -1.57 -7.17 -27.90
CA ASP D 53 -1.70 -6.40 -29.15
C ASP D 53 -0.99 -5.06 -29.03
N SER D 54 -0.35 -4.83 -27.88
CA SER D 54 0.34 -3.58 -27.54
C SER D 54 1.83 -3.70 -27.87
N PRO D 55 2.32 -3.00 -28.93
CA PRO D 55 3.73 -3.18 -29.32
C PRO D 55 4.67 -2.54 -28.27
N PRO D 56 5.85 -3.17 -28.03
CA PRO D 56 6.82 -2.60 -27.08
C PRO D 56 7.77 -1.56 -27.70
N ILE D 57 8.35 -0.74 -26.81
CA ILE D 57 9.47 0.21 -27.04
C ILE D 57 10.53 -0.45 -27.95
N THR D 58 11.29 0.32 -28.72
CA THR D 58 12.35 -0.23 -29.59
C THR D 58 13.59 -0.61 -28.75
N ALA D 59 13.71 -0.02 -27.57
CA ALA D 59 14.85 -0.26 -26.67
C ALA D 59 14.76 -1.67 -26.06
N ARG D 60 15.89 -2.19 -25.61
CA ARG D 60 15.91 -3.45 -24.89
C ARG D 60 16.89 -3.33 -23.69
N ASN D 61 16.37 -3.51 -22.49
CA ASN D 61 17.07 -3.08 -21.26
C ASN D 61 17.95 -4.17 -20.64
N THR D 62 17.89 -5.42 -21.06
CA THR D 62 18.74 -6.37 -20.37
C THR D 62 19.80 -6.91 -21.31
N GLY D 63 21.06 -6.84 -20.93
CA GLY D 63 22.13 -7.22 -21.85
C GLY D 63 22.09 -8.70 -22.23
N ILE D 64 22.83 -9.05 -23.31
CA ILE D 64 23.00 -10.44 -23.77
C ILE D 64 24.48 -10.76 -23.96
N ILE D 65 24.85 -11.74 -23.12
CA ILE D 65 26.14 -12.39 -23.03
C ILE D 65 26.08 -13.71 -23.85
N CYS D 66 26.91 -13.79 -24.89
CA CYS D 66 27.10 -15.03 -25.61
C CYS D 66 28.38 -15.70 -25.12
N THR D 67 28.43 -17.01 -25.14
CA THR D 67 29.67 -17.70 -24.92
C THR D 67 30.23 -18.06 -26.30
N ILE D 68 31.54 -17.86 -26.50
CA ILE D 68 32.17 -18.05 -27.82
C ILE D 68 32.84 -19.43 -27.83
N GLY D 69 32.49 -20.21 -28.84
CA GLY D 69 33.05 -21.51 -29.01
C GLY D 69 33.32 -21.77 -30.49
N PRO D 70 33.34 -23.05 -30.89
CA PRO D 70 33.52 -23.44 -32.29
C PRO D 70 32.49 -22.82 -33.27
N ALA D 71 31.23 -22.81 -32.85
CA ALA D 71 30.10 -22.43 -33.71
C ALA D 71 30.08 -20.91 -34.00
N SER D 72 31.01 -20.14 -33.41
CA SER D 72 30.88 -18.67 -33.33
C SER D 72 32.22 -18.00 -33.00
N ARG D 73 33.33 -18.55 -33.50
CA ARG D 73 34.65 -17.92 -33.37
C ARG D 73 35.01 -17.18 -34.66
N SER D 74 34.31 -17.49 -35.76
CA SER D 74 34.59 -16.91 -37.06
C SER D 74 34.20 -15.42 -37.05
N VAL D 75 34.87 -14.61 -37.87
CA VAL D 75 34.66 -13.16 -37.82
C VAL D 75 33.35 -12.83 -38.56
N GLU D 76 32.90 -13.69 -39.46
CA GLU D 76 31.64 -13.44 -40.14
C GLU D 76 30.48 -13.65 -39.17
N THR D 77 30.57 -14.70 -38.36
CA THR D 77 29.52 -15.09 -37.41
C THR D 77 29.37 -14.02 -36.32
N LEU D 78 30.50 -13.61 -35.74
CA LEU D 78 30.61 -12.62 -34.70
C LEU D 78 30.07 -11.26 -35.16
N LYS D 79 30.49 -10.78 -36.34
CA LYS D 79 29.89 -9.59 -36.95
C LYS D 79 28.37 -9.70 -36.92
N GLU D 80 27.85 -10.86 -37.37
CA GLU D 80 26.41 -11.07 -37.57
C GLU D 80 25.68 -11.15 -36.23
N MET D 81 26.35 -11.74 -35.24
CA MET D 81 25.91 -11.80 -33.84
C MET D 81 25.80 -10.38 -33.27
N ILE D 82 26.87 -9.59 -33.37
CA ILE D 82 26.86 -8.24 -32.81
C ILE D 82 25.62 -7.52 -33.30
N LYS D 83 25.26 -7.71 -34.57
CA LYS D 83 24.06 -7.12 -35.19
C LYS D 83 22.78 -7.58 -34.46
N SER D 84 22.74 -8.85 -34.06
CA SER D 84 21.55 -9.47 -33.47
C SER D 84 21.29 -8.95 -32.04
N GLY D 85 22.36 -8.57 -31.33
CA GLY D 85 22.24 -8.06 -29.97
C GLY D 85 23.12 -8.79 -28.97
N MET D 86 24.41 -8.89 -29.25
CA MET D 86 25.39 -9.42 -28.29
C MET D 86 26.27 -8.27 -27.75
N ASN D 87 26.55 -8.28 -26.45
CA ASN D 87 27.10 -7.10 -25.78
C ASN D 87 28.29 -7.51 -24.89
N VAL D 88 28.40 -8.80 -24.58
CA VAL D 88 29.48 -9.42 -23.78
C VAL D 88 29.84 -10.72 -24.51
N ALA D 89 31.07 -10.83 -25.01
CA ALA D 89 31.53 -12.12 -25.50
C ALA D 89 32.13 -12.85 -24.31
N ARG D 90 31.67 -14.05 -23.93
CA ARG D 90 32.29 -14.71 -22.75
C ARG D 90 33.16 -15.91 -23.16
N LEU D 91 34.44 -15.79 -22.88
CA LEU D 91 35.44 -16.80 -23.14
C LEU D 91 35.50 -17.75 -21.94
N ASN D 92 35.53 -19.04 -22.23
CA ASN D 92 35.38 -20.08 -21.23
C ASN D 92 36.73 -20.75 -20.98
N PHE D 93 37.37 -20.46 -19.85
CA PHE D 93 38.77 -20.84 -19.68
C PHE D 93 38.91 -22.25 -19.07
N SER D 94 37.86 -23.07 -19.22
CA SER D 94 37.92 -24.50 -18.93
C SER D 94 38.86 -25.19 -19.94
N HIS D 95 38.40 -25.30 -21.19
CA HIS D 95 39.08 -26.05 -22.25
C HIS D 95 39.84 -25.08 -23.16
N GLY D 96 40.83 -25.60 -23.90
CA GLY D 96 41.61 -24.80 -24.86
C GLY D 96 42.82 -24.16 -24.21
N THR D 97 43.83 -23.83 -25.03
CA THR D 97 45.12 -23.26 -24.57
C THR D 97 45.07 -21.73 -24.62
N HIS D 98 46.09 -21.08 -24.06
CA HIS D 98 46.22 -19.60 -24.03
C HIS D 98 46.30 -19.02 -25.45
N GLU D 99 46.93 -19.75 -26.36
CA GLU D 99 47.08 -19.31 -27.74
C GLU D 99 45.72 -19.34 -28.44
N TYR D 100 44.89 -20.34 -28.08
CA TYR D 100 43.61 -20.56 -28.75
C TYR D 100 42.63 -19.45 -28.38
N HIS D 101 42.67 -19.03 -27.11
CA HIS D 101 41.77 -17.96 -26.65
C HIS D 101 42.14 -16.62 -27.28
N ALA D 102 43.45 -16.34 -27.37
CA ALA D 102 43.92 -15.08 -27.90
C ALA D 102 43.38 -14.86 -29.32
N GLU D 103 43.34 -15.93 -30.14
CA GLU D 103 42.78 -15.88 -31.52
C GLU D 103 41.29 -15.55 -31.49
N THR D 104 40.61 -15.96 -30.41
CA THR D 104 39.19 -15.69 -30.22
C THR D 104 39.03 -14.21 -29.87
N ILE D 105 39.82 -13.67 -28.92
CA ILE D 105 39.70 -12.25 -28.55
C ILE D 105 40.00 -11.38 -29.79
N LYS D 106 41.14 -11.64 -30.43
CA LYS D 106 41.53 -11.01 -31.71
C LYS D 106 40.34 -10.94 -32.68
N ASN D 107 39.54 -12.00 -32.74
CA ASN D 107 38.38 -12.05 -33.58
C ASN D 107 37.28 -11.15 -33.01
N VAL D 108 36.73 -11.47 -31.84
CA VAL D 108 35.72 -10.60 -31.18
C VAL D 108 36.01 -9.10 -31.44
N ARG D 109 37.27 -8.67 -31.26
CA ARG D 109 37.70 -7.27 -31.48
C ARG D 109 37.66 -6.87 -32.95
N THR D 110 38.11 -7.73 -33.86
CA THR D 110 38.09 -7.41 -35.29
C THR D 110 36.66 -7.08 -35.70
N ALA D 111 35.70 -7.91 -35.26
CA ALA D 111 34.28 -7.70 -35.60
C ALA D 111 33.76 -6.48 -34.86
N THR D 112 33.96 -6.38 -33.53
CA THR D 112 33.54 -5.16 -32.76
C THR D 112 33.94 -3.92 -33.59
N GLU D 113 35.18 -3.92 -34.10
CA GLU D 113 35.85 -2.73 -34.71
C GLU D 113 35.51 -2.57 -36.20
N SER D 114 34.85 -3.55 -36.82
CA SER D 114 34.35 -3.40 -38.18
C SER D 114 33.42 -2.19 -38.24
N PHE D 115 32.42 -2.17 -37.33
CA PHE D 115 31.33 -1.19 -37.38
C PHE D 115 31.76 0.19 -36.87
N ALA D 116 33.03 0.39 -36.52
CA ALA D 116 33.42 1.64 -35.84
C ALA D 116 33.78 2.74 -36.85
N SER D 117 33.54 2.51 -38.14
CA SER D 117 33.65 3.56 -39.19
C SER D 117 32.58 4.63 -38.96
N ASP D 118 31.33 4.19 -38.78
CA ASP D 118 30.14 5.05 -38.52
C ASP D 118 29.92 5.24 -37.02
N PRO D 119 30.39 6.38 -36.47
CA PRO D 119 30.54 6.52 -35.01
C PRO D 119 29.20 6.49 -34.27
N ILE D 120 28.11 6.80 -34.99
CA ILE D 120 26.75 6.81 -34.43
C ILE D 120 26.28 5.38 -34.20
N LEU D 121 26.53 4.47 -35.16
CA LEU D 121 25.89 3.14 -35.12
C LEU D 121 26.78 2.04 -34.47
N TYR D 122 27.93 2.47 -33.93
CA TYR D 122 28.93 1.58 -33.35
C TYR D 122 28.45 1.07 -31.98
N ARG D 123 28.12 -0.20 -31.87
CA ARG D 123 27.89 -0.77 -30.53
C ARG D 123 29.25 -1.23 -29.98
N PRO D 124 29.63 -0.85 -28.73
CA PRO D 124 30.81 -1.46 -28.08
C PRO D 124 30.49 -2.84 -27.48
N VAL D 125 31.51 -3.70 -27.24
CA VAL D 125 31.29 -5.11 -26.90
C VAL D 125 32.31 -5.58 -25.86
N ALA D 126 31.84 -5.85 -24.64
CA ALA D 126 32.69 -6.39 -23.53
C ALA D 126 33.20 -7.81 -23.84
N VAL D 127 34.39 -8.11 -23.27
CA VAL D 127 34.93 -9.46 -23.18
C VAL D 127 35.01 -9.85 -21.71
N ALA D 128 34.99 -11.14 -21.46
CA ALA D 128 34.85 -11.64 -20.11
C ALA D 128 35.44 -13.05 -20.05
N LEU D 129 36.05 -13.30 -18.93
CA LEU D 129 36.89 -14.42 -18.79
C LEU D 129 36.28 -15.26 -17.68
N ASP D 130 35.97 -16.50 -18.01
CA ASP D 130 35.34 -17.42 -17.05
C ASP D 130 36.38 -18.41 -16.52
N THR D 131 37.04 -18.02 -15.43
CA THR D 131 38.06 -18.84 -14.73
C THR D 131 37.51 -20.24 -14.41
N LYS D 132 38.33 -21.26 -14.61
CA LYS D 132 37.95 -22.67 -14.51
C LYS D 132 37.48 -23.02 -13.09
N GLY D 133 38.18 -22.48 -12.09
CA GLY D 133 37.84 -22.67 -10.68
C GLY D 133 38.51 -23.90 -10.09
N PRO D 134 38.33 -24.13 -8.78
CA PRO D 134 38.72 -25.35 -8.05
C PRO D 134 37.87 -26.55 -8.49
N GLU D 135 38.42 -27.75 -8.34
CA GLU D 135 37.68 -28.99 -8.57
C GLU D 135 38.17 -30.09 -7.60
N ILE D 136 37.32 -31.11 -7.47
CA ILE D 136 37.71 -32.44 -6.99
C ILE D 136 37.48 -33.38 -8.18
N ARG D 137 38.33 -34.39 -8.31
CA ARG D 137 38.36 -35.23 -9.51
C ARG D 137 38.67 -36.69 -9.18
N THR D 138 38.15 -37.55 -10.04
CA THR D 138 38.32 -39.00 -9.99
C THR D 138 39.57 -39.37 -10.79
N GLY D 139 40.21 -40.48 -10.43
CA GLY D 139 41.38 -41.00 -11.14
C GLY D 139 40.99 -41.87 -12.33
N LEU D 140 42.00 -42.41 -13.01
CA LEU D 140 41.82 -43.31 -14.16
C LEU D 140 41.29 -44.67 -13.68
N ILE D 141 40.13 -45.08 -14.21
CA ILE D 141 39.46 -46.32 -13.79
C ILE D 141 40.05 -47.53 -14.55
N LYS D 142 40.45 -48.54 -13.76
CA LYS D 142 41.03 -49.84 -14.19
C LYS D 142 42.38 -49.65 -14.91
N GLY D 143 42.94 -48.44 -14.83
CA GLY D 143 44.23 -48.11 -15.45
C GLY D 143 44.09 -47.55 -16.84
N SER D 144 42.88 -47.65 -17.41
CA SER D 144 42.60 -47.32 -18.80
C SER D 144 42.36 -45.82 -18.96
N GLY D 145 42.30 -45.35 -20.22
CA GLY D 145 41.97 -43.98 -20.53
C GLY D 145 40.46 -43.70 -20.42
N THR D 146 39.65 -44.62 -20.93
CA THR D 146 38.17 -44.49 -20.96
C THR D 146 37.50 -45.87 -20.69
N ALA D 147 37.35 -46.21 -19.41
CA ALA D 147 36.76 -47.51 -18.98
C ALA D 147 35.48 -47.26 -18.17
N GLU D 148 34.64 -48.30 -18.03
CA GLU D 148 33.33 -48.19 -17.36
C GLU D 148 33.25 -49.16 -16.18
N VAL D 149 32.63 -48.71 -15.08
CA VAL D 149 32.41 -49.48 -13.84
C VAL D 149 30.94 -49.27 -13.42
N GLU D 150 30.23 -50.36 -13.11
CA GLU D 150 28.84 -50.31 -12.65
C GLU D 150 28.79 -50.25 -11.11
N LEU D 151 28.19 -49.16 -10.59
CA LEU D 151 27.92 -49.03 -9.15
C LEU D 151 26.43 -49.29 -8.89
N LYS D 152 26.16 -50.27 -8.04
CA LYS D 152 24.79 -50.72 -7.74
C LYS D 152 24.17 -49.79 -6.68
N LYS D 153 22.94 -50.11 -6.26
CA LYS D 153 22.12 -49.24 -5.41
C LYS D 153 22.13 -49.76 -3.96
N GLY D 154 23.33 -49.88 -3.39
CA GLY D 154 23.54 -50.38 -2.02
C GLY D 154 24.97 -50.82 -1.77
N ALA D 155 25.77 -50.91 -2.85
CA ALA D 155 27.17 -51.38 -2.83
C ALA D 155 28.07 -50.43 -2.02
N THR D 156 29.11 -50.99 -1.41
CA THR D 156 29.98 -50.29 -0.45
C THR D 156 31.28 -49.88 -1.13
N LEU D 157 31.71 -48.65 -0.85
CA LEU D 157 32.89 -48.06 -1.47
C LEU D 157 33.81 -47.47 -0.38
N LYS D 158 35.08 -47.87 -0.41
CA LYS D 158 36.15 -47.13 0.29
C LYS D 158 36.70 -46.06 -0.66
N ILE D 159 36.96 -44.89 -0.11
CA ILE D 159 37.56 -43.79 -0.86
C ILE D 159 38.92 -43.47 -0.24
N THR D 160 39.96 -43.76 -1.01
CA THR D 160 41.35 -43.69 -0.55
C THR D 160 42.03 -42.48 -1.19
N LEU D 161 42.84 -41.79 -0.41
CA LEU D 161 43.50 -40.57 -0.84
C LEU D 161 44.99 -40.86 -1.14
N ASP D 162 45.37 -42.14 -1.06
CA ASP D 162 46.71 -42.62 -1.41
C ASP D 162 46.88 -42.66 -2.92
N ASN D 163 48.01 -42.12 -3.41
CA ASN D 163 48.25 -41.91 -4.85
C ASN D 163 48.60 -43.23 -5.55
N ALA D 164 48.51 -44.34 -4.83
CA ALA D 164 48.80 -45.67 -5.38
C ALA D 164 47.58 -46.20 -6.15
N TYR D 165 46.38 -45.85 -5.69
CA TYR D 165 45.13 -46.45 -6.19
C TYR D 165 44.62 -45.73 -7.45
N MET D 166 45.08 -44.50 -7.69
CA MET D 166 44.86 -43.80 -8.96
C MET D 166 45.65 -44.52 -10.06
N GLU D 167 45.05 -44.64 -11.25
CA GLU D 167 45.53 -45.47 -12.41
C GLU D 167 45.31 -46.96 -12.12
N LYS D 168 44.56 -47.26 -11.05
CA LYS D 168 44.12 -48.63 -10.70
C LYS D 168 42.83 -48.54 -9.87
N CYS D 169 42.01 -47.51 -10.16
CA CYS D 169 40.70 -47.28 -9.52
C CYS D 169 39.71 -48.36 -9.95
N ASP D 170 39.01 -48.94 -8.98
CA ASP D 170 38.07 -50.01 -9.24
C ASP D 170 36.66 -49.63 -8.76
N GLU D 171 35.80 -50.63 -8.62
CA GLU D 171 34.46 -50.45 -8.06
C GLU D 171 34.57 -50.22 -6.55
N ASN D 172 35.47 -50.95 -5.90
CA ASN D 172 35.56 -50.98 -4.43
C ASN D 172 36.35 -49.77 -3.91
N ILE D 173 37.42 -49.40 -4.60
CA ILE D 173 38.32 -48.32 -4.15
C ILE D 173 38.34 -47.21 -5.22
N LEU D 174 38.07 -45.98 -4.76
CA LEU D 174 38.11 -44.77 -5.59
C LEU D 174 39.15 -43.78 -5.06
N TRP D 175 39.84 -43.08 -5.97
CA TRP D 175 40.82 -42.04 -5.62
C TRP D 175 40.19 -40.65 -5.79
N LEU D 176 40.31 -39.81 -4.76
CA LEU D 176 39.89 -38.40 -4.82
C LEU D 176 41.10 -37.47 -4.88
N ASP D 177 41.03 -36.57 -5.86
CA ASP D 177 41.95 -35.46 -6.07
C ASP D 177 42.17 -34.69 -4.76
N TYR D 178 41.06 -34.34 -4.10
CA TYR D 178 41.01 -33.66 -2.81
C TYR D 178 41.63 -34.56 -1.72
N LYS D 179 42.62 -34.01 -1.03
CA LYS D 179 43.39 -34.72 -0.01
C LYS D 179 42.83 -34.42 1.38
N ASN D 180 42.16 -33.28 1.51
CA ASN D 180 41.79 -32.74 2.80
C ASN D 180 40.31 -33.05 3.11
N ILE D 181 39.75 -34.07 2.44
CA ILE D 181 38.28 -34.35 2.43
C ILE D 181 37.77 -34.77 3.82
N CYS D 182 38.58 -35.53 4.56
CA CYS D 182 38.11 -36.23 5.77
C CYS D 182 37.91 -35.26 6.94
N LYS D 183 38.54 -34.10 6.87
CA LYS D 183 38.41 -33.04 7.88
C LYS D 183 37.23 -32.11 7.54
N VAL D 184 36.59 -32.36 6.39
CA VAL D 184 35.50 -31.53 5.86
C VAL D 184 34.20 -32.33 5.89
N VAL D 185 34.19 -33.50 5.24
CA VAL D 185 33.01 -34.35 5.10
C VAL D 185 32.78 -35.08 6.44
N GLU D 186 31.57 -34.92 6.98
CA GLU D 186 31.10 -35.65 8.15
C GLU D 186 30.21 -36.82 7.71
N VAL D 187 29.85 -37.68 8.66
CA VAL D 187 29.03 -38.88 8.40
C VAL D 187 27.58 -38.47 8.12
N GLY D 188 27.05 -38.93 6.97
CA GLY D 188 25.72 -38.54 6.50
C GLY D 188 25.79 -37.66 5.26
N SER D 189 26.80 -36.80 5.20
CA SER D 189 27.06 -35.93 4.04
C SER D 189 27.26 -36.80 2.79
N LYS D 190 26.45 -36.52 1.76
CA LYS D 190 26.49 -37.29 0.52
C LYS D 190 27.56 -36.69 -0.41
N ILE D 191 28.18 -37.56 -1.20
CA ILE D 191 29.08 -37.16 -2.28
C ILE D 191 28.34 -37.40 -3.61
N TYR D 192 28.26 -36.37 -4.45
CA TYR D 192 27.74 -36.49 -5.81
C TYR D 192 28.91 -36.58 -6.79
N VAL D 193 28.83 -37.58 -7.67
CA VAL D 193 29.89 -37.88 -8.62
C VAL D 193 29.31 -37.71 -10.04
N ASP D 194 30.17 -37.33 -11.00
CA ASP D 194 29.82 -37.18 -12.43
C ASP D 194 28.55 -36.30 -12.63
N ASP D 195 28.52 -35.18 -11.90
CA ASP D 195 27.38 -34.25 -11.86
C ASP D 195 26.09 -34.90 -11.35
N GLY D 196 26.23 -35.65 -10.26
CA GLY D 196 25.09 -36.20 -9.52
C GLY D 196 24.44 -37.40 -10.19
N LEU D 197 25.07 -38.01 -11.22
CA LEU D 197 24.62 -39.33 -11.80
C LEU D 197 24.70 -40.40 -10.70
N ILE D 198 25.79 -40.33 -9.94
CA ILE D 198 26.06 -41.20 -8.79
C ILE D 198 26.18 -40.32 -7.54
N SER D 199 25.22 -40.50 -6.63
CA SER D 199 25.34 -40.11 -5.24
C SER D 199 25.94 -41.28 -4.44
N LEU D 200 26.51 -40.97 -3.27
CA LEU D 200 26.82 -42.00 -2.25
C LEU D 200 26.94 -41.33 -0.87
N GLN D 201 26.45 -42.04 0.15
CA GLN D 201 26.32 -41.55 1.54
C GLN D 201 27.49 -42.09 2.38
N VAL D 202 28.10 -41.22 3.19
CA VAL D 202 29.28 -41.57 3.99
C VAL D 202 28.82 -42.25 5.29
N LYS D 203 29.35 -43.46 5.52
CA LYS D 203 28.98 -44.33 6.65
C LYS D 203 29.99 -44.19 7.80
N GLN D 204 31.29 -44.30 7.50
CA GLN D 204 32.34 -44.20 8.51
C GLN D 204 33.58 -43.52 7.93
N LYS D 205 34.12 -42.54 8.66
CA LYS D 205 35.38 -41.85 8.30
C LYS D 205 36.45 -42.15 9.36
N GLY D 206 37.59 -42.67 8.92
CA GLY D 206 38.65 -43.10 9.83
C GLY D 206 40.04 -42.63 9.43
N ALA D 207 40.12 -41.45 8.80
CA ALA D 207 41.37 -40.82 8.28
C ALA D 207 41.99 -41.65 7.15
N ASP D 208 42.52 -40.97 6.14
CA ASP D 208 43.01 -41.55 4.87
C ASP D 208 41.93 -42.20 3.99
N PHE D 209 40.88 -42.72 4.62
CA PHE D 209 39.76 -43.38 3.91
C PHE D 209 38.43 -43.09 4.63
N LEU D 210 37.42 -42.74 3.82
CA LEU D 210 36.01 -42.78 4.25
C LEU D 210 35.26 -43.85 3.45
N VAL D 211 34.34 -44.55 4.12
CA VAL D 211 33.63 -45.70 3.55
C VAL D 211 32.13 -45.39 3.48
N THR D 212 31.54 -45.72 2.33
CA THR D 212 30.25 -45.15 1.90
C THR D 212 29.34 -46.26 1.34
N GLU D 213 28.03 -46.00 1.39
CA GLU D 213 27.02 -46.83 0.70
C GLU D 213 26.43 -46.01 -0.47
N VAL D 214 26.46 -46.60 -1.67
CA VAL D 214 26.05 -45.92 -2.93
C VAL D 214 24.52 -45.88 -3.01
N GLU D 215 23.99 -44.70 -3.39
CA GLU D 215 22.54 -44.39 -3.32
C GLU D 215 21.91 -44.34 -4.73
N ASN D 216 22.67 -43.88 -5.73
CA ASN D 216 22.21 -43.81 -7.13
C ASN D 216 23.19 -44.61 -8.02
N GLY D 217 22.65 -45.29 -9.03
CA GLY D 217 23.45 -46.20 -9.83
C GLY D 217 23.75 -45.66 -11.22
N GLY D 218 24.71 -46.33 -11.88
CA GLY D 218 25.04 -46.06 -13.28
C GLY D 218 26.54 -46.18 -13.53
N SER D 219 26.91 -46.15 -14.82
CA SER D 219 28.33 -46.29 -15.25
C SER D 219 29.14 -45.04 -14.88
N LEU D 220 30.37 -45.28 -14.40
CA LEU D 220 31.31 -44.25 -13.98
C LEU D 220 32.53 -44.27 -14.92
N GLY D 221 33.18 -43.12 -15.10
CA GLY D 221 34.33 -43.00 -16.00
C GLY D 221 35.63 -42.67 -15.28
N SER D 222 36.55 -42.05 -16.02
CA SER D 222 37.84 -41.60 -15.49
C SER D 222 37.97 -40.06 -15.62
N LYS D 223 38.38 -39.43 -14.53
CA LYS D 223 38.48 -37.96 -14.40
C LYS D 223 37.11 -37.33 -14.60
N LYS D 224 36.28 -37.46 -13.55
CA LYS D 224 34.87 -37.00 -13.52
C LYS D 224 34.56 -36.35 -12.17
N GLY D 225 33.98 -35.15 -12.21
CA GLY D 225 34.00 -34.18 -11.10
C GLY D 225 33.15 -34.57 -9.92
N VAL D 226 33.63 -34.26 -8.71
CA VAL D 226 32.97 -34.63 -7.44
C VAL D 226 32.43 -33.37 -6.73
N ASN D 227 31.15 -33.42 -6.37
CA ASN D 227 30.49 -32.35 -5.63
C ASN D 227 30.00 -32.95 -4.30
N LEU D 228 30.31 -32.29 -3.18
CA LEU D 228 29.92 -32.82 -1.85
C LEU D 228 29.00 -31.84 -1.10
N PRO D 229 27.66 -31.94 -1.33
CA PRO D 229 26.62 -31.01 -0.81
C PRO D 229 26.74 -30.64 0.67
N GLY D 230 26.15 -29.49 1.03
CA GLY D 230 26.00 -28.99 2.41
C GLY D 230 27.31 -28.74 3.13
N ALA D 231 28.43 -28.70 2.41
CA ALA D 231 29.77 -28.74 3.01
C ALA D 231 30.47 -27.39 2.89
N ALA D 232 31.51 -27.22 3.74
CA ALA D 232 32.44 -26.10 3.66
C ALA D 232 33.82 -26.61 3.20
N VAL D 233 34.02 -26.59 1.88
CA VAL D 233 35.21 -27.15 1.18
C VAL D 233 36.39 -26.18 1.37
N ASP D 234 37.59 -26.74 1.62
CA ASP D 234 38.83 -25.98 1.97
C ASP D 234 39.79 -25.63 0.83
N LEU D 235 39.51 -26.11 -0.39
CA LEU D 235 40.34 -25.91 -1.60
C LEU D 235 40.73 -24.43 -1.78
N PRO D 236 41.90 -24.16 -2.38
CA PRO D 236 42.38 -22.76 -2.56
C PRO D 236 41.41 -21.94 -3.44
N ALA D 237 41.27 -20.64 -3.15
CA ALA D 237 40.31 -19.73 -3.84
C ALA D 237 40.62 -19.60 -5.34
N VAL D 238 41.88 -19.29 -5.64
CA VAL D 238 42.42 -19.40 -6.99
C VAL D 238 43.35 -20.63 -7.03
N SER D 239 43.05 -21.55 -7.94
CA SER D 239 43.93 -22.68 -8.23
C SER D 239 45.26 -22.19 -8.87
N GLU D 240 46.20 -23.11 -9.08
CA GLU D 240 47.46 -22.80 -9.73
C GLU D 240 47.22 -22.34 -11.18
N LYS D 241 46.28 -23.00 -11.88
CA LYS D 241 45.96 -22.73 -13.29
C LYS D 241 45.37 -21.31 -13.42
N ASP D 242 44.40 -21.01 -12.54
CA ASP D 242 43.65 -19.75 -12.57
C ASP D 242 44.46 -18.53 -12.17
N ILE D 243 45.66 -18.73 -11.64
CA ILE D 243 46.61 -17.61 -11.43
C ILE D 243 47.21 -17.20 -12.78
N GLN D 244 47.56 -18.18 -13.61
CA GLN D 244 48.07 -17.89 -14.96
C GLN D 244 46.95 -17.29 -15.83
N ASP D 245 45.73 -17.80 -15.71
CA ASP D 245 44.56 -17.27 -16.45
C ASP D 245 44.21 -15.80 -16.15
N LEU D 246 43.91 -15.49 -14.89
CA LEU D 246 43.66 -14.11 -14.48
C LEU D 246 44.81 -13.26 -14.97
N LYS D 247 46.05 -13.72 -14.71
CA LYS D 247 47.24 -12.95 -15.05
C LYS D 247 47.36 -12.79 -16.58
N PHE D 248 46.82 -13.76 -17.33
CA PHE D 248 46.73 -13.68 -18.79
C PHE D 248 45.70 -12.62 -19.21
N GLY D 249 44.55 -12.62 -18.54
CA GLY D 249 43.45 -11.70 -18.84
C GLY D 249 43.73 -10.24 -18.54
N VAL D 250 44.63 -9.92 -17.61
CA VAL D 250 45.03 -8.52 -17.42
C VAL D 250 45.91 -8.05 -18.59
N GLU D 251 46.78 -8.95 -19.08
CA GLU D 251 47.65 -8.69 -20.24
C GLU D 251 46.81 -8.51 -21.52
N GLN D 252 45.68 -9.19 -21.60
CA GLN D 252 44.82 -9.17 -22.79
C GLN D 252 43.73 -8.10 -22.69
N ASP D 253 43.71 -7.36 -21.57
CA ASP D 253 42.78 -6.24 -21.34
C ASP D 253 41.27 -6.61 -21.41
N VAL D 254 40.90 -7.72 -20.77
CA VAL D 254 39.49 -8.12 -20.61
C VAL D 254 38.77 -7.06 -19.75
N ASP D 255 37.43 -7.04 -19.83
CA ASP D 255 36.58 -6.04 -19.16
C ASP D 255 35.91 -6.51 -17.90
N MET D 256 35.76 -7.81 -17.75
CA MET D 256 35.42 -8.33 -16.45
C MET D 256 35.87 -9.78 -16.33
N VAL D 257 35.95 -10.29 -15.09
CA VAL D 257 36.33 -11.67 -14.79
C VAL D 257 35.17 -12.38 -14.09
N PHE D 258 34.69 -13.52 -14.62
CA PHE D 258 33.65 -14.26 -13.88
C PHE D 258 34.31 -15.30 -12.95
N ALA D 259 34.45 -14.93 -11.67
CA ALA D 259 35.14 -15.74 -10.66
C ALA D 259 34.29 -16.97 -10.34
N SER D 260 34.85 -18.15 -10.57
CA SER D 260 34.14 -19.39 -10.32
C SER D 260 34.36 -19.88 -8.88
N PHE D 261 33.36 -20.61 -8.35
CA PHE D 261 33.35 -21.28 -7.01
C PHE D 261 33.81 -20.32 -5.89
N ILE D 262 32.87 -19.51 -5.42
CA ILE D 262 33.12 -18.45 -4.46
C ILE D 262 32.41 -18.84 -3.17
N ARG D 263 33.15 -19.09 -2.08
CA ARG D 263 32.51 -19.55 -0.84
C ARG D 263 32.44 -18.44 0.23
N LYS D 264 33.53 -17.68 0.37
CA LYS D 264 33.70 -16.66 1.44
C LYS D 264 33.95 -15.30 0.78
N ALA D 265 33.89 -14.20 1.53
CA ALA D 265 34.32 -12.90 1.02
C ALA D 265 35.84 -12.87 0.81
N SER D 266 36.56 -13.79 1.45
CA SER D 266 38.03 -13.80 1.37
C SER D 266 38.52 -14.35 0.02
N ASP D 267 37.73 -15.20 -0.65
CA ASP D 267 38.02 -15.72 -2.03
C ASP D 267 37.96 -14.62 -3.12
N VAL D 268 36.89 -13.83 -3.05
CA VAL D 268 36.63 -12.67 -3.87
C VAL D 268 37.79 -11.73 -3.62
N HIS D 269 38.25 -11.60 -2.36
CA HIS D 269 39.43 -10.71 -2.01
C HIS D 269 40.76 -11.26 -2.54
N GLU D 270 40.90 -12.58 -2.64
CA GLU D 270 42.05 -13.23 -3.30
C GLU D 270 42.13 -12.86 -4.79
N VAL D 271 41.06 -13.09 -5.56
CA VAL D 271 41.01 -12.70 -7.00
C VAL D 271 41.45 -11.24 -7.13
N ARG D 272 40.95 -10.36 -6.26
CA ARG D 272 41.23 -8.94 -6.39
C ARG D 272 42.73 -8.70 -6.19
N LYS D 273 43.37 -9.51 -5.35
CA LYS D 273 44.81 -9.38 -5.12
C LYS D 273 45.60 -9.76 -6.38
N VAL D 274 45.33 -10.94 -6.93
CA VAL D 274 46.05 -11.49 -8.11
C VAL D 274 45.98 -10.52 -9.30
N LEU D 275 44.81 -9.92 -9.55
CA LEU D 275 44.61 -9.04 -10.70
C LEU D 275 45.57 -7.87 -10.57
N GLY D 276 45.85 -7.45 -9.33
CA GLY D 276 46.89 -6.43 -9.07
C GLY D 276 46.49 -5.03 -9.52
N GLU D 277 47.33 -4.05 -9.20
CA GLU D 277 47.02 -2.65 -9.50
C GLU D 277 47.08 -2.39 -11.02
N LYS D 278 47.59 -3.35 -11.79
CA LYS D 278 47.68 -3.20 -13.24
C LYS D 278 46.28 -3.43 -13.85
N GLY D 279 45.48 -4.28 -13.20
CA GLY D 279 44.12 -4.58 -13.65
C GLY D 279 43.09 -4.29 -12.57
N LYS D 280 43.27 -3.18 -11.86
CA LYS D 280 42.43 -2.81 -10.71
C LYS D 280 41.09 -2.24 -11.16
N ASN D 281 40.86 -2.18 -12.46
CA ASN D 281 39.57 -1.69 -12.94
C ASN D 281 38.65 -2.87 -13.25
N ILE D 282 39.27 -3.96 -13.68
CA ILE D 282 38.55 -5.11 -14.16
C ILE D 282 37.50 -5.49 -13.11
N LYS D 283 36.25 -5.76 -13.55
CA LYS D 283 35.13 -5.98 -12.65
C LYS D 283 35.09 -7.47 -12.24
N ILE D 284 35.01 -7.79 -10.94
CA ILE D 284 34.89 -9.21 -10.49
C ILE D 284 33.41 -9.56 -10.29
N ILE D 285 32.92 -10.59 -11.00
CA ILE D 285 31.58 -11.09 -10.79
C ILE D 285 31.76 -12.46 -10.16
N SER D 286 31.28 -12.67 -8.94
CA SER D 286 31.45 -13.98 -8.32
C SER D 286 30.38 -14.93 -8.87
N LYS D 287 30.74 -16.17 -9.22
CA LYS D 287 29.73 -17.23 -9.46
C LYS D 287 29.34 -17.84 -8.10
N ILE D 288 28.06 -17.80 -7.73
CA ILE D 288 27.57 -18.53 -6.55
C ILE D 288 27.21 -19.92 -7.06
N GLU D 289 27.76 -20.96 -6.45
CA GLU D 289 27.79 -22.21 -7.15
C GLU D 289 27.49 -23.36 -6.21
N ASN D 290 27.81 -23.20 -4.93
CA ASN D 290 27.72 -24.28 -3.93
C ASN D 290 26.74 -23.87 -2.82
N HIS D 291 26.45 -24.79 -1.90
CA HIS D 291 25.50 -24.51 -0.80
C HIS D 291 26.00 -23.39 0.11
N GLU D 292 27.31 -23.41 0.43
CA GLU D 292 27.99 -22.45 1.33
C GLU D 292 27.94 -21.02 0.76
N GLY D 293 28.23 -20.90 -0.54
CA GLY D 293 28.10 -19.68 -1.36
C GLY D 293 26.78 -18.98 -1.08
N VAL D 294 25.64 -19.69 -1.20
CA VAL D 294 24.30 -19.15 -0.89
C VAL D 294 24.22 -18.75 0.59
N ARG D 295 24.70 -19.60 1.47
CA ARG D 295 24.46 -19.46 2.89
C ARG D 295 25.16 -18.20 3.41
N ARG D 296 26.25 -17.79 2.76
CA ARG D 296 27.03 -16.60 3.17
C ARG D 296 26.88 -15.46 2.14
N PHE D 297 25.78 -15.46 1.37
CA PHE D 297 25.63 -14.61 0.16
C PHE D 297 25.93 -13.15 0.50
N ASP D 298 25.41 -12.72 1.65
CA ASP D 298 25.35 -11.32 2.02
C ASP D 298 26.69 -10.60 2.13
N GLU D 299 27.75 -11.35 2.49
CA GLU D 299 29.10 -10.79 2.66
C GLU D 299 29.85 -10.81 1.31
N ILE D 300 29.64 -11.85 0.50
CA ILE D 300 30.21 -11.99 -0.85
C ILE D 300 29.76 -10.82 -1.75
N LEU D 301 28.51 -10.44 -1.62
CA LEU D 301 27.97 -9.35 -2.36
C LEU D 301 28.75 -8.09 -2.00
N GLU D 302 28.89 -7.79 -0.72
CA GLU D 302 29.54 -6.58 -0.27
C GLU D 302 31.04 -6.57 -0.65
N ALA D 303 31.51 -7.63 -1.30
CA ALA D 303 32.92 -7.77 -1.70
C ALA D 303 33.08 -7.68 -3.23
N SER D 304 32.08 -8.09 -4.02
CA SER D 304 32.15 -8.22 -5.52
C SER D 304 31.63 -6.95 -6.20
N ASP D 305 31.65 -6.96 -7.53
CA ASP D 305 31.16 -5.84 -8.29
C ASP D 305 29.87 -6.21 -8.94
N GLY D 306 29.47 -7.47 -8.75
CA GLY D 306 28.20 -8.03 -9.27
C GLY D 306 28.20 -9.54 -9.18
N ILE D 307 27.01 -10.14 -9.18
CA ILE D 307 26.83 -11.58 -8.92
C ILE D 307 26.39 -12.33 -10.18
N MET D 308 26.88 -13.56 -10.32
CA MET D 308 26.30 -14.47 -11.29
C MET D 308 25.65 -15.64 -10.57
N VAL D 309 24.36 -15.82 -10.89
CA VAL D 309 23.62 -16.99 -10.44
C VAL D 309 23.84 -18.08 -11.49
N ALA D 310 24.64 -19.06 -11.11
CA ALA D 310 25.03 -20.07 -12.06
C ALA D 310 24.16 -21.33 -11.85
N ARG D 311 22.96 -21.30 -12.43
CA ARG D 311 21.96 -22.33 -12.17
C ARG D 311 22.53 -23.73 -12.47
N GLY D 312 23.42 -23.84 -13.45
CA GLY D 312 24.01 -25.12 -13.83
C GLY D 312 24.47 -25.91 -12.62
N ASP D 313 25.57 -25.44 -12.04
CA ASP D 313 26.20 -26.12 -10.93
C ASP D 313 25.36 -26.07 -9.67
N LEU D 314 24.67 -24.96 -9.46
CA LEU D 314 23.94 -24.76 -8.21
C LEU D 314 22.97 -25.92 -7.99
N GLY D 315 22.46 -26.46 -9.10
CA GLY D 315 21.39 -27.45 -9.12
C GLY D 315 21.87 -28.89 -8.93
N ILE D 316 23.16 -29.05 -8.67
CA ILE D 316 23.68 -30.35 -8.27
C ILE D 316 23.99 -30.28 -6.78
N GLU D 317 24.68 -29.22 -6.39
CA GLU D 317 25.10 -29.01 -5.02
C GLU D 317 23.89 -28.84 -4.09
N ILE D 318 22.72 -28.47 -4.61
CA ILE D 318 21.44 -28.44 -3.83
C ILE D 318 20.28 -28.98 -4.70
N PRO D 319 19.10 -29.31 -4.09
CA PRO D 319 18.04 -30.06 -4.79
C PRO D 319 17.36 -29.20 -5.87
N ALA D 320 17.20 -29.77 -7.06
CA ALA D 320 16.79 -29.03 -8.26
C ALA D 320 15.52 -28.20 -8.01
N GLU D 321 14.57 -28.76 -7.24
CA GLU D 321 13.26 -28.15 -6.90
C GLU D 321 13.41 -26.87 -6.05
N LYS D 322 14.60 -26.65 -5.47
CA LYS D 322 14.86 -25.47 -4.62
C LYS D 322 15.55 -24.38 -5.43
N VAL D 323 16.22 -24.73 -6.52
CA VAL D 323 17.12 -23.78 -7.23
C VAL D 323 16.38 -22.46 -7.51
N PHE D 324 15.11 -22.60 -7.88
CA PHE D 324 14.31 -21.45 -8.27
C PHE D 324 14.32 -20.41 -7.13
N LEU D 325 14.38 -20.84 -5.87
CA LEU D 325 14.21 -19.95 -4.74
C LEU D 325 15.50 -19.20 -4.50
N ALA D 326 16.62 -19.91 -4.67
CA ALA D 326 17.92 -19.33 -4.54
C ALA D 326 18.08 -18.26 -5.63
N GLN D 327 17.76 -18.55 -6.89
CA GLN D 327 17.76 -17.47 -7.88
C GLN D 327 16.89 -16.27 -7.42
N LYS D 328 15.60 -16.46 -7.14
CA LYS D 328 14.74 -15.30 -6.74
C LYS D 328 15.43 -14.46 -5.66
N MET D 329 15.75 -15.13 -4.54
CA MET D 329 16.43 -14.56 -3.37
C MET D 329 17.59 -13.66 -3.82
N MET D 330 18.50 -14.24 -4.59
CA MET D 330 19.68 -13.58 -4.96
C MET D 330 19.33 -12.35 -5.79
N ILE D 331 18.79 -12.46 -7.01
CA ILE D 331 18.35 -11.25 -7.78
C ILE D 331 17.69 -10.23 -6.84
N GLY D 332 16.79 -10.71 -5.98
CA GLY D 332 16.21 -9.89 -4.91
C GLY D 332 17.27 -9.01 -4.23
N ARG D 333 18.19 -9.63 -3.51
CA ARG D 333 19.10 -8.93 -2.64
C ARG D 333 19.98 -8.01 -3.48
N CYS D 334 20.45 -8.50 -4.61
CA CYS D 334 21.21 -7.71 -5.60
C CYS D 334 20.44 -6.46 -6.12
N ASN D 335 19.12 -6.43 -6.09
CA ASN D 335 18.43 -5.26 -6.55
C ASN D 335 18.47 -4.21 -5.43
N ARG D 336 18.31 -4.69 -4.21
CA ARG D 336 18.28 -3.84 -3.05
C ARG D 336 19.67 -3.19 -2.89
N ALA D 337 20.72 -3.98 -3.10
CA ALA D 337 22.11 -3.51 -2.91
C ALA D 337 22.52 -2.59 -4.05
N GLY D 338 21.84 -2.68 -5.18
CA GLY D 338 22.13 -1.81 -6.32
C GLY D 338 23.18 -2.39 -7.27
N LYS D 339 23.69 -3.60 -6.99
CA LYS D 339 24.71 -4.34 -7.80
C LYS D 339 24.04 -5.06 -8.99
N PRO D 340 24.78 -5.36 -10.08
CA PRO D 340 24.15 -6.17 -11.17
C PRO D 340 24.19 -7.69 -10.92
N VAL D 341 23.13 -8.38 -11.34
CA VAL D 341 23.09 -9.80 -11.25
C VAL D 341 22.91 -10.37 -12.65
N ILE D 342 23.94 -11.01 -13.21
CA ILE D 342 23.83 -11.86 -14.42
C ILE D 342 23.02 -13.11 -14.05
N CYS D 343 22.37 -13.71 -15.02
CA CYS D 343 21.68 -14.95 -14.72
C CYS D 343 21.90 -15.93 -15.88
N ALA D 344 22.20 -17.17 -15.56
CA ALA D 344 22.92 -18.03 -16.48
C ALA D 344 22.21 -19.37 -16.69
N THR D 345 22.68 -20.14 -17.69
CA THR D 345 22.66 -21.64 -17.79
C THR D 345 21.27 -22.26 -18.08
N GLN D 346 21.25 -23.03 -19.16
CA GLN D 346 20.10 -23.87 -19.57
C GLN D 346 18.91 -23.01 -20.00
N MET D 347 19.19 -21.73 -20.26
CA MET D 347 18.18 -20.71 -20.50
C MET D 347 17.37 -21.05 -21.76
N LEU D 348 18.05 -21.42 -22.85
CA LEU D 348 17.40 -21.77 -24.15
C LEU D 348 17.98 -23.09 -24.68
N GLU D 349 18.30 -24.00 -23.74
CA GLU D 349 19.03 -25.28 -23.99
C GLU D 349 18.54 -26.03 -25.25
N SER D 350 17.24 -26.15 -25.50
CA SER D 350 16.75 -26.97 -26.64
C SER D 350 17.16 -26.39 -28.01
N MET D 351 17.64 -25.15 -28.02
CA MET D 351 18.01 -24.38 -29.23
C MET D 351 19.45 -24.68 -29.67
N ILE D 352 20.05 -25.73 -29.13
CA ILE D 352 21.22 -26.35 -29.73
C ILE D 352 20.76 -27.12 -30.96
N LYS D 353 19.66 -27.88 -30.81
CA LYS D 353 19.22 -28.84 -31.83
C LYS D 353 18.12 -28.25 -32.73
N LYS D 354 17.07 -27.61 -32.17
CA LYS D 354 15.91 -27.14 -32.97
C LYS D 354 15.84 -25.60 -33.00
N PRO D 355 15.47 -24.99 -34.16
CA PRO D 355 15.57 -23.52 -34.42
C PRO D 355 14.53 -22.63 -33.70
N ARG D 356 13.70 -23.24 -32.86
CA ARG D 356 12.67 -22.58 -32.03
C ARG D 356 12.77 -23.16 -30.61
N PRO D 357 12.52 -22.33 -29.58
CA PRO D 357 12.59 -22.93 -28.23
C PRO D 357 11.28 -23.63 -27.84
N THR D 358 11.32 -24.37 -26.73
CA THR D 358 10.10 -24.84 -26.05
C THR D 358 9.49 -23.70 -25.23
N ARG D 359 8.23 -23.86 -24.81
CA ARG D 359 7.53 -22.81 -24.07
C ARG D 359 8.27 -22.50 -22.76
N ALA D 360 8.69 -23.55 -22.06
CA ALA D 360 9.46 -23.48 -20.81
C ALA D 360 10.70 -22.57 -20.97
N GLU D 361 11.35 -22.67 -22.12
CA GLU D 361 12.55 -21.94 -22.38
C GLU D 361 12.20 -20.47 -22.58
N GLY D 362 11.12 -20.23 -23.33
CA GLY D 362 10.54 -18.89 -23.49
C GLY D 362 10.23 -18.26 -22.15
N SER D 363 9.34 -18.87 -21.37
CA SER D 363 8.97 -18.36 -20.03
C SER D 363 9.91 -18.89 -18.96
N ASP D 364 11.16 -18.43 -19.04
CA ASP D 364 12.20 -18.66 -18.04
C ASP D 364 13.14 -17.51 -18.26
N VAL D 365 13.32 -17.22 -19.55
CA VAL D 365 13.97 -16.01 -19.97
C VAL D 365 13.11 -14.81 -19.57
N ALA D 366 11.82 -14.83 -19.91
CA ALA D 366 10.91 -13.72 -19.60
C ALA D 366 10.81 -13.48 -18.09
N ASN D 367 11.06 -14.56 -17.34
CA ASN D 367 10.77 -14.62 -15.93
C ASN D 367 11.98 -14.17 -15.12
N ALA D 368 13.21 -14.39 -15.60
CA ALA D 368 14.41 -13.74 -15.05
C ALA D 368 14.27 -12.24 -15.29
N VAL D 369 14.00 -11.89 -16.54
CA VAL D 369 13.89 -10.50 -16.91
C VAL D 369 12.84 -9.81 -16.03
N LEU D 370 11.79 -10.50 -15.58
CA LEU D 370 10.75 -9.87 -14.76
C LEU D 370 11.20 -9.66 -13.32
N ASP D 371 11.84 -10.64 -12.68
CA ASP D 371 12.40 -10.46 -11.32
C ASP D 371 13.41 -9.28 -11.27
N GLY D 372 14.19 -9.15 -12.36
CA GLY D 372 15.15 -8.09 -12.47
C GLY D 372 16.54 -8.65 -12.44
N ALA D 373 16.70 -9.73 -13.19
CA ALA D 373 17.98 -10.11 -13.73
C ALA D 373 18.45 -8.95 -14.62
N ASP D 374 19.71 -8.57 -14.43
CA ASP D 374 20.39 -7.48 -15.12
C ASP D 374 20.91 -7.81 -16.52
N CYS D 375 21.41 -9.01 -16.75
CA CYS D 375 21.61 -9.50 -18.12
C CYS D 375 21.66 -11.02 -18.09
N ILE D 376 21.57 -11.68 -19.26
CA ILE D 376 21.34 -13.15 -19.24
C ILE D 376 22.30 -13.86 -20.19
N MET D 377 22.47 -15.15 -19.93
CA MET D 377 23.56 -15.90 -20.51
C MET D 377 23.07 -17.06 -21.40
N LEU D 378 23.70 -17.13 -22.56
CA LEU D 378 23.64 -18.25 -23.46
C LEU D 378 24.96 -19.01 -23.34
N SER D 379 24.90 -20.34 -23.21
CA SER D 379 26.12 -21.14 -23.10
C SER D 379 26.24 -22.09 -24.30
N GLY D 380 25.78 -23.34 -24.18
CA GLY D 380 25.74 -24.30 -25.30
C GLY D 380 25.16 -23.68 -26.58
N GLU D 381 24.09 -22.90 -26.43
CA GLU D 381 23.24 -22.42 -27.54
C GLU D 381 24.04 -21.58 -28.55
N THR D 382 25.19 -21.04 -28.12
CA THR D 382 25.95 -20.04 -28.90
C THR D 382 27.36 -20.56 -29.20
N ALA D 383 27.79 -21.55 -28.41
CA ALA D 383 29.16 -22.08 -28.38
C ALA D 383 29.28 -23.28 -29.32
N LYS D 384 28.18 -24.01 -29.46
CA LYS D 384 28.22 -25.42 -29.79
C LYS D 384 27.03 -25.78 -30.70
N GLY D 385 25.96 -24.99 -30.65
CA GLY D 385 24.70 -25.29 -31.36
C GLY D 385 24.75 -25.00 -32.86
N ASP D 386 23.70 -25.46 -33.54
CA ASP D 386 23.57 -25.29 -34.98
C ASP D 386 23.00 -23.92 -35.34
N TYR D 387 22.53 -23.19 -34.33
CA TYR D 387 21.68 -22.03 -34.57
C TYR D 387 22.12 -20.83 -33.72
N PRO D 388 23.41 -20.47 -33.68
CA PRO D 388 23.84 -19.40 -32.74
C PRO D 388 23.11 -18.04 -32.94
N LEU D 389 22.92 -17.64 -34.20
CA LEU D 389 22.28 -16.36 -34.48
C LEU D 389 20.83 -16.37 -33.98
N GLU D 390 20.14 -17.50 -34.12
CA GLU D 390 18.71 -17.55 -33.78
C GLU D 390 18.54 -17.40 -32.27
N ALA D 391 19.38 -18.14 -31.53
CA ALA D 391 19.34 -18.15 -30.08
C ALA D 391 19.58 -16.74 -29.55
N VAL D 392 20.39 -15.94 -30.26
CA VAL D 392 20.49 -14.54 -29.84
C VAL D 392 19.19 -13.84 -30.23
N ARG D 393 18.78 -13.95 -31.49
CA ARG D 393 17.64 -13.17 -31.94
C ARG D 393 16.42 -13.45 -31.04
N MET D 394 16.36 -14.67 -30.48
CA MET D 394 15.26 -15.11 -29.62
C MET D 394 15.35 -14.46 -28.23
N GLN D 395 16.55 -14.44 -27.63
CA GLN D 395 16.76 -13.73 -26.35
C GLN D 395 16.55 -12.22 -26.51
N HIS D 396 16.70 -11.68 -27.72
CA HIS D 396 16.44 -10.27 -27.96
C HIS D 396 14.95 -10.00 -27.81
N LEU D 397 14.13 -10.71 -28.61
CA LEU D 397 12.66 -10.48 -28.72
C LEU D 397 11.97 -10.72 -27.39
N ILE D 398 12.33 -11.84 -26.75
CA ILE D 398 11.72 -12.27 -25.47
C ILE D 398 11.88 -11.19 -24.41
N ALA D 399 13.13 -10.77 -24.13
CA ALA D 399 13.51 -9.79 -23.06
C ALA D 399 12.76 -8.48 -23.26
N ARG D 400 12.60 -8.15 -24.52
CA ARG D 400 12.07 -6.91 -24.93
C ARG D 400 10.59 -6.82 -24.54
N GLU D 401 9.81 -7.88 -24.80
CA GLU D 401 8.39 -7.86 -24.47
C GLU D 401 8.24 -7.87 -22.94
N ALA D 402 9.12 -8.63 -22.27
CA ALA D 402 9.01 -8.90 -20.85
C ALA D 402 9.27 -7.59 -20.10
N GLU D 403 10.18 -6.75 -20.60
CA GLU D 403 10.50 -5.44 -19.97
C GLU D 403 9.27 -4.52 -19.95
N ALA D 404 8.36 -4.73 -20.91
CA ALA D 404 7.12 -3.96 -21.03
C ALA D 404 5.99 -4.53 -20.15
N ALA D 405 6.29 -5.49 -19.28
CA ALA D 405 5.26 -6.14 -18.44
C ALA D 405 5.57 -5.90 -16.98
N ILE D 406 6.79 -5.47 -16.69
CA ILE D 406 7.25 -5.03 -15.36
C ILE D 406 6.26 -4.04 -14.74
N TYR D 407 5.97 -4.17 -13.46
CA TYR D 407 5.00 -3.27 -12.85
C TYR D 407 5.76 -2.24 -12.02
N HIS D 408 6.06 -1.16 -12.76
CA HIS D 408 6.96 -0.07 -12.39
C HIS D 408 6.40 0.71 -11.20
N LEU D 409 5.21 1.25 -11.40
CA LEU D 409 4.68 2.18 -10.46
C LEU D 409 4.08 1.38 -9.29
N GLN D 410 4.88 0.37 -8.85
CA GLN D 410 4.90 -0.24 -7.48
C GLN D 410 6.25 -0.85 -7.10
N LEU D 411 7.05 -1.17 -8.11
CA LEU D 411 8.49 -1.50 -7.95
C LEU D 411 9.30 -0.25 -7.56
N PHE D 412 9.18 0.80 -8.39
CA PHE D 412 9.88 2.07 -8.16
C PHE D 412 9.59 2.55 -6.73
N GLU D 413 8.32 2.61 -6.39
CA GLU D 413 7.86 3.12 -5.09
C GLU D 413 8.48 2.31 -3.94
N GLU D 414 8.80 1.03 -4.14
CA GLU D 414 9.38 0.19 -3.09
C GLU D 414 10.88 0.46 -2.98
N LEU D 415 11.52 0.66 -4.11
CA LEU D 415 12.95 0.90 -4.21
C LEU D 415 13.30 2.25 -3.56
N ARG D 416 12.40 3.21 -3.58
CA ARG D 416 12.56 4.43 -2.84
C ARG D 416 12.54 4.13 -1.34
N ARG D 417 11.40 3.70 -0.79
CA ARG D 417 11.29 3.38 0.64
C ARG D 417 12.55 2.67 1.17
N LEU D 418 13.20 1.83 0.36
CA LEU D 418 14.30 0.94 0.81
C LEU D 418 15.67 1.58 0.55
N ALA D 419 15.69 2.89 0.31
CA ALA D 419 16.93 3.61 0.02
C ALA D 419 17.23 4.59 1.16
N PRO D 420 18.53 4.65 1.56
CA PRO D 420 19.00 5.51 2.67
C PRO D 420 18.91 7.00 2.31
N ILE D 421 18.50 7.85 3.25
CA ILE D 421 18.56 9.32 3.07
C ILE D 421 20.01 9.79 3.32
N THR D 422 20.67 10.27 2.26
CA THR D 422 22.08 10.75 2.28
C THR D 422 22.14 12.17 1.72
N SER D 423 23.28 12.85 1.90
CA SER D 423 23.42 14.24 1.46
C SER D 423 24.08 14.35 0.08
N ASP D 424 24.59 13.21 -0.44
CA ASP D 424 25.25 13.11 -1.79
C ASP D 424 24.48 13.64 -3.03
N PRO D 425 24.80 14.85 -3.51
CA PRO D 425 24.21 15.38 -4.75
C PRO D 425 23.90 14.31 -5.82
N THR D 426 24.90 13.58 -6.31
CA THR D 426 24.73 12.60 -7.43
C THR D 426 23.51 11.67 -7.23
N GLU D 427 23.26 11.24 -5.99
CA GLU D 427 22.16 10.32 -5.63
C GLU D 427 20.80 11.02 -5.77
N ALA D 428 20.68 12.16 -5.11
CA ALA D 428 19.54 13.02 -5.22
C ALA D 428 19.22 13.36 -6.69
N THR D 429 20.22 13.52 -7.56
CA THR D 429 19.86 14.00 -8.88
C THR D 429 19.29 12.82 -9.66
N ALA D 430 19.85 11.65 -9.36
CA ALA D 430 19.54 10.44 -10.12
C ALA D 430 18.13 9.93 -9.78
N VAL D 431 17.76 9.97 -8.50
CA VAL D 431 16.38 9.71 -8.16
C VAL D 431 15.47 10.78 -8.79
N GLY D 432 15.67 12.05 -8.53
CA GLY D 432 14.87 13.03 -9.22
C GLY D 432 14.71 12.77 -10.72
N ALA D 433 15.81 12.51 -11.43
CA ALA D 433 15.81 12.25 -12.88
C ALA D 433 14.91 11.06 -13.23
N VAL D 434 14.80 10.07 -12.33
CA VAL D 434 13.97 8.91 -12.66
C VAL D 434 12.48 9.25 -12.50
N GLU D 435 12.16 9.79 -11.33
CA GLU D 435 10.85 10.30 -11.06
C GLU D 435 10.39 11.17 -12.22
N ALA D 436 11.12 12.19 -12.63
CA ALA D 436 10.68 13.04 -13.78
C ALA D 436 10.28 12.17 -14.97
N SER D 437 11.14 11.17 -15.28
CA SER D 437 11.05 10.36 -16.47
C SER D 437 9.69 9.66 -16.55
N PHE D 438 9.20 9.23 -15.39
CA PHE D 438 7.89 8.62 -15.25
C PHE D 438 6.82 9.58 -15.76
N LYS D 439 6.75 10.72 -15.08
CA LYS D 439 5.76 11.73 -15.24
C LYS D 439 5.69 12.27 -16.66
N CYS D 440 6.80 12.52 -17.33
CA CYS D 440 6.73 13.10 -18.71
C CYS D 440 6.76 12.00 -19.79
N CYS D 441 6.75 10.74 -19.36
CA CYS D 441 6.80 9.58 -20.28
C CYS D 441 8.07 9.66 -21.18
N SER D 442 9.18 10.15 -20.62
CA SER D 442 10.36 10.54 -21.43
C SER D 442 11.03 9.35 -22.12
N GLY D 443 11.41 9.59 -23.38
CA GLY D 443 11.87 8.58 -24.30
C GLY D 443 13.27 8.12 -23.99
N ALA D 444 14.05 8.93 -23.24
CA ALA D 444 15.41 8.53 -22.76
C ALA D 444 15.93 9.45 -21.63
N ILE D 445 17.04 9.04 -21.06
CA ILE D 445 17.79 9.79 -20.05
C ILE D 445 19.28 9.82 -20.46
N ILE D 446 19.68 10.87 -21.13
CA ILE D 446 21.08 11.01 -21.46
C ILE D 446 21.86 11.26 -20.17
N VAL D 447 22.97 10.60 -19.91
CA VAL D 447 23.72 10.93 -18.73
C VAL D 447 25.17 11.08 -19.15
N LEU D 448 25.85 12.19 -18.88
CA LEU D 448 27.30 12.20 -19.26
C LEU D 448 28.07 11.56 -18.13
N THR D 449 28.79 10.51 -18.48
CA THR D 449 29.52 9.77 -17.43
C THR D 449 31.04 9.99 -17.58
N LYS D 450 31.80 9.25 -16.82
CA LYS D 450 33.21 9.22 -17.04
C LYS D 450 33.71 7.88 -16.49
N SER D 451 33.45 7.61 -15.21
CA SER D 451 33.74 6.30 -14.61
C SER D 451 32.56 5.37 -14.89
N GLY D 452 31.38 5.94 -15.03
CA GLY D 452 30.19 5.18 -15.21
C GLY D 452 29.26 5.37 -14.03
N ARG D 453 29.74 5.91 -12.91
CA ARG D 453 28.98 5.82 -11.67
C ARG D 453 27.64 6.57 -11.78
N SER D 454 27.65 7.72 -12.44
CA SER D 454 26.46 8.55 -12.67
C SER D 454 25.32 7.78 -13.33
N ALA D 455 25.63 7.09 -14.43
CA ALA D 455 24.73 6.10 -15.05
C ALA D 455 24.34 5.12 -13.96
N HIS D 456 25.30 4.44 -13.32
CA HIS D 456 24.97 3.27 -12.47
C HIS D 456 23.87 3.62 -11.46
N GLN D 457 23.89 4.82 -10.88
CA GLN D 457 22.82 5.28 -9.92
C GLN D 457 21.42 5.35 -10.54
N VAL D 458 21.34 5.75 -11.77
CA VAL D 458 20.06 5.89 -12.41
C VAL D 458 19.50 4.48 -12.64
N ALA D 459 20.31 3.57 -13.11
CA ALA D 459 19.87 2.26 -13.36
C ALA D 459 19.48 1.60 -12.04
N ARG D 460 20.02 2.00 -10.89
CA ARG D 460 19.59 1.42 -9.58
C ARG D 460 18.08 1.59 -9.32
N TYR D 461 17.29 2.21 -10.22
CA TYR D 461 15.86 2.55 -9.96
C TYR D 461 14.92 1.87 -10.98
N ARG D 462 15.56 1.26 -11.96
CA ARG D 462 14.87 0.59 -13.03
C ARG D 462 13.86 1.53 -13.72
N PRO D 463 14.30 2.72 -14.23
CA PRO D 463 13.54 3.64 -15.11
C PRO D 463 12.95 2.92 -16.33
N ARG D 464 11.76 3.28 -16.80
CA ARG D 464 11.21 2.56 -17.95
C ARG D 464 11.96 2.97 -19.22
N ALA D 465 12.40 4.23 -19.27
CA ALA D 465 13.13 4.75 -20.42
C ALA D 465 14.51 4.06 -20.48
N PRO D 466 15.09 3.90 -21.67
CA PRO D 466 16.50 3.54 -21.83
C PRO D 466 17.41 4.65 -21.28
N ILE D 467 18.64 4.34 -20.87
CA ILE D 467 19.62 5.32 -20.31
C ILE D 467 20.82 5.44 -21.26
N ILE D 468 20.78 6.32 -22.26
CA ILE D 468 21.99 6.54 -23.05
C ILE D 468 23.09 7.11 -22.15
N ALA D 469 24.24 6.46 -22.04
CA ALA D 469 25.36 7.09 -21.30
C ALA D 469 26.47 7.46 -22.29
N VAL D 470 27.09 8.60 -22.07
CA VAL D 470 27.95 9.11 -23.10
C VAL D 470 29.32 9.36 -22.51
N THR D 471 30.24 8.50 -22.90
CA THR D 471 31.52 8.48 -22.26
C THR D 471 32.60 8.62 -23.33
N ARG D 472 33.78 9.05 -22.88
CA ARG D 472 34.97 9.05 -23.70
C ARG D 472 35.83 7.84 -23.37
N ASN D 473 35.83 7.45 -22.08
CA ASN D 473 36.58 6.31 -21.57
C ASN D 473 36.08 5.03 -22.28
N PRO D 474 36.89 4.48 -23.22
CA PRO D 474 36.37 3.36 -24.04
C PRO D 474 36.02 2.14 -23.16
N GLN D 475 36.71 1.96 -22.04
CA GLN D 475 36.51 0.85 -21.13
C GLN D 475 35.19 0.99 -20.34
N THR D 476 34.92 2.18 -19.80
CA THR D 476 33.67 2.45 -19.06
C THR D 476 32.47 2.00 -19.93
N ALA D 477 32.54 2.37 -21.20
CA ALA D 477 31.55 1.96 -22.16
C ALA D 477 31.38 0.42 -22.13
N ARG D 478 32.43 -0.36 -22.04
CA ARG D 478 32.27 -1.81 -22.18
C ARG D 478 31.61 -2.40 -20.93
N GLN D 479 32.00 -1.97 -19.74
CA GLN D 479 31.45 -2.57 -18.51
C GLN D 479 30.06 -2.00 -18.16
N ALA D 480 29.51 -1.10 -18.98
CA ALA D 480 28.17 -0.57 -18.74
C ALA D 480 27.13 -1.66 -19.04
N HIS D 481 27.55 -2.69 -19.76
CA HIS D 481 26.63 -3.60 -20.30
C HIS D 481 26.04 -4.42 -19.17
N LEU D 482 26.77 -4.54 -18.07
CA LEU D 482 26.26 -5.18 -16.84
C LEU D 482 24.97 -4.53 -16.29
N TYR D 483 24.91 -3.20 -16.11
CA TYR D 483 23.81 -2.60 -15.35
C TYR D 483 22.55 -2.61 -16.19
N ARG D 484 21.39 -2.94 -15.63
CA ARG D 484 20.27 -3.07 -16.55
C ARG D 484 19.74 -1.69 -16.91
N GLY D 485 19.54 -1.41 -18.20
CA GLY D 485 18.93 -0.13 -18.62
C GLY D 485 19.87 0.61 -19.52
N ILE D 486 21.11 0.78 -19.01
CA ILE D 486 22.23 1.53 -19.63
C ILE D 486 22.53 0.92 -20.99
N PHE D 487 22.57 1.82 -21.98
CA PHE D 487 22.85 1.58 -23.38
C PHE D 487 24.01 2.54 -23.74
N PRO D 488 25.29 2.13 -23.51
CA PRO D 488 26.45 3.07 -23.55
C PRO D 488 26.74 3.52 -24.99
N VAL D 489 27.28 4.74 -25.16
CA VAL D 489 27.79 5.15 -26.52
C VAL D 489 29.14 5.85 -26.35
N LEU D 490 30.08 5.52 -27.24
CA LEU D 490 31.43 5.99 -27.10
C LEU D 490 31.68 7.18 -28.04
N CYS D 491 32.10 8.30 -27.46
CA CYS D 491 32.35 9.53 -28.20
C CYS D 491 33.83 9.59 -28.58
N LYS D 492 34.08 9.80 -29.87
CA LYS D 492 35.42 9.89 -30.43
C LYS D 492 35.76 11.35 -30.74
N ASP D 493 34.75 12.18 -31.05
CA ASP D 493 34.87 13.65 -31.28
C ASP D 493 35.84 14.30 -30.27
N PRO D 494 36.93 14.94 -30.76
CA PRO D 494 38.05 15.44 -29.92
C PRO D 494 37.59 16.59 -29.00
N VAL D 495 38.28 16.77 -27.87
CA VAL D 495 37.81 17.69 -26.79
C VAL D 495 37.87 19.15 -27.27
N GLN D 496 36.72 19.83 -27.22
CA GLN D 496 36.57 21.26 -27.54
C GLN D 496 37.38 22.11 -26.52
N GLU D 497 37.53 23.40 -26.80
CA GLU D 497 38.26 24.28 -25.88
C GLU D 497 37.38 24.64 -24.68
N ALA D 498 36.29 25.36 -24.94
CA ALA D 498 35.38 25.83 -23.88
C ALA D 498 34.57 24.64 -23.36
N TRP D 499 34.72 24.37 -22.05
CA TRP D 499 34.22 23.14 -21.44
C TRP D 499 32.70 23.03 -21.51
N ALA D 500 31.98 24.15 -21.41
CA ALA D 500 30.53 24.11 -21.56
C ALA D 500 30.16 23.58 -22.94
N GLU D 501 30.95 23.93 -23.97
CA GLU D 501 30.64 23.57 -25.36
C GLU D 501 31.01 22.12 -25.64
N ASP D 502 31.94 21.59 -24.84
CA ASP D 502 32.27 20.18 -24.89
C ASP D 502 31.14 19.33 -24.32
N VAL D 503 30.43 19.84 -23.31
CA VAL D 503 29.21 19.15 -22.78
C VAL D 503 28.07 19.16 -23.84
N ASP D 504 27.93 20.27 -24.53
CA ASP D 504 26.86 20.43 -25.51
C ASP D 504 27.11 19.61 -26.73
N LEU D 505 28.37 19.29 -26.99
CA LEU D 505 28.70 18.43 -28.11
C LEU D 505 28.26 17.00 -27.79
N ARG D 506 28.63 16.53 -26.59
CA ARG D 506 28.31 15.17 -26.10
C ARG D 506 26.79 14.91 -25.99
N VAL D 507 26.04 15.84 -25.39
CA VAL D 507 24.61 15.67 -25.38
C VAL D 507 24.13 15.43 -26.81
N ASN D 508 24.43 16.35 -27.74
CA ASN D 508 23.90 16.28 -29.13
C ASN D 508 24.24 14.98 -29.84
N PHE D 509 25.38 14.39 -29.51
CA PHE D 509 25.69 13.06 -29.95
C PHE D 509 24.58 12.09 -29.50
N ALA D 510 24.31 12.07 -28.20
CA ALA D 510 23.30 11.19 -27.58
C ALA D 510 21.88 11.38 -28.15
N MET D 511 21.59 12.51 -28.79
CA MET D 511 20.31 12.69 -29.45
C MET D 511 20.37 12.01 -30.82
N ASN D 512 21.44 12.30 -31.57
CA ASN D 512 21.61 11.72 -32.89
C ASN D 512 21.74 10.20 -32.82
N VAL D 513 22.20 9.69 -31.68
CA VAL D 513 22.27 8.25 -31.52
C VAL D 513 20.87 7.70 -31.19
N GLY D 514 20.14 8.36 -30.29
CA GLY D 514 18.78 7.89 -29.90
C GLY D 514 17.82 7.83 -31.07
N LYS D 515 17.91 8.84 -31.94
CA LYS D 515 17.06 9.04 -33.11
C LYS D 515 17.33 7.97 -34.18
N ALA D 516 18.59 7.79 -34.56
CA ALA D 516 18.99 6.80 -35.59
C ALA D 516 18.77 5.37 -35.10
N ARG D 517 18.44 5.21 -33.82
CA ARG D 517 18.13 3.92 -33.24
C ARG D 517 16.61 3.76 -33.16
N GLY D 518 15.94 4.83 -32.73
CA GLY D 518 14.49 4.88 -32.71
C GLY D 518 13.94 5.04 -31.32
N PHE D 519 14.75 5.53 -30.37
CA PHE D 519 14.28 5.60 -29.00
C PHE D 519 13.44 6.86 -28.81
N PHE D 520 13.44 7.73 -29.81
CA PHE D 520 12.63 8.94 -29.80
C PHE D 520 12.72 9.60 -31.19
N LYS D 521 11.83 10.55 -31.44
CA LYS D 521 11.78 11.33 -32.67
C LYS D 521 12.06 12.79 -32.33
N LYS D 522 11.90 13.66 -33.31
CA LYS D 522 11.92 15.10 -33.09
C LYS D 522 10.70 15.45 -32.21
N GLY D 523 10.85 16.48 -31.37
CA GLY D 523 9.71 17.03 -30.63
C GLY D 523 9.20 16.10 -29.54
N ASP D 524 9.94 15.00 -29.30
CA ASP D 524 9.76 14.17 -28.11
C ASP D 524 10.38 14.88 -26.92
N VAL D 525 10.62 14.15 -25.83
CA VAL D 525 11.03 14.78 -24.56
C VAL D 525 12.05 13.87 -23.85
N VAL D 526 13.24 14.42 -23.52
CA VAL D 526 14.34 13.65 -22.87
C VAL D 526 14.84 14.36 -21.61
N ILE D 527 15.27 13.58 -20.64
CA ILE D 527 15.86 14.10 -19.42
C ILE D 527 17.38 14.06 -19.63
N VAL D 528 18.16 15.06 -19.21
CA VAL D 528 19.62 15.01 -19.47
C VAL D 528 20.38 15.28 -18.19
N LEU D 529 21.03 14.32 -17.60
CA LEU D 529 21.83 14.62 -16.43
C LEU D 529 23.23 15.17 -16.81
N THR D 530 23.79 16.08 -16.01
CA THR D 530 25.10 16.70 -16.27
C THR D 530 25.76 17.16 -14.97
N GLY D 531 27.06 17.42 -15.00
CA GLY D 531 27.77 18.02 -13.83
C GLY D 531 27.83 19.53 -13.88
N TRP D 532 28.57 20.15 -12.97
CA TRP D 532 28.62 21.62 -12.86
C TRP D 532 30.04 22.11 -13.15
N ARG D 533 31.02 21.36 -12.64
CA ARG D 533 32.42 21.47 -13.04
C ARG D 533 32.73 20.23 -13.87
N PRO D 534 33.96 20.12 -14.46
CA PRO D 534 34.45 18.85 -15.09
C PRO D 534 35.09 17.97 -14.01
N GLY D 535 35.31 16.69 -14.30
CA GLY D 535 35.87 15.82 -13.26
C GLY D 535 35.07 14.55 -13.11
N SER D 536 35.15 13.91 -11.95
CA SER D 536 34.21 12.83 -11.65
C SER D 536 33.52 13.10 -10.33
N GLY D 537 32.21 12.94 -10.34
CA GLY D 537 31.48 12.96 -9.09
C GLY D 537 30.87 14.31 -8.82
N PHE D 538 30.59 15.10 -9.85
CA PHE D 538 29.91 16.35 -9.64
C PHE D 538 28.64 16.44 -10.49
N THR D 539 27.94 15.34 -10.77
CA THR D 539 26.62 15.38 -11.41
C THR D 539 25.59 15.96 -10.43
N ASN D 540 24.92 17.03 -10.79
CA ASN D 540 23.97 17.64 -9.86
C ASN D 540 22.78 18.22 -10.65
N THR D 541 22.98 18.46 -11.93
CA THR D 541 22.01 19.13 -12.77
C THR D 541 21.16 18.09 -13.50
N MET D 542 19.84 18.19 -13.42
CA MET D 542 18.93 17.44 -14.24
C MET D 542 18.07 18.38 -15.10
N ARG D 543 18.33 18.62 -16.41
CA ARG D 543 17.43 19.46 -17.37
C ARG D 543 16.42 18.58 -18.14
N VAL D 544 15.34 19.13 -18.67
CA VAL D 544 14.31 18.30 -19.33
C VAL D 544 14.04 18.93 -20.70
N VAL D 545 14.60 18.35 -21.75
CA VAL D 545 14.68 19.11 -22.98
C VAL D 545 13.84 18.42 -24.06
N PRO D 546 13.37 19.20 -25.07
CA PRO D 546 12.72 18.64 -26.26
C PRO D 546 13.77 18.26 -27.30
N VAL D 547 13.59 17.11 -27.96
CA VAL D 547 14.61 16.56 -28.89
C VAL D 547 14.66 17.39 -30.18
N PRO D 548 15.84 17.95 -30.49
CA PRO D 548 16.06 18.79 -31.65
C PRO D 548 16.11 17.96 -32.94
#